data_1WF9
#
_entry.id   1WF9
#
_entity_poly.entity_id   1
_entity_poly.type   'polypeptide(L)'
_entity_poly.pdbx_seq_one_letter_code
;GSSGSSGTMLRVRSRDGLERVSVDGPHITVSQLKTLIQDQLQIPIHNQTLSTNRNLLLAKSPSDFLAFTDMADPNLRISS
LNLAHGSMVYLAYEGERTIRGSGPSSG
;
_entity_poly.pdbx_strand_id   A
#
# COMPACT_ATOMS: atom_id res chain seq x y z
N GLY A 1 -17.30 9.28 8.43
CA GLY A 1 -18.43 8.75 9.17
C GLY A 1 -19.63 8.54 8.25
N SER A 2 -19.75 7.32 7.76
CA SER A 2 -20.84 6.97 6.87
C SER A 2 -21.61 5.77 7.41
N SER A 3 -22.92 5.80 7.21
CA SER A 3 -23.78 4.73 7.68
C SER A 3 -24.26 3.89 6.49
N GLY A 4 -24.22 2.57 6.68
CA GLY A 4 -24.65 1.66 5.64
C GLY A 4 -23.45 1.04 4.93
N SER A 5 -22.76 1.86 4.16
CA SER A 5 -21.60 1.39 3.42
C SER A 5 -20.51 0.96 4.40
N SER A 6 -19.93 -0.19 4.11
CA SER A 6 -18.87 -0.74 4.95
C SER A 6 -17.52 -0.57 4.26
N GLY A 7 -16.62 0.11 4.94
CA GLY A 7 -15.28 0.34 4.42
C GLY A 7 -14.38 -0.87 4.63
N THR A 8 -13.29 -0.91 3.89
CA THR A 8 -12.34 -2.00 3.99
C THR A 8 -10.99 -1.49 4.52
N MET A 9 -10.45 -2.24 5.47
CA MET A 9 -9.18 -1.88 6.06
C MET A 9 -8.19 -3.05 6.01
N LEU A 10 -6.95 -2.73 5.69
CA LEU A 10 -5.91 -3.75 5.60
C LEU A 10 -4.76 -3.36 6.54
N ARG A 11 -4.01 -4.38 6.93
CA ARG A 11 -2.89 -4.18 7.83
C ARG A 11 -1.57 -4.33 7.06
N VAL A 12 -0.92 -3.20 6.83
CA VAL A 12 0.35 -3.20 6.11
C VAL A 12 1.49 -3.17 7.11
N ARG A 13 2.60 -3.80 6.73
CA ARG A 13 3.76 -3.85 7.58
C ARG A 13 4.96 -3.16 6.90
N SER A 14 5.51 -2.18 7.60
CA SER A 14 6.64 -1.45 7.08
C SER A 14 7.83 -1.56 8.03
N ARG A 15 8.96 -1.03 7.60
CA ARG A 15 10.16 -1.06 8.39
C ARG A 15 10.04 -0.10 9.59
N ASP A 16 9.23 0.92 9.40
CA ASP A 16 9.01 1.90 10.45
C ASP A 16 8.04 1.33 11.49
N GLY A 17 7.16 0.46 11.01
CA GLY A 17 6.18 -0.16 11.89
C GLY A 17 4.95 -0.61 11.08
N LEU A 18 4.11 -1.39 11.75
CA LEU A 18 2.90 -1.90 11.13
C LEU A 18 1.90 -0.75 10.95
N GLU A 19 1.47 -0.58 9.71
CA GLU A 19 0.51 0.48 9.41
C GLU A 19 -0.75 -0.12 8.77
N ARG A 20 -1.78 0.71 8.68
CA ARG A 20 -3.04 0.28 8.10
C ARG A 20 -3.53 1.30 7.07
N VAL A 21 -4.21 0.79 6.06
CA VAL A 21 -4.74 1.64 5.01
C VAL A 21 -6.18 1.23 4.69
N SER A 22 -6.96 2.21 4.28
CA SER A 22 -8.35 1.96 3.94
C SER A 22 -8.50 1.76 2.43
N VAL A 23 -9.24 0.71 2.07
CA VAL A 23 -9.46 0.39 0.67
C VAL A 23 -10.96 0.27 0.42
N ASP A 24 -11.29 -0.18 -0.79
CA ASP A 24 -12.68 -0.36 -1.17
C ASP A 24 -13.00 -1.85 -1.26
N GLY A 25 -12.16 -2.56 -1.99
CA GLY A 25 -12.34 -3.99 -2.17
C GLY A 25 -11.38 -4.54 -3.22
N PRO A 26 -11.72 -5.75 -3.73
CA PRO A 26 -10.91 -6.39 -4.76
C PRO A 26 -11.10 -5.73 -6.12
N HIS A 27 -12.26 -5.08 -6.27
CA HIS A 27 -12.58 -4.41 -7.51
C HIS A 27 -11.49 -3.37 -7.83
N ILE A 28 -10.73 -3.04 -6.79
CA ILE A 28 -9.66 -2.06 -6.94
C ILE A 28 -8.39 -2.78 -7.39
N THR A 29 -7.55 -2.06 -8.11
CA THR A 29 -6.29 -2.60 -8.59
C THR A 29 -5.12 -2.00 -7.83
N VAL A 30 -3.96 -2.63 -8.00
CA VAL A 30 -2.76 -2.16 -7.33
C VAL A 30 -2.61 -0.66 -7.55
N SER A 31 -2.98 -0.22 -8.74
CA SER A 31 -2.89 1.19 -9.08
C SER A 31 -3.69 2.02 -8.06
N GLN A 32 -4.88 1.54 -7.76
CA GLN A 32 -5.75 2.22 -6.81
C GLN A 32 -5.22 2.05 -5.39
N LEU A 33 -4.61 0.90 -5.15
CA LEU A 33 -4.05 0.59 -3.84
C LEU A 33 -2.93 1.58 -3.53
N LYS A 34 -1.84 1.44 -4.26
CA LYS A 34 -0.69 2.32 -4.08
C LYS A 34 -1.17 3.75 -3.89
N THR A 35 -2.09 4.15 -4.75
CA THR A 35 -2.64 5.50 -4.69
C THR A 35 -3.18 5.78 -3.29
N LEU A 36 -3.91 4.81 -2.76
CA LEU A 36 -4.49 4.94 -1.44
C LEU A 36 -3.37 5.18 -0.42
N ILE A 37 -2.39 4.30 -0.44
CA ILE A 37 -1.27 4.40 0.46
C ILE A 37 -0.44 5.64 0.12
N GLN A 38 -0.59 6.08 -1.12
CA GLN A 38 0.13 7.25 -1.59
C GLN A 38 -0.55 8.53 -1.08
N ASP A 39 -1.84 8.42 -0.85
CA ASP A 39 -2.61 9.56 -0.37
C ASP A 39 -2.72 9.47 1.16
N GLN A 40 -2.40 8.30 1.67
CA GLN A 40 -2.46 8.08 3.11
C GLN A 40 -1.05 8.11 3.71
N LEU A 41 -0.22 7.19 3.24
CA LEU A 41 1.15 7.11 3.72
C LEU A 41 1.98 8.21 3.06
N GLN A 42 1.36 8.90 2.13
CA GLN A 42 2.03 9.99 1.42
C GLN A 42 3.30 9.46 0.74
N ILE A 43 3.24 8.20 0.33
CA ILE A 43 4.36 7.57 -0.33
C ILE A 43 4.10 7.51 -1.84
N PRO A 44 5.19 7.71 -2.62
CA PRO A 44 5.08 7.67 -4.07
C PRO A 44 4.93 6.24 -4.58
N ILE A 45 4.14 6.09 -5.64
CA ILE A 45 3.91 4.78 -6.22
C ILE A 45 5.21 4.27 -6.85
N HIS A 46 6.01 5.22 -7.31
CA HIS A 46 7.28 4.87 -7.94
C HIS A 46 8.24 4.35 -6.88
N ASN A 47 7.81 4.43 -5.63
CA ASN A 47 8.63 3.97 -4.52
C ASN A 47 7.91 2.83 -3.80
N GLN A 48 6.61 3.01 -3.65
CA GLN A 48 5.79 2.00 -2.98
C GLN A 48 6.12 0.61 -3.51
N THR A 49 6.26 -0.33 -2.58
CA THR A 49 6.58 -1.70 -2.94
C THR A 49 5.69 -2.68 -2.17
N LEU A 50 4.68 -3.18 -2.85
CA LEU A 50 3.76 -4.12 -2.24
C LEU A 50 4.33 -5.53 -2.35
N SER A 51 4.12 -6.32 -1.30
CA SER A 51 4.60 -7.68 -1.27
C SER A 51 3.89 -8.47 -0.16
N THR A 52 3.48 -9.67 -0.51
CA THR A 52 2.78 -10.53 0.44
C THR A 52 3.79 -11.42 1.18
N ASN A 53 4.98 -10.88 1.37
CA ASN A 53 6.03 -11.61 2.06
C ASN A 53 6.79 -10.64 2.98
N ARG A 54 7.08 -11.13 4.18
CA ARG A 54 7.80 -10.33 5.16
C ARG A 54 9.26 -10.16 4.73
N ASN A 55 9.64 -10.92 3.73
CA ASN A 55 11.01 -10.87 3.22
C ASN A 55 11.26 -9.50 2.59
N LEU A 56 10.17 -8.77 2.39
CA LEU A 56 10.26 -7.44 1.81
C LEU A 56 10.97 -6.50 2.79
N LEU A 57 10.76 -6.77 4.08
CA LEU A 57 11.37 -5.96 5.11
C LEU A 57 12.87 -6.26 5.17
N LEU A 58 13.28 -7.24 4.38
CA LEU A 58 14.68 -7.62 4.34
C LEU A 58 15.38 -6.83 3.23
N ALA A 59 14.70 -6.72 2.10
CA ALA A 59 15.25 -6.00 0.97
C ALA A 59 15.69 -4.59 1.42
N LYS A 60 16.96 -4.32 1.22
CA LYS A 60 17.52 -3.04 1.60
C LYS A 60 17.87 -2.25 0.34
N SER A 61 18.19 -2.98 -0.71
CA SER A 61 18.55 -2.36 -1.98
C SER A 61 17.32 -2.31 -2.90
N PRO A 62 17.52 -1.67 -4.08
CA PRO A 62 16.45 -1.54 -5.05
C PRO A 62 16.22 -2.87 -5.78
N SER A 63 17.32 -3.47 -6.21
CA SER A 63 17.26 -4.73 -6.92
C SER A 63 16.53 -5.77 -6.08
N ASP A 64 16.81 -5.73 -4.77
CA ASP A 64 16.19 -6.67 -3.85
C ASP A 64 14.67 -6.57 -3.98
N PHE A 65 14.18 -5.34 -3.95
CA PHE A 65 12.75 -5.10 -4.06
C PHE A 65 12.21 -5.61 -5.41
N LEU A 66 13.09 -5.60 -6.40
CA LEU A 66 12.71 -6.06 -7.73
C LEU A 66 12.43 -7.56 -7.69
N ALA A 67 12.79 -8.17 -6.57
CA ALA A 67 12.58 -9.59 -6.39
C ALA A 67 11.09 -9.86 -6.20
N PHE A 68 10.41 -8.89 -5.62
CA PHE A 68 8.98 -9.01 -5.37
C PHE A 68 8.18 -8.34 -6.48
N THR A 69 7.68 -9.17 -7.39
CA THR A 69 6.90 -8.67 -8.51
C THR A 69 5.54 -9.37 -8.55
N ASP A 70 4.84 -9.30 -7.43
CA ASP A 70 3.53 -9.91 -7.32
C ASP A 70 2.45 -8.83 -7.41
N MET A 71 2.78 -7.67 -6.85
CA MET A 71 1.85 -6.55 -6.87
C MET A 71 2.50 -5.32 -7.50
N ALA A 72 3.15 -5.55 -8.64
CA ALA A 72 3.82 -4.47 -9.35
C ALA A 72 2.87 -3.93 -10.43
N ASP A 73 2.14 -4.86 -11.04
CA ASP A 73 1.20 -4.49 -12.09
C ASP A 73 0.09 -3.62 -11.50
N PRO A 74 -0.07 -2.41 -12.11
CA PRO A 74 -1.09 -1.48 -11.65
C PRO A 74 -2.48 -1.93 -12.10
N ASN A 75 -2.50 -2.85 -13.06
CA ASN A 75 -3.75 -3.36 -13.58
C ASN A 75 -4.13 -4.63 -12.80
N LEU A 76 -3.20 -5.07 -11.96
CA LEU A 76 -3.43 -6.27 -11.16
C LEU A 76 -4.39 -5.94 -10.03
N ARG A 77 -5.24 -6.90 -9.71
CA ARG A 77 -6.21 -6.73 -8.63
C ARG A 77 -5.74 -7.45 -7.38
N ILE A 78 -6.10 -6.87 -6.23
CA ILE A 78 -5.71 -7.44 -4.95
C ILE A 78 -6.31 -8.85 -4.83
N SER A 79 -7.38 -9.07 -5.57
CA SER A 79 -8.05 -10.36 -5.55
C SER A 79 -7.06 -11.47 -5.90
N SER A 80 -5.97 -11.07 -6.55
CA SER A 80 -4.94 -12.02 -6.93
C SER A 80 -4.39 -12.72 -5.70
N LEU A 81 -4.32 -11.98 -4.60
CA LEU A 81 -3.82 -12.52 -3.35
C LEU A 81 -4.99 -12.78 -2.40
N ASN A 82 -6.12 -12.15 -2.72
CA ASN A 82 -7.31 -12.31 -1.90
C ASN A 82 -7.09 -11.63 -0.55
N LEU A 83 -7.14 -10.31 -0.56
CA LEU A 83 -6.94 -9.54 0.65
C LEU A 83 -8.31 -9.11 1.20
N ALA A 84 -8.60 -9.58 2.40
CA ALA A 84 -9.86 -9.26 3.05
C ALA A 84 -9.59 -8.34 4.25
N HIS A 85 -10.68 -7.82 4.81
CA HIS A 85 -10.58 -6.94 5.95
C HIS A 85 -9.91 -7.67 7.12
N GLY A 86 -8.59 -7.67 7.10
CA GLY A 86 -7.82 -8.33 8.14
C GLY A 86 -6.48 -8.83 7.61
N SER A 87 -6.50 -9.26 6.36
CA SER A 87 -5.30 -9.77 5.71
C SER A 87 -4.10 -8.88 6.08
N MET A 88 -2.91 -9.43 5.85
CA MET A 88 -1.69 -8.70 6.16
C MET A 88 -0.88 -8.46 4.89
N VAL A 89 -0.11 -7.36 4.91
CA VAL A 89 0.71 -7.00 3.77
C VAL A 89 1.96 -6.27 4.27
N TYR A 90 2.94 -6.17 3.38
CA TYR A 90 4.19 -5.51 3.72
C TYR A 90 4.51 -4.41 2.70
N LEU A 91 4.70 -3.21 3.21
CA LEU A 91 5.01 -2.07 2.36
C LEU A 91 6.53 -1.83 2.38
N ALA A 92 7.00 -1.21 1.31
CA ALA A 92 8.42 -0.92 1.19
C ALA A 92 8.62 0.24 0.21
N TYR A 93 9.21 1.31 0.71
CA TYR A 93 9.46 2.49 -0.11
C TYR A 93 10.90 2.98 0.08
N GLU A 94 11.37 3.70 -0.94
CA GLU A 94 12.72 4.24 -0.91
C GLU A 94 12.70 5.70 -0.46
N GLY A 95 13.76 6.09 0.24
CA GLY A 95 13.87 7.45 0.72
C GLY A 95 12.89 7.70 1.87
N GLU A 96 12.00 8.67 1.64
CA GLU A 96 11.01 9.01 2.65
C GLU A 96 9.66 9.33 1.97
N ARG A 97 8.72 9.75 2.80
CA ARG A 97 7.39 10.08 2.30
C ARG A 97 7.37 11.52 1.79
N THR A 98 6.16 12.04 1.63
CA THR A 98 5.99 13.40 1.15
C THR A 98 5.17 14.23 2.15
N ILE A 99 4.70 15.37 1.69
CA ILE A 99 3.91 16.25 2.53
C ILE A 99 2.44 16.13 2.15
N ARG A 100 1.60 16.02 3.17
CA ARG A 100 0.17 15.89 2.96
C ARG A 100 -0.47 17.28 2.77
N GLY A 101 -1.74 17.27 2.44
CA GLY A 101 -2.47 18.51 2.23
C GLY A 101 -3.84 18.24 1.60
N SER A 102 -4.84 18.98 2.08
CA SER A 102 -6.19 18.83 1.58
C SER A 102 -7.07 19.97 2.11
N GLY A 103 -7.88 20.50 1.22
CA GLY A 103 -8.77 21.59 1.57
C GLY A 103 -10.14 21.43 0.91
N PRO A 104 -11.09 20.82 1.68
CA PRO A 104 -12.43 20.60 1.17
C PRO A 104 -13.24 21.91 1.14
N SER A 105 -13.73 22.22 -0.03
CA SER A 105 -14.51 23.44 -0.22
C SER A 105 -15.70 23.16 -1.14
N SER A 106 -16.86 23.66 -0.73
CA SER A 106 -18.07 23.47 -1.50
C SER A 106 -18.29 24.67 -2.42
N GLY A 107 -18.18 24.41 -3.72
CA GLY A 107 -18.36 25.46 -4.71
C GLY A 107 -19.65 25.26 -5.49
N GLY A 1 -5.18 16.40 12.30
CA GLY A 1 -5.24 15.10 11.66
C GLY A 1 -6.61 14.85 11.03
N SER A 2 -7.59 14.66 11.89
CA SER A 2 -8.96 14.41 11.43
C SER A 2 -8.94 13.40 10.27
N SER A 3 -8.83 12.13 10.66
CA SER A 3 -8.80 11.06 9.67
C SER A 3 -9.68 9.90 10.13
N GLY A 4 -10.34 9.28 9.17
CA GLY A 4 -11.21 8.15 9.47
C GLY A 4 -11.21 7.14 8.33
N SER A 5 -11.44 5.88 8.69
CA SER A 5 -11.46 4.82 7.71
C SER A 5 -12.89 4.29 7.54
N SER A 6 -13.30 4.17 6.28
CA SER A 6 -14.63 3.69 5.98
C SER A 6 -14.57 2.68 4.83
N GLY A 7 -15.18 1.53 5.04
CA GLY A 7 -15.20 0.48 4.03
C GLY A 7 -14.27 -0.67 4.44
N THR A 8 -13.44 -1.07 3.48
CA THR A 8 -12.50 -2.16 3.71
C THR A 8 -11.15 -1.61 4.18
N MET A 9 -10.60 -2.28 5.17
CA MET A 9 -9.31 -1.86 5.72
C MET A 9 -8.25 -2.96 5.51
N LEU A 10 -7.01 -2.51 5.38
CA LEU A 10 -5.91 -3.43 5.18
C LEU A 10 -4.78 -3.10 6.15
N ARG A 11 -4.03 -4.12 6.53
CA ARG A 11 -2.93 -3.96 7.45
C ARG A 11 -1.60 -4.09 6.72
N VAL A 12 -0.99 -2.95 6.44
CA VAL A 12 0.29 -2.92 5.75
C VAL A 12 1.42 -2.96 6.77
N ARG A 13 2.57 -3.44 6.32
CA ARG A 13 3.73 -3.54 7.19
C ARG A 13 4.90 -2.73 6.60
N SER A 14 5.39 -1.81 7.41
CA SER A 14 6.51 -0.96 6.98
C SER A 14 7.70 -1.14 7.93
N ARG A 15 8.86 -0.72 7.45
CA ARG A 15 10.07 -0.82 8.24
C ARG A 15 9.85 -0.26 9.64
N ASP A 16 9.14 0.86 9.68
CA ASP A 16 8.84 1.51 10.95
C ASP A 16 8.03 0.57 11.82
N GLY A 17 7.04 -0.05 11.20
CA GLY A 17 6.17 -0.98 11.92
C GLY A 17 5.04 -1.48 11.01
N LEU A 18 3.83 -1.38 11.53
CA LEU A 18 2.66 -1.81 10.79
C LEU A 18 1.67 -0.66 10.68
N GLU A 19 1.19 -0.43 9.47
CA GLU A 19 0.25 0.64 9.21
C GLU A 19 -1.03 0.08 8.56
N ARG A 20 -2.09 0.87 8.67
CA ARG A 20 -3.37 0.46 8.11
C ARG A 20 -3.94 1.58 7.23
N VAL A 21 -4.68 1.17 6.21
CA VAL A 21 -5.29 2.13 5.30
C VAL A 21 -6.67 1.62 4.88
N SER A 22 -7.51 2.56 4.49
CA SER A 22 -8.85 2.22 4.06
C SER A 22 -8.93 2.18 2.54
N VAL A 23 -9.56 1.13 2.04
CA VAL A 23 -9.71 0.95 0.61
C VAL A 23 -11.19 0.80 0.26
N ASP A 24 -11.44 0.35 -0.96
CA ASP A 24 -12.80 0.16 -1.43
C ASP A 24 -13.14 -1.33 -1.40
N GLY A 25 -12.45 -2.08 -2.25
CA GLY A 25 -12.66 -3.52 -2.33
C GLY A 25 -11.67 -4.16 -3.31
N PRO A 26 -12.02 -5.41 -3.73
CA PRO A 26 -11.17 -6.14 -4.66
C PRO A 26 -11.30 -5.57 -6.08
N HIS A 27 -12.43 -4.94 -6.33
CA HIS A 27 -12.68 -4.36 -7.64
C HIS A 27 -11.57 -3.38 -7.98
N ILE A 28 -10.84 -2.97 -6.97
CA ILE A 28 -9.74 -2.03 -7.14
C ILE A 28 -8.45 -2.82 -7.44
N THR A 29 -7.57 -2.17 -8.17
CA THR A 29 -6.30 -2.79 -8.52
C THR A 29 -5.17 -2.21 -7.67
N VAL A 30 -4.00 -2.85 -7.78
CA VAL A 30 -2.84 -2.40 -7.03
C VAL A 30 -2.62 -0.90 -7.26
N SER A 31 -2.84 -0.50 -8.51
CA SER A 31 -2.67 0.90 -8.88
C SER A 31 -3.52 1.79 -7.96
N GLN A 32 -4.74 1.34 -7.72
CA GLN A 32 -5.65 2.08 -6.88
C GLN A 32 -5.21 1.99 -5.41
N LEU A 33 -4.64 0.85 -5.07
CA LEU A 33 -4.17 0.62 -3.72
C LEU A 33 -3.02 1.57 -3.41
N LYS A 34 -1.87 1.27 -4.00
CA LYS A 34 -0.69 2.09 -3.80
C LYS A 34 -1.10 3.56 -3.79
N THR A 35 -1.96 3.92 -4.73
CA THR A 35 -2.43 5.29 -4.85
C THR A 35 -3.04 5.74 -3.52
N LEU A 36 -3.91 4.91 -2.98
CA LEU A 36 -4.58 5.20 -1.73
C LEU A 36 -3.52 5.43 -0.64
N ILE A 37 -2.71 4.40 -0.42
CA ILE A 37 -1.66 4.48 0.58
C ILE A 37 -0.71 5.62 0.23
N GLN A 38 -0.60 5.89 -1.06
CA GLN A 38 0.27 6.95 -1.54
C GLN A 38 -0.29 8.31 -1.16
N ASP A 39 -1.60 8.34 -0.94
CA ASP A 39 -2.28 9.57 -0.56
C ASP A 39 -2.36 9.65 0.96
N GLN A 40 -2.55 8.49 1.57
CA GLN A 40 -2.65 8.42 3.02
C GLN A 40 -1.26 8.38 3.66
N LEU A 41 -0.50 7.36 3.28
CA LEU A 41 0.85 7.20 3.80
C LEU A 41 1.76 8.27 3.19
N GLN A 42 1.23 8.93 2.18
CA GLN A 42 1.97 9.98 1.50
C GLN A 42 3.31 9.43 0.99
N ILE A 43 3.22 8.41 0.15
CA ILE A 43 4.40 7.79 -0.42
C ILE A 43 4.20 7.56 -1.91
N PRO A 44 5.30 7.77 -2.68
CA PRO A 44 5.25 7.60 -4.13
C PRO A 44 5.23 6.11 -4.50
N ILE A 45 4.23 5.74 -5.28
CA ILE A 45 4.09 4.37 -5.72
C ILE A 45 5.42 3.88 -6.27
N HIS A 46 5.92 4.61 -7.26
CA HIS A 46 7.18 4.25 -7.89
C HIS A 46 8.17 3.77 -6.82
N ASN A 47 8.00 4.31 -5.63
CA ASN A 47 8.86 3.94 -4.51
C ASN A 47 8.22 2.80 -3.72
N GLN A 48 6.91 2.92 -3.54
CA GLN A 48 6.17 1.91 -2.80
C GLN A 48 6.39 0.53 -3.41
N THR A 49 6.57 -0.45 -2.54
CA THR A 49 6.80 -1.81 -2.98
C THR A 49 5.95 -2.79 -2.16
N LEU A 50 4.82 -3.18 -2.74
CA LEU A 50 3.92 -4.10 -2.07
C LEU A 50 4.37 -5.54 -2.35
N SER A 51 4.24 -6.37 -1.33
CA SER A 51 4.64 -7.77 -1.46
C SER A 51 4.00 -8.60 -0.33
N THR A 52 3.58 -9.80 -0.69
CA THR A 52 2.96 -10.69 0.28
C THR A 52 4.02 -11.55 0.97
N ASN A 53 5.18 -10.94 1.19
CA ASN A 53 6.28 -11.64 1.84
C ASN A 53 7.04 -10.67 2.73
N ARG A 54 7.18 -11.05 3.99
CA ARG A 54 7.89 -10.23 4.96
C ARG A 54 9.34 -10.03 4.53
N ASN A 55 9.76 -10.88 3.59
CA ASN A 55 11.13 -10.81 3.10
C ASN A 55 11.34 -9.48 2.37
N LEU A 56 10.22 -8.82 2.09
CA LEU A 56 10.28 -7.54 1.39
C LEU A 56 10.96 -6.50 2.30
N LEU A 57 10.75 -6.67 3.59
CA LEU A 57 11.33 -5.77 4.57
C LEU A 57 12.85 -6.00 4.63
N LEU A 58 13.28 -7.03 3.93
CA LEU A 58 14.69 -7.37 3.89
C LEU A 58 15.36 -6.60 2.76
N ALA A 59 14.68 -6.56 1.63
CA ALA A 59 15.20 -5.87 0.46
C ALA A 59 15.61 -4.45 0.86
N LYS A 60 16.90 -4.17 0.68
CA LYS A 60 17.43 -2.86 1.01
C LYS A 60 17.82 -2.13 -0.27
N SER A 61 18.12 -2.92 -1.29
CA SER A 61 18.50 -2.36 -2.58
C SER A 61 17.29 -2.27 -3.50
N PRO A 62 17.51 -1.67 -4.70
CA PRO A 62 16.44 -1.52 -5.67
C PRO A 62 16.14 -2.86 -6.36
N SER A 63 17.20 -3.50 -6.82
CA SER A 63 17.07 -4.78 -7.50
C SER A 63 16.39 -5.79 -6.57
N ASP A 64 16.70 -5.67 -5.29
CA ASP A 64 16.12 -6.56 -4.29
C ASP A 64 14.60 -6.45 -4.32
N PHE A 65 14.13 -5.20 -4.37
CA PHE A 65 12.70 -4.94 -4.39
C PHE A 65 12.09 -5.44 -5.71
N LEU A 66 12.94 -5.63 -6.69
CA LEU A 66 12.50 -6.10 -8.00
C LEU A 66 12.22 -7.60 -7.92
N ALA A 67 12.75 -8.22 -6.87
CA ALA A 67 12.56 -9.65 -6.66
C ALA A 67 11.11 -9.92 -6.28
N PHE A 68 10.52 -8.95 -5.59
CA PHE A 68 9.14 -9.08 -5.14
C PHE A 68 8.18 -8.50 -6.18
N THR A 69 7.74 -9.37 -7.07
CA THR A 69 6.82 -8.95 -8.12
C THR A 69 5.46 -9.65 -7.95
N ASP A 70 4.85 -9.42 -6.80
CA ASP A 70 3.57 -10.02 -6.51
C ASP A 70 2.46 -8.96 -6.68
N MET A 71 2.78 -7.76 -6.25
CA MET A 71 1.84 -6.66 -6.35
C MET A 71 2.47 -5.44 -7.05
N ALA A 72 3.34 -5.74 -8.00
CA ALA A 72 4.02 -4.70 -8.75
C ALA A 72 3.13 -4.25 -9.90
N ASP A 73 2.39 -5.20 -10.45
CA ASP A 73 1.49 -4.91 -11.55
C ASP A 73 0.34 -4.04 -11.06
N PRO A 74 0.19 -2.86 -11.71
CA PRO A 74 -0.86 -1.93 -11.35
C PRO A 74 -2.22 -2.42 -11.85
N ASN A 75 -2.17 -3.32 -12.81
CA ASN A 75 -3.38 -3.87 -13.40
C ASN A 75 -3.78 -5.13 -12.62
N LEU A 76 -2.97 -5.46 -11.64
CA LEU A 76 -3.23 -6.63 -10.81
C LEU A 76 -4.22 -6.25 -9.70
N ARG A 77 -5.19 -7.14 -9.49
CA ARG A 77 -6.19 -6.91 -8.47
C ARG A 77 -5.79 -7.59 -7.16
N ILE A 78 -6.27 -7.03 -6.06
CA ILE A 78 -5.96 -7.57 -4.74
C ILE A 78 -6.59 -8.96 -4.62
N SER A 79 -7.58 -9.21 -5.47
CA SER A 79 -8.27 -10.49 -5.46
C SER A 79 -7.32 -11.60 -5.90
N SER A 80 -6.20 -11.19 -6.47
CA SER A 80 -5.20 -12.13 -6.94
C SER A 80 -4.60 -12.89 -5.76
N LEU A 81 -4.52 -12.20 -4.63
CA LEU A 81 -3.97 -12.79 -3.43
C LEU A 81 -5.10 -13.07 -2.43
N ASN A 82 -6.23 -12.42 -2.69
CA ASN A 82 -7.40 -12.60 -1.83
C ASN A 82 -7.15 -11.88 -0.50
N LEU A 83 -6.96 -10.57 -0.60
CA LEU A 83 -6.71 -9.77 0.59
C LEU A 83 -8.05 -9.32 1.19
N ALA A 84 -8.39 -9.93 2.31
CA ALA A 84 -9.63 -9.62 2.99
C ALA A 84 -9.34 -8.66 4.15
N HIS A 85 -10.41 -8.15 4.74
CA HIS A 85 -10.28 -7.22 5.85
C HIS A 85 -9.59 -7.92 7.03
N GLY A 86 -8.35 -7.52 7.26
CA GLY A 86 -7.57 -8.10 8.34
C GLY A 86 -6.33 -8.81 7.80
N SER A 87 -6.30 -8.95 6.49
CA SER A 87 -5.17 -9.61 5.84
C SER A 87 -3.87 -8.89 6.18
N MET A 88 -2.77 -9.49 5.76
CA MET A 88 -1.46 -8.92 6.02
C MET A 88 -0.79 -8.46 4.72
N VAL A 89 -0.04 -7.37 4.82
CA VAL A 89 0.64 -6.82 3.67
C VAL A 89 1.90 -6.08 4.13
N TYR A 90 2.87 -6.00 3.22
CA TYR A 90 4.12 -5.33 3.54
C TYR A 90 4.41 -4.23 2.51
N LEU A 91 4.74 -3.04 3.04
CA LEU A 91 5.05 -1.91 2.18
C LEU A 91 6.55 -1.64 2.22
N ALA A 92 7.03 -1.00 1.16
CA ALA A 92 8.44 -0.68 1.07
C ALA A 92 8.62 0.57 0.20
N TYR A 93 9.31 1.55 0.77
CA TYR A 93 9.55 2.79 0.06
C TYR A 93 10.93 3.37 0.41
N GLU A 94 11.52 4.03 -0.56
CA GLU A 94 12.84 4.63 -0.38
C GLU A 94 12.70 6.07 0.12
N GLY A 95 13.51 6.39 1.12
CA GLY A 95 13.49 7.73 1.70
C GLY A 95 12.26 7.91 2.59
N GLU A 96 12.20 9.08 3.23
CA GLU A 96 11.09 9.40 4.11
C GLU A 96 9.82 9.64 3.30
N ARG A 97 8.79 10.08 3.99
CA ARG A 97 7.51 10.35 3.35
C ARG A 97 7.47 11.78 2.82
N THR A 98 6.50 12.03 1.96
CA THR A 98 6.35 13.35 1.37
C THR A 98 5.48 14.24 2.28
N ILE A 99 5.08 15.38 1.73
CA ILE A 99 4.26 16.32 2.48
C ILE A 99 2.79 16.01 2.22
N ARG A 100 2.00 16.12 3.29
CA ARG A 100 0.58 15.87 3.20
C ARG A 100 -0.04 16.64 2.04
N GLY A 101 -1.23 16.22 1.65
CA GLY A 101 -1.93 16.87 0.55
C GLY A 101 -3.27 17.43 1.02
N SER A 102 -3.58 18.62 0.53
CA SER A 102 -4.83 19.27 0.89
C SER A 102 -5.86 19.09 -0.23
N GLY A 103 -5.58 19.75 -1.35
CA GLY A 103 -6.47 19.67 -2.50
C GLY A 103 -6.23 20.84 -3.45
N PRO A 104 -6.88 20.74 -4.65
CA PRO A 104 -6.74 21.78 -5.66
C PRO A 104 -7.56 23.02 -5.28
N SER A 105 -6.87 23.99 -4.69
CA SER A 105 -7.52 25.22 -4.29
C SER A 105 -6.48 26.30 -4.03
N SER A 106 -6.13 27.01 -5.10
CA SER A 106 -5.14 28.07 -5.00
C SER A 106 -5.79 29.34 -4.44
N GLY A 107 -5.39 29.67 -3.22
CA GLY A 107 -5.93 30.84 -2.55
C GLY A 107 -4.80 31.81 -2.16
N GLY A 1 -13.52 11.25 17.42
CA GLY A 1 -13.02 9.96 16.98
C GLY A 1 -13.21 9.78 15.48
N SER A 2 -13.52 8.55 15.10
CA SER A 2 -13.73 8.23 13.69
C SER A 2 -15.20 7.85 13.45
N SER A 3 -15.72 8.30 12.32
CA SER A 3 -17.10 8.01 11.96
C SER A 3 -17.38 8.51 10.55
N GLY A 4 -17.21 7.60 9.59
CA GLY A 4 -17.44 7.93 8.20
C GLY A 4 -17.46 6.67 7.33
N SER A 5 -17.09 6.84 6.07
CA SER A 5 -17.06 5.73 5.13
C SER A 5 -15.64 5.19 5.01
N SER A 6 -15.55 3.87 4.85
CA SER A 6 -14.25 3.23 4.72
C SER A 6 -14.38 1.98 3.86
N GLY A 7 -15.26 1.08 4.30
CA GLY A 7 -15.49 -0.17 3.58
C GLY A 7 -14.59 -1.29 4.12
N THR A 8 -13.45 -1.45 3.45
CA THR A 8 -12.50 -2.47 3.85
C THR A 8 -11.20 -1.82 4.35
N MET A 9 -10.54 -2.52 5.26
CA MET A 9 -9.29 -2.04 5.82
C MET A 9 -8.19 -3.09 5.71
N LEU A 10 -7.03 -2.63 5.25
CA LEU A 10 -5.89 -3.53 5.10
C LEU A 10 -4.71 -2.99 5.90
N ARG A 11 -3.82 -3.89 6.25
CA ARG A 11 -2.64 -3.52 7.03
C ARG A 11 -1.40 -3.47 6.13
N VAL A 12 -0.78 -2.31 6.09
CA VAL A 12 0.40 -2.12 5.27
C VAL A 12 1.63 -2.01 6.19
N ARG A 13 2.30 -3.14 6.37
CA ARG A 13 3.47 -3.19 7.21
C ARG A 13 4.71 -2.76 6.41
N SER A 14 5.44 -1.80 6.99
CA SER A 14 6.64 -1.30 6.35
C SER A 14 7.89 -1.77 7.10
N ARG A 15 9.04 -1.42 6.56
CA ARG A 15 10.30 -1.79 7.18
C ARG A 15 10.17 -1.80 8.70
N ASP A 16 9.82 -0.64 9.23
CA ASP A 16 9.65 -0.50 10.67
C ASP A 16 8.43 0.38 10.96
N GLY A 17 7.41 0.20 10.14
CA GLY A 17 6.18 0.98 10.29
C GLY A 17 4.96 0.15 9.90
N LEU A 18 4.18 -0.20 10.91
CA LEU A 18 2.98 -0.99 10.69
C LEU A 18 1.76 -0.07 10.70
N GLU A 19 1.34 0.30 9.50
CA GLU A 19 0.19 1.18 9.36
C GLU A 19 -0.94 0.46 8.60
N ARG A 20 -2.11 1.06 8.65
CA ARG A 20 -3.28 0.49 7.99
C ARG A 20 -3.87 1.49 7.00
N VAL A 21 -4.53 0.95 5.98
CA VAL A 21 -5.14 1.79 4.97
C VAL A 21 -6.52 1.24 4.62
N SER A 22 -7.44 2.15 4.33
CA SER A 22 -8.79 1.77 3.99
C SER A 22 -8.97 1.76 2.47
N VAL A 23 -9.58 0.70 1.98
CA VAL A 23 -9.82 0.55 0.56
C VAL A 23 -11.31 0.37 0.30
N ASP A 24 -11.63 -0.07 -0.91
CA ASP A 24 -13.02 -0.28 -1.28
C ASP A 24 -13.31 -1.79 -1.31
N GLY A 25 -12.32 -2.54 -1.76
CA GLY A 25 -12.45 -3.98 -1.84
C GLY A 25 -11.51 -4.56 -2.90
N PRO A 26 -11.88 -5.78 -3.39
CA PRO A 26 -11.08 -6.45 -4.40
C PRO A 26 -11.27 -5.79 -5.77
N HIS A 27 -12.43 -5.17 -5.94
CA HIS A 27 -12.74 -4.50 -7.19
C HIS A 27 -11.63 -3.51 -7.53
N ILE A 28 -10.85 -3.16 -6.51
CA ILE A 28 -9.76 -2.22 -6.70
C ILE A 28 -8.49 -2.99 -7.09
N THR A 29 -7.63 -2.29 -7.83
CA THR A 29 -6.39 -2.89 -8.28
C THR A 29 -5.21 -2.31 -7.51
N VAL A 30 -4.05 -2.91 -7.72
CA VAL A 30 -2.83 -2.46 -7.06
C VAL A 30 -2.66 -0.96 -7.29
N SER A 31 -2.99 -0.54 -8.50
CA SER A 31 -2.88 0.87 -8.86
C SER A 31 -3.66 1.73 -7.88
N GLN A 32 -4.88 1.29 -7.59
CA GLN A 32 -5.74 2.01 -6.67
C GLN A 32 -5.24 1.84 -5.23
N LEU A 33 -4.62 0.70 -4.99
CA LEU A 33 -4.09 0.40 -3.67
C LEU A 33 -2.90 1.32 -3.39
N LYS A 34 -1.88 1.18 -4.21
CA LYS A 34 -0.68 2.00 -4.05
C LYS A 34 -1.07 3.47 -3.91
N THR A 35 -1.90 3.92 -4.84
CA THR A 35 -2.37 5.30 -4.82
C THR A 35 -2.88 5.67 -3.43
N LEU A 36 -3.67 4.77 -2.86
CA LEU A 36 -4.23 5.00 -1.53
C LEU A 36 -3.10 5.22 -0.54
N ILE A 37 -2.37 4.14 -0.27
CA ILE A 37 -1.25 4.20 0.66
C ILE A 37 -0.33 5.34 0.27
N GLN A 38 -0.25 5.57 -1.04
CA GLN A 38 0.60 6.63 -1.56
C GLN A 38 0.14 7.99 -1.03
N ASP A 39 -1.16 8.08 -0.77
CA ASP A 39 -1.74 9.31 -0.27
C ASP A 39 -1.74 9.28 1.26
N GLN A 40 -2.40 8.25 1.80
CA GLN A 40 -2.48 8.10 3.24
C GLN A 40 -1.08 8.12 3.86
N LEU A 41 -0.25 7.20 3.40
CA LEU A 41 1.11 7.11 3.91
C LEU A 41 1.96 8.21 3.28
N GLN A 42 1.39 8.84 2.25
CA GLN A 42 2.08 9.91 1.55
C GLN A 42 3.40 9.39 0.97
N ILE A 43 3.28 8.34 0.18
CA ILE A 43 4.45 7.74 -0.44
C ILE A 43 4.21 7.60 -1.94
N PRO A 44 5.28 7.84 -2.74
CA PRO A 44 5.19 7.74 -4.18
C PRO A 44 5.16 6.28 -4.63
N ILE A 45 4.23 5.99 -5.52
CA ILE A 45 4.08 4.64 -6.03
C ILE A 45 5.44 4.11 -6.48
N HIS A 46 6.05 4.83 -7.40
CA HIS A 46 7.35 4.45 -7.92
C HIS A 46 8.24 3.98 -6.77
N ASN A 47 7.97 4.51 -5.59
CA ASN A 47 8.72 4.15 -4.40
C ASN A 47 8.00 3.01 -3.67
N GLN A 48 6.70 3.19 -3.52
CA GLN A 48 5.90 2.19 -2.84
C GLN A 48 6.11 0.80 -3.47
N THR A 49 6.34 -0.18 -2.61
CA THR A 49 6.55 -1.53 -3.07
C THR A 49 5.75 -2.53 -2.23
N LEU A 50 4.62 -2.94 -2.78
CA LEU A 50 3.76 -3.88 -2.09
C LEU A 50 4.23 -5.31 -2.38
N SER A 51 4.11 -6.15 -1.36
CA SER A 51 4.52 -7.54 -1.50
C SER A 51 3.90 -8.38 -0.37
N THR A 52 3.56 -9.61 -0.72
CA THR A 52 2.95 -10.51 0.25
C THR A 52 4.03 -11.33 0.95
N ASN A 53 5.24 -10.79 0.95
CA ASN A 53 6.37 -11.46 1.59
C ASN A 53 7.04 -10.48 2.57
N ARG A 54 6.92 -10.81 3.85
CA ARG A 54 7.51 -9.98 4.88
C ARG A 54 8.99 -9.76 4.61
N ASN A 55 9.55 -10.63 3.78
CA ASN A 55 10.95 -10.54 3.42
C ASN A 55 11.20 -9.20 2.73
N LEU A 56 10.12 -8.57 2.29
CA LEU A 56 10.22 -7.29 1.61
C LEU A 56 10.87 -6.27 2.55
N LEU A 57 10.40 -6.26 3.78
CA LEU A 57 10.92 -5.35 4.77
C LEU A 57 12.44 -5.50 4.85
N LEU A 58 12.90 -6.66 4.43
CA LEU A 58 14.33 -6.96 4.45
C LEU A 58 15.02 -6.16 3.34
N ALA A 59 14.45 -6.25 2.15
CA ALA A 59 15.00 -5.55 1.00
C ALA A 59 15.44 -4.14 1.43
N LYS A 60 16.71 -3.87 1.22
CA LYS A 60 17.28 -2.58 1.57
C LYS A 60 17.60 -1.80 0.30
N SER A 61 17.92 -2.54 -0.76
CA SER A 61 18.24 -1.94 -2.03
C SER A 61 17.02 -1.93 -2.94
N PRO A 62 17.17 -1.26 -4.11
CA PRO A 62 16.09 -1.16 -5.07
C PRO A 62 15.91 -2.49 -5.82
N SER A 63 17.04 -3.05 -6.23
CA SER A 63 17.02 -4.31 -6.95
C SER A 63 16.41 -5.42 -6.08
N ASP A 64 16.65 -5.29 -4.78
CA ASP A 64 16.14 -6.27 -3.84
C ASP A 64 14.61 -6.29 -3.91
N PHE A 65 14.04 -5.09 -3.94
CA PHE A 65 12.59 -4.96 -4.00
C PHE A 65 12.06 -5.50 -5.33
N LEU A 66 12.94 -5.55 -6.32
CA LEU A 66 12.56 -6.04 -7.63
C LEU A 66 12.37 -7.56 -7.56
N ALA A 67 12.90 -8.14 -6.50
CA ALA A 67 12.79 -9.58 -6.30
C ALA A 67 11.34 -9.94 -5.99
N PHE A 68 10.62 -8.96 -5.45
CA PHE A 68 9.22 -9.15 -5.10
C PHE A 68 8.30 -8.51 -6.12
N THR A 69 7.78 -9.34 -7.01
CA THR A 69 6.89 -8.86 -8.06
C THR A 69 5.59 -9.67 -8.05
N ASP A 70 4.85 -9.52 -6.95
CA ASP A 70 3.58 -10.21 -6.81
C ASP A 70 2.44 -9.21 -6.90
N MET A 71 2.74 -7.98 -6.51
CA MET A 71 1.75 -6.92 -6.53
C MET A 71 2.32 -5.65 -7.17
N ALA A 72 3.22 -5.85 -8.12
CA ALA A 72 3.85 -4.75 -8.80
C ALA A 72 2.94 -4.27 -9.94
N ASP A 73 2.23 -5.23 -10.52
CA ASP A 73 1.31 -4.92 -11.61
C ASP A 73 0.19 -4.01 -11.09
N PRO A 74 0.06 -2.84 -11.76
CA PRO A 74 -0.96 -1.87 -11.37
C PRO A 74 -2.34 -2.33 -11.84
N ASN A 75 -2.35 -3.03 -12.96
CA ASN A 75 -3.59 -3.53 -13.53
C ASN A 75 -3.95 -4.86 -12.86
N LEU A 76 -3.18 -5.21 -11.85
CA LEU A 76 -3.40 -6.45 -11.12
C LEU A 76 -4.31 -6.17 -9.91
N ARG A 77 -5.22 -7.11 -9.69
CA ARG A 77 -6.16 -6.97 -8.58
C ARG A 77 -5.63 -7.71 -7.34
N ILE A 78 -6.03 -7.22 -6.19
CA ILE A 78 -5.61 -7.81 -4.93
C ILE A 78 -6.27 -9.18 -4.77
N SER A 79 -7.39 -9.34 -5.46
CA SER A 79 -8.12 -10.59 -5.40
C SER A 79 -7.21 -11.76 -5.77
N SER A 80 -6.19 -11.45 -6.55
CA SER A 80 -5.23 -12.46 -6.98
C SER A 80 -4.63 -13.16 -5.76
N LEU A 81 -4.57 -12.43 -4.67
CA LEU A 81 -4.03 -12.97 -3.43
C LEU A 81 -5.16 -13.15 -2.42
N ASN A 82 -6.31 -12.56 -2.73
CA ASN A 82 -7.46 -12.64 -1.86
C ASN A 82 -7.16 -11.91 -0.55
N LEU A 83 -7.09 -10.59 -0.65
CA LEU A 83 -6.81 -9.77 0.52
C LEU A 83 -8.10 -9.09 0.97
N ALA A 84 -8.62 -9.54 2.09
CA ALA A 84 -9.84 -8.98 2.65
C ALA A 84 -9.56 -8.42 4.04
N HIS A 85 -10.55 -7.72 4.57
CA HIS A 85 -10.43 -7.13 5.89
C HIS A 85 -9.77 -8.12 6.85
N GLY A 86 -8.67 -7.70 7.43
CA GLY A 86 -7.94 -8.54 8.36
C GLY A 86 -6.64 -9.06 7.74
N SER A 87 -6.70 -9.25 6.42
CA SER A 87 -5.55 -9.75 5.69
C SER A 87 -4.30 -8.94 6.07
N MET A 88 -3.17 -9.38 5.53
CA MET A 88 -1.90 -8.71 5.81
C MET A 88 -1.22 -8.27 4.51
N VAL A 89 -0.54 -7.14 4.59
CA VAL A 89 0.16 -6.60 3.44
C VAL A 89 1.36 -5.78 3.91
N TYR A 90 2.43 -5.85 3.14
CA TYR A 90 3.64 -5.12 3.47
C TYR A 90 3.91 -4.02 2.45
N LEU A 91 4.72 -3.05 2.86
CA LEU A 91 5.05 -1.93 1.99
C LEU A 91 6.56 -1.72 2.02
N ALA A 92 7.06 -1.09 0.96
CA ALA A 92 8.48 -0.82 0.85
C ALA A 92 8.70 0.40 -0.04
N TYR A 93 9.32 1.42 0.53
CA TYR A 93 9.59 2.64 -0.19
C TYR A 93 11.05 3.06 -0.04
N GLU A 94 11.49 3.94 -0.93
CA GLU A 94 12.85 4.43 -0.90
C GLU A 94 12.90 5.85 -0.32
N GLY A 95 13.87 6.06 0.55
CA GLY A 95 14.04 7.36 1.19
C GLY A 95 13.06 7.53 2.35
N GLU A 96 12.23 8.55 2.24
CA GLU A 96 11.25 8.84 3.28
C GLU A 96 9.91 9.24 2.65
N ARG A 97 8.98 9.60 3.51
CA ARG A 97 7.66 10.01 3.05
C ARG A 97 7.66 11.49 2.68
N THR A 98 6.57 11.91 2.04
CA THR A 98 6.43 13.30 1.62
C THR A 98 5.77 14.12 2.73
N ILE A 99 5.38 15.33 2.36
CA ILE A 99 4.72 16.22 3.30
C ILE A 99 3.21 16.12 3.15
N ARG A 100 2.56 15.71 4.22
CA ARG A 100 1.11 15.56 4.22
C ARG A 100 0.46 16.73 3.47
N GLY A 101 -0.77 16.49 3.03
CA GLY A 101 -1.51 17.52 2.31
C GLY A 101 -2.98 17.17 2.24
N SER A 102 -3.51 17.14 1.02
CA SER A 102 -4.91 16.83 0.80
C SER A 102 -5.78 17.98 1.29
N GLY A 103 -7.04 17.95 0.88
CA GLY A 103 -7.99 18.98 1.27
C GLY A 103 -9.27 18.89 0.44
N PRO A 104 -10.40 18.62 1.15
CA PRO A 104 -11.69 18.51 0.48
C PRO A 104 -12.22 19.89 0.09
N SER A 105 -12.26 20.14 -1.21
CA SER A 105 -12.75 21.39 -1.72
C SER A 105 -14.21 21.26 -2.16
N SER A 106 -15.05 22.05 -1.53
CA SER A 106 -16.47 22.03 -1.86
C SER A 106 -16.83 23.23 -2.73
N GLY A 107 -17.21 22.92 -3.97
CA GLY A 107 -17.59 23.96 -4.91
C GLY A 107 -16.35 24.68 -5.46
N GLY A 1 -12.17 2.00 21.56
CA GLY A 1 -13.36 2.79 21.85
C GLY A 1 -14.26 2.90 20.61
N SER A 2 -15.56 2.86 20.86
CA SER A 2 -16.52 2.96 19.78
C SER A 2 -16.14 1.99 18.66
N SER A 3 -16.73 0.80 18.71
CA SER A 3 -16.46 -0.22 17.71
C SER A 3 -17.33 0.02 16.47
N GLY A 4 -16.66 0.34 15.38
CA GLY A 4 -17.35 0.61 14.13
C GLY A 4 -16.37 0.66 12.96
N SER A 5 -16.37 -0.40 12.17
CA SER A 5 -15.49 -0.48 11.02
C SER A 5 -16.02 0.39 9.88
N SER A 6 -15.15 1.25 9.37
CA SER A 6 -15.53 2.13 8.29
C SER A 6 -15.87 1.33 7.04
N GLY A 7 -14.90 0.57 6.58
CA GLY A 7 -15.09 -0.25 5.39
C GLY A 7 -14.11 -1.43 5.38
N THR A 8 -13.15 -1.34 4.46
CA THR A 8 -12.14 -2.38 4.33
C THR A 8 -10.76 -1.82 4.63
N MET A 9 -10.20 -2.27 5.75
CA MET A 9 -8.88 -1.83 6.16
C MET A 9 -7.84 -2.93 5.95
N LEU A 10 -6.73 -2.55 5.34
CA LEU A 10 -5.66 -3.49 5.07
C LEU A 10 -4.46 -3.15 5.96
N ARG A 11 -4.04 -4.14 6.74
CA ARG A 11 -2.91 -3.97 7.65
C ARG A 11 -1.60 -4.21 6.89
N VAL A 12 -0.94 -3.11 6.56
CA VAL A 12 0.33 -3.19 5.85
C VAL A 12 1.48 -3.14 6.86
N ARG A 13 2.61 -3.69 6.45
CA ARG A 13 3.78 -3.72 7.30
C ARG A 13 4.95 -3.00 6.61
N SER A 14 5.49 -2.02 7.32
CA SER A 14 6.61 -1.25 6.79
C SER A 14 7.82 -1.38 7.72
N ARG A 15 9.01 -1.23 7.13
CA ARG A 15 10.24 -1.33 7.89
C ARG A 15 10.20 -0.39 9.08
N ASP A 16 9.46 0.71 8.91
CA ASP A 16 9.35 1.69 9.96
C ASP A 16 8.34 1.20 11.02
N GLY A 17 7.47 0.32 10.57
CA GLY A 17 6.45 -0.24 11.46
C GLY A 17 5.24 -0.71 10.68
N LEU A 18 4.24 -1.17 11.41
CA LEU A 18 3.01 -1.66 10.80
C LEU A 18 2.05 -0.48 10.59
N GLU A 19 1.55 -0.37 9.38
CA GLU A 19 0.61 0.69 9.04
C GLU A 19 -0.67 0.11 8.45
N ARG A 20 -1.76 0.84 8.64
CA ARG A 20 -3.04 0.41 8.14
C ARG A 20 -3.61 1.44 7.16
N VAL A 21 -4.24 0.94 6.11
CA VAL A 21 -4.81 1.81 5.09
C VAL A 21 -6.21 1.28 4.72
N SER A 22 -7.09 2.22 4.40
CA SER A 22 -8.44 1.87 4.03
C SER A 22 -8.57 1.81 2.51
N VAL A 23 -9.27 0.79 2.03
CA VAL A 23 -9.48 0.61 0.61
C VAL A 23 -10.97 0.48 0.33
N ASP A 24 -11.27 0.03 -0.89
CA ASP A 24 -12.65 -0.13 -1.30
C ASP A 24 -13.00 -1.63 -1.31
N GLY A 25 -12.25 -2.38 -2.09
CA GLY A 25 -12.47 -3.81 -2.20
C GLY A 25 -11.59 -4.42 -3.30
N PRO A 26 -12.03 -5.62 -3.78
CA PRO A 26 -11.30 -6.31 -4.83
C PRO A 26 -11.54 -5.65 -6.19
N HIS A 27 -12.67 -4.96 -6.29
CA HIS A 27 -13.03 -4.28 -7.53
C HIS A 27 -11.91 -3.31 -7.91
N ILE A 28 -11.08 -2.99 -6.93
CA ILE A 28 -9.98 -2.08 -7.16
C ILE A 28 -8.72 -2.89 -7.51
N THR A 29 -7.75 -2.19 -8.08
CA THR A 29 -6.50 -2.82 -8.47
C THR A 29 -5.35 -2.26 -7.64
N VAL A 30 -4.17 -2.80 -7.90
CA VAL A 30 -2.98 -2.37 -7.19
C VAL A 30 -2.77 -0.87 -7.41
N SER A 31 -3.07 -0.43 -8.62
CA SER A 31 -2.92 0.97 -8.97
C SER A 31 -3.71 1.83 -7.99
N GLN A 32 -4.93 1.42 -7.73
CA GLN A 32 -5.80 2.15 -6.82
C GLN A 32 -5.33 1.95 -5.37
N LEU A 33 -4.75 0.79 -5.14
CA LEU A 33 -4.25 0.47 -3.80
C LEU A 33 -3.04 1.35 -3.49
N LYS A 34 -2.03 1.24 -4.33
CA LYS A 34 -0.82 2.03 -4.15
C LYS A 34 -1.18 3.51 -4.01
N THR A 35 -2.03 3.96 -4.92
CA THR A 35 -2.47 5.35 -4.92
C THR A 35 -3.01 5.73 -3.54
N LEU A 36 -3.74 4.80 -2.95
CA LEU A 36 -4.31 5.03 -1.63
C LEU A 36 -3.18 5.25 -0.62
N ILE A 37 -2.41 4.20 -0.40
CA ILE A 37 -1.30 4.25 0.53
C ILE A 37 -0.37 5.42 0.13
N GLN A 38 -0.34 5.69 -1.16
CA GLN A 38 0.49 6.76 -1.68
C GLN A 38 -0.02 8.11 -1.19
N ASP A 39 -1.33 8.18 -0.99
CA ASP A 39 -1.96 9.40 -0.53
C ASP A 39 -2.04 9.39 0.99
N GLN A 40 -2.39 8.23 1.52
CA GLN A 40 -2.52 8.07 2.97
C GLN A 40 -1.13 8.12 3.62
N LEU A 41 -0.27 7.21 3.20
CA LEU A 41 1.08 7.15 3.74
C LEU A 41 1.92 8.26 3.12
N GLN A 42 1.35 8.90 2.11
CA GLN A 42 2.04 9.98 1.42
C GLN A 42 3.35 9.48 0.82
N ILE A 43 3.24 8.40 0.05
CA ILE A 43 4.40 7.81 -0.59
C ILE A 43 4.15 7.69 -2.10
N PRO A 44 5.22 7.96 -2.89
CA PRO A 44 5.11 7.88 -4.34
C PRO A 44 5.09 6.41 -4.80
N ILE A 45 4.12 6.11 -5.65
CA ILE A 45 3.98 4.76 -6.17
C ILE A 45 5.32 4.32 -6.77
N HIS A 46 6.03 5.27 -7.33
CA HIS A 46 7.32 4.99 -7.93
C HIS A 46 8.30 4.52 -6.86
N ASN A 47 7.88 4.68 -5.61
CA ASN A 47 8.71 4.28 -4.48
C ASN A 47 8.02 3.16 -3.72
N GLN A 48 6.71 3.33 -3.53
CA GLN A 48 5.93 2.34 -2.82
C GLN A 48 6.19 0.94 -3.39
N THR A 49 6.28 -0.01 -2.48
CA THR A 49 6.54 -1.40 -2.87
C THR A 49 5.59 -2.34 -2.12
N LEU A 50 4.63 -2.89 -2.86
CA LEU A 50 3.67 -3.81 -2.28
C LEU A 50 4.17 -5.25 -2.48
N SER A 51 3.96 -6.06 -1.46
CA SER A 51 4.36 -7.45 -1.51
C SER A 51 3.62 -8.25 -0.43
N THR A 52 3.64 -9.57 -0.61
CA THR A 52 2.98 -10.45 0.34
C THR A 52 4.01 -11.30 1.07
N ASN A 53 5.16 -10.70 1.31
CA ASN A 53 6.24 -11.40 2.01
C ASN A 53 6.89 -10.44 3.02
N ARG A 54 7.22 -10.98 4.17
CA ARG A 54 7.85 -10.19 5.22
C ARG A 54 9.30 -9.87 4.85
N ASN A 55 9.81 -10.62 3.87
CA ASN A 55 11.17 -10.41 3.41
C ASN A 55 11.29 -9.03 2.76
N LEU A 56 10.14 -8.43 2.52
CA LEU A 56 10.10 -7.11 1.90
C LEU A 56 10.92 -6.14 2.75
N LEU A 57 10.64 -6.14 4.05
CA LEU A 57 11.35 -5.27 4.96
C LEU A 57 12.82 -5.69 5.04
N LEU A 58 13.10 -6.85 4.47
CA LEU A 58 14.46 -7.38 4.47
C LEU A 58 15.21 -6.79 3.27
N ALA A 59 14.47 -6.44 2.24
CA ALA A 59 15.05 -5.87 1.04
C ALA A 59 15.54 -4.45 1.34
N LYS A 60 16.84 -4.25 1.15
CA LYS A 60 17.44 -2.95 1.40
C LYS A 60 17.87 -2.34 0.07
N SER A 61 18.20 -3.20 -0.87
CA SER A 61 18.62 -2.75 -2.19
C SER A 61 17.41 -2.59 -3.11
N PRO A 62 17.65 -1.90 -4.26
CA PRO A 62 16.59 -1.68 -5.22
C PRO A 62 16.28 -2.94 -6.01
N SER A 63 17.33 -3.72 -6.26
CA SER A 63 17.17 -4.96 -7.00
C SER A 63 16.50 -6.02 -6.12
N ASP A 64 16.70 -5.88 -4.82
CA ASP A 64 16.13 -6.80 -3.87
C ASP A 64 14.60 -6.69 -3.92
N PHE A 65 14.13 -5.45 -3.95
CA PHE A 65 12.70 -5.19 -4.00
C PHE A 65 12.10 -5.71 -5.30
N LEU A 66 12.96 -5.92 -6.28
CA LEU A 66 12.53 -6.42 -7.58
C LEU A 66 12.21 -7.90 -7.47
N ALA A 67 12.44 -8.45 -6.28
CA ALA A 67 12.18 -9.86 -6.04
C ALA A 67 10.68 -10.06 -5.85
N PHE A 68 10.04 -9.05 -5.28
CA PHE A 68 8.61 -9.11 -5.04
C PHE A 68 7.83 -8.55 -6.22
N THR A 69 7.44 -9.46 -7.11
CA THR A 69 6.69 -9.07 -8.29
C THR A 69 5.25 -9.63 -8.22
N ASP A 70 4.67 -9.49 -7.04
CA ASP A 70 3.32 -9.98 -6.83
C ASP A 70 2.32 -8.83 -7.06
N MET A 71 2.63 -7.70 -6.43
CA MET A 71 1.77 -6.53 -6.56
C MET A 71 2.50 -5.40 -7.31
N ALA A 72 3.31 -5.80 -8.28
CA ALA A 72 4.07 -4.85 -9.08
C ALA A 72 3.18 -4.32 -10.20
N ASP A 73 2.27 -5.17 -10.66
CA ASP A 73 1.37 -4.80 -11.73
C ASP A 73 0.26 -3.91 -11.16
N PRO A 74 0.15 -2.68 -11.73
CA PRO A 74 -0.85 -1.73 -11.30
C PRO A 74 -2.24 -2.11 -11.82
N ASN A 75 -2.23 -2.94 -12.86
CA ASN A 75 -3.47 -3.39 -13.47
C ASN A 75 -3.89 -4.72 -12.83
N LEU A 76 -3.16 -5.09 -11.79
CA LEU A 76 -3.44 -6.33 -11.08
C LEU A 76 -4.44 -6.07 -9.96
N ARG A 77 -5.35 -7.01 -9.78
CA ARG A 77 -6.36 -6.90 -8.75
C ARG A 77 -5.90 -7.59 -7.47
N ILE A 78 -6.39 -7.08 -6.35
CA ILE A 78 -6.04 -7.63 -5.05
C ILE A 78 -6.71 -9.00 -4.89
N SER A 79 -7.71 -9.24 -5.73
CA SER A 79 -8.45 -10.49 -5.69
C SER A 79 -7.51 -11.65 -6.04
N SER A 80 -6.40 -11.31 -6.68
CA SER A 80 -5.42 -12.31 -7.07
C SER A 80 -4.81 -12.95 -5.82
N LEU A 81 -4.62 -12.13 -4.81
CA LEU A 81 -4.04 -12.59 -3.56
C LEU A 81 -5.16 -13.04 -2.61
N ASN A 82 -6.33 -12.44 -2.81
CA ASN A 82 -7.48 -12.76 -1.99
C ASN A 82 -7.38 -12.01 -0.66
N LEU A 83 -7.00 -10.74 -0.77
CA LEU A 83 -6.86 -9.91 0.41
C LEU A 83 -8.25 -9.57 0.96
N ALA A 84 -8.35 -9.61 2.28
CA ALA A 84 -9.62 -9.32 2.94
C ALA A 84 -9.35 -8.44 4.16
N HIS A 85 -10.43 -7.91 4.72
CA HIS A 85 -10.33 -7.06 5.89
C HIS A 85 -9.65 -7.82 7.02
N GLY A 86 -8.35 -7.67 7.10
CA GLY A 86 -7.56 -8.34 8.12
C GLY A 86 -6.29 -8.95 7.54
N SER A 87 -6.28 -9.08 6.22
CA SER A 87 -5.14 -9.65 5.53
C SER A 87 -3.86 -8.91 5.94
N MET A 88 -2.73 -9.46 5.51
CA MET A 88 -1.45 -8.87 5.83
C MET A 88 -0.68 -8.51 4.55
N VAL A 89 0.05 -7.41 4.63
CA VAL A 89 0.83 -6.95 3.50
C VAL A 89 2.06 -6.18 4.00
N TYR A 90 3.03 -6.04 3.12
CA TYR A 90 4.26 -5.34 3.46
C TYR A 90 4.55 -4.23 2.45
N LEU A 91 4.84 -3.04 2.99
CA LEU A 91 5.13 -1.90 2.15
C LEU A 91 6.63 -1.60 2.21
N ALA A 92 7.16 -1.15 1.09
CA ALA A 92 8.58 -0.84 1.00
C ALA A 92 8.77 0.38 0.08
N TYR A 93 9.41 1.39 0.61
CA TYR A 93 9.67 2.60 -0.15
C TYR A 93 11.06 3.17 0.15
N GLU A 94 11.49 4.07 -0.71
CA GLU A 94 12.80 4.68 -0.55
C GLU A 94 12.66 6.09 0.06
N GLY A 95 13.54 6.38 1.00
CA GLY A 95 13.53 7.66 1.67
C GLY A 95 12.26 7.84 2.51
N GLU A 96 12.18 8.98 3.18
CA GLU A 96 11.02 9.28 4.00
C GLU A 96 9.78 9.51 3.13
N ARG A 97 8.72 9.93 3.78
CA ARG A 97 7.46 10.19 3.08
C ARG A 97 7.43 11.64 2.58
N THR A 98 6.24 12.06 2.18
CA THR A 98 6.06 13.41 1.68
C THR A 98 5.11 14.19 2.60
N ILE A 99 4.79 15.40 2.17
CA ILE A 99 3.91 16.26 2.94
C ILE A 99 2.46 15.95 2.54
N ARG A 100 1.59 15.99 3.54
CA ARG A 100 0.18 15.72 3.32
C ARG A 100 -0.41 16.74 2.35
N GLY A 101 -1.35 16.27 1.54
CA GLY A 101 -1.99 17.13 0.56
C GLY A 101 -3.34 16.56 0.14
N SER A 102 -4.25 17.46 -0.20
CA SER A 102 -5.58 17.06 -0.63
C SER A 102 -6.18 18.12 -1.56
N GLY A 103 -6.95 17.64 -2.53
CA GLY A 103 -7.57 18.53 -3.50
C GLY A 103 -9.00 18.08 -3.81
N PRO A 104 -9.98 18.81 -3.21
CA PRO A 104 -11.38 18.49 -3.42
C PRO A 104 -11.85 18.94 -4.80
N SER A 105 -13.12 18.67 -5.08
CA SER A 105 -13.69 19.04 -6.36
C SER A 105 -15.20 19.25 -6.21
N SER A 106 -15.80 19.72 -7.29
CA SER A 106 -17.23 19.98 -7.30
C SER A 106 -17.97 18.81 -7.98
N GLY A 107 -19.15 18.52 -7.47
CA GLY A 107 -19.96 17.44 -8.02
C GLY A 107 -21.33 17.96 -8.48
N GLY A 1 -11.30 18.88 4.15
CA GLY A 1 -12.31 17.85 3.97
C GLY A 1 -11.76 16.47 4.35
N SER A 2 -12.64 15.66 4.91
CA SER A 2 -12.25 14.31 5.33
C SER A 2 -13.12 13.27 4.60
N SER A 3 -12.55 12.73 3.53
CA SER A 3 -13.24 11.73 2.74
C SER A 3 -12.73 10.34 3.10
N GLY A 4 -13.21 9.83 4.23
CA GLY A 4 -12.81 8.52 4.69
C GLY A 4 -14.03 7.66 5.06
N SER A 5 -14.76 7.27 4.03
CA SER A 5 -15.95 6.45 4.23
C SER A 5 -15.56 5.08 4.78
N SER A 6 -16.35 4.61 5.74
CA SER A 6 -16.10 3.32 6.35
C SER A 6 -16.29 2.22 5.32
N GLY A 7 -15.18 1.72 4.80
CA GLY A 7 -15.22 0.66 3.81
C GLY A 7 -14.39 -0.54 4.26
N THR A 8 -13.36 -0.85 3.48
CA THR A 8 -12.49 -1.96 3.78
C THR A 8 -11.12 -1.46 4.23
N MET A 9 -10.60 -2.07 5.28
CA MET A 9 -9.30 -1.70 5.82
C MET A 9 -8.28 -2.82 5.58
N LEU A 10 -7.03 -2.39 5.41
CA LEU A 10 -5.95 -3.34 5.18
C LEU A 10 -4.81 -3.03 6.15
N ARG A 11 -4.12 -4.10 6.54
CA ARG A 11 -2.99 -3.96 7.45
C ARG A 11 -1.67 -4.13 6.71
N VAL A 12 -1.04 -3.01 6.42
CA VAL A 12 0.24 -3.03 5.71
C VAL A 12 1.38 -3.09 6.73
N ARG A 13 2.51 -3.61 6.27
CA ARG A 13 3.68 -3.74 7.12
C ARG A 13 4.87 -3.00 6.50
N SER A 14 5.42 -2.08 7.29
CA SER A 14 6.56 -1.30 6.82
C SER A 14 7.77 -1.55 7.73
N ARG A 15 8.95 -1.41 7.15
CA ARG A 15 10.17 -1.62 7.90
C ARG A 15 10.07 -0.99 9.29
N ASP A 16 9.45 0.18 9.32
CA ASP A 16 9.28 0.90 10.57
C ASP A 16 8.41 0.06 11.52
N GLY A 17 7.28 -0.40 10.99
CA GLY A 17 6.37 -1.21 11.78
C GLY A 17 5.20 -1.70 10.91
N LEU A 18 4.00 -1.50 11.43
CA LEU A 18 2.81 -1.92 10.71
C LEU A 18 1.84 -0.74 10.62
N GLU A 19 1.34 -0.53 9.42
CA GLU A 19 0.39 0.56 9.17
C GLU A 19 -0.89 0.02 8.55
N ARG A 20 -1.95 0.81 8.68
CA ARG A 20 -3.24 0.42 8.15
C ARG A 20 -3.76 1.49 7.18
N VAL A 21 -4.50 1.04 6.18
CA VAL A 21 -5.05 1.94 5.19
C VAL A 21 -6.46 1.48 4.82
N SER A 22 -7.26 2.43 4.36
CA SER A 22 -8.63 2.14 3.96
C SER A 22 -8.72 2.03 2.44
N VAL A 23 -9.38 0.97 2.00
CA VAL A 23 -9.55 0.73 0.58
C VAL A 23 -11.02 0.50 0.27
N ASP A 24 -11.28 -0.03 -0.91
CA ASP A 24 -12.65 -0.30 -1.33
C ASP A 24 -12.90 -1.81 -1.28
N GLY A 25 -12.14 -2.53 -2.10
CA GLY A 25 -12.28 -3.97 -2.16
C GLY A 25 -11.40 -4.56 -3.26
N PRO A 26 -11.82 -5.76 -3.76
CA PRO A 26 -11.09 -6.44 -4.81
C PRO A 26 -11.32 -5.76 -6.16
N HIS A 27 -12.46 -5.08 -6.26
CA HIS A 27 -12.81 -4.38 -7.48
C HIS A 27 -11.69 -3.41 -7.86
N ILE A 28 -10.86 -3.10 -6.87
CA ILE A 28 -9.75 -2.18 -7.09
C ILE A 28 -8.51 -2.97 -7.51
N THR A 29 -7.51 -2.24 -7.97
CA THR A 29 -6.27 -2.85 -8.40
C THR A 29 -5.09 -2.25 -7.65
N VAL A 30 -3.96 -2.94 -7.74
CA VAL A 30 -2.74 -2.49 -7.07
C VAL A 30 -2.53 -1.00 -7.37
N SER A 31 -2.96 -0.61 -8.55
CA SER A 31 -2.82 0.78 -8.97
C SER A 31 -3.57 1.70 -8.02
N GLN A 32 -4.80 1.31 -7.71
CA GLN A 32 -5.62 2.08 -6.79
C GLN A 32 -5.16 1.88 -5.35
N LEU A 33 -4.76 0.66 -5.05
CA LEU A 33 -4.29 0.33 -3.72
C LEU A 33 -3.07 1.20 -3.37
N LYS A 34 -2.07 1.12 -4.24
CA LYS A 34 -0.86 1.90 -4.04
C LYS A 34 -1.22 3.37 -3.87
N THR A 35 -1.83 3.93 -4.93
CA THR A 35 -2.22 5.32 -4.91
C THR A 35 -2.77 5.70 -3.53
N LEU A 36 -3.63 4.85 -3.00
CA LEU A 36 -4.23 5.09 -1.70
C LEU A 36 -3.12 5.28 -0.67
N ILE A 37 -2.41 4.19 -0.40
CA ILE A 37 -1.32 4.23 0.57
C ILE A 37 -0.36 5.36 0.20
N GLN A 38 -0.18 5.55 -1.10
CA GLN A 38 0.71 6.59 -1.60
C GLN A 38 0.26 7.96 -1.07
N ASP A 39 -1.05 8.09 -0.89
CA ASP A 39 -1.61 9.33 -0.40
C ASP A 39 -1.66 9.30 1.13
N GLN A 40 -2.38 8.32 1.65
CA GLN A 40 -2.50 8.16 3.09
C GLN A 40 -1.12 8.15 3.75
N LEU A 41 -0.29 7.23 3.28
CA LEU A 41 1.05 7.10 3.82
C LEU A 41 1.94 8.19 3.22
N GLN A 42 1.40 8.87 2.21
CA GLN A 42 2.13 9.93 1.55
C GLN A 42 3.45 9.40 0.99
N ILE A 43 3.35 8.33 0.22
CA ILE A 43 4.53 7.72 -0.38
C ILE A 43 4.31 7.59 -1.88
N PRO A 44 5.41 7.82 -2.64
CA PRO A 44 5.35 7.72 -4.09
C PRO A 44 5.31 6.26 -4.54
N ILE A 45 4.35 5.97 -5.42
CA ILE A 45 4.19 4.63 -5.94
C ILE A 45 5.55 4.08 -6.37
N HIS A 46 6.18 4.80 -7.29
CA HIS A 46 7.48 4.41 -7.79
C HIS A 46 8.35 3.90 -6.64
N ASN A 47 8.07 4.44 -5.46
CA ASN A 47 8.82 4.05 -4.27
C ASN A 47 8.07 2.92 -3.55
N GLN A 48 6.76 3.08 -3.46
CA GLN A 48 5.93 2.08 -2.81
C GLN A 48 6.13 0.71 -3.46
N THR A 49 6.30 -0.29 -2.61
CA THR A 49 6.51 -1.66 -3.08
C THR A 49 5.64 -2.63 -2.29
N LEU A 50 4.51 -2.99 -2.88
CA LEU A 50 3.59 -3.92 -2.24
C LEU A 50 4.01 -5.34 -2.56
N SER A 51 3.96 -6.18 -1.54
CA SER A 51 4.34 -7.58 -1.69
C SER A 51 3.78 -8.41 -0.53
N THR A 52 3.52 -9.68 -0.82
CA THR A 52 2.98 -10.57 0.19
C THR A 52 4.12 -11.34 0.86
N ASN A 53 5.24 -10.67 1.00
CA ASN A 53 6.41 -11.29 1.62
C ASN A 53 6.96 -10.36 2.70
N ARG A 54 7.26 -10.94 3.85
CA ARG A 54 7.78 -10.18 4.96
C ARG A 54 9.26 -9.84 4.74
N ASN A 55 9.82 -10.47 3.71
CA ASN A 55 11.22 -10.24 3.36
C ASN A 55 11.36 -8.89 2.67
N LEU A 56 10.21 -8.35 2.27
CA LEU A 56 10.20 -7.06 1.60
C LEU A 56 10.87 -6.01 2.48
N LEU A 57 10.54 -6.07 3.76
CA LEU A 57 11.09 -5.13 4.73
C LEU A 57 12.61 -5.27 4.73
N LEU A 58 13.07 -6.48 4.45
CA LEU A 58 14.50 -6.75 4.42
C LEU A 58 15.14 -5.96 3.28
N ALA A 59 14.55 -6.09 2.11
CA ALA A 59 15.05 -5.40 0.93
C ALA A 59 15.39 -3.95 1.29
N LYS A 60 16.64 -3.60 1.09
CA LYS A 60 17.11 -2.25 1.38
C LYS A 60 17.41 -1.52 0.08
N SER A 61 17.79 -2.30 -0.92
CA SER A 61 18.12 -1.73 -2.22
C SER A 61 16.91 -1.82 -3.15
N PRO A 62 17.03 -1.15 -4.32
CA PRO A 62 15.95 -1.14 -5.30
C PRO A 62 15.89 -2.48 -6.04
N SER A 63 17.06 -3.00 -6.37
CA SER A 63 17.15 -4.26 -7.07
C SER A 63 16.55 -5.39 -6.22
N ASP A 64 16.69 -5.22 -4.91
CA ASP A 64 16.17 -6.21 -3.97
C ASP A 64 14.64 -6.28 -4.11
N PHE A 65 14.03 -5.10 -4.10
CA PHE A 65 12.58 -5.01 -4.22
C PHE A 65 12.11 -5.57 -5.57
N LEU A 66 13.01 -5.55 -6.53
CA LEU A 66 12.70 -6.06 -7.86
C LEU A 66 12.50 -7.57 -7.80
N ALA A 67 12.86 -8.14 -6.65
CA ALA A 67 12.72 -9.57 -6.45
C ALA A 67 11.25 -9.90 -6.21
N PHE A 68 10.54 -8.95 -5.65
CA PHE A 68 9.13 -9.12 -5.36
C PHE A 68 8.26 -8.46 -6.44
N THR A 69 7.70 -9.29 -7.30
CA THR A 69 6.85 -8.79 -8.37
C THR A 69 5.49 -9.50 -8.34
N ASP A 70 4.89 -9.50 -7.16
CA ASP A 70 3.59 -10.14 -6.99
C ASP A 70 2.49 -9.07 -7.11
N MET A 71 2.83 -7.88 -6.66
CA MET A 71 1.88 -6.77 -6.71
C MET A 71 2.45 -5.59 -7.49
N ALA A 72 3.28 -5.92 -8.48
CA ALA A 72 3.89 -4.90 -9.31
C ALA A 72 2.90 -4.45 -10.38
N ASP A 73 2.12 -5.41 -10.86
CA ASP A 73 1.13 -5.12 -11.88
C ASP A 73 0.05 -4.20 -11.30
N PRO A 74 -0.07 -2.99 -11.91
CA PRO A 74 -1.05 -2.02 -11.47
C PRO A 74 -2.47 -2.43 -11.91
N ASN A 75 -2.51 -3.32 -12.88
CA ASN A 75 -3.78 -3.80 -13.40
C ASN A 75 -4.20 -5.07 -12.64
N LEU A 76 -3.35 -5.44 -11.69
CA LEU A 76 -3.62 -6.62 -10.89
C LEU A 76 -4.56 -6.26 -9.74
N ARG A 77 -5.43 -7.19 -9.40
CA ARG A 77 -6.38 -6.99 -8.33
C ARG A 77 -5.90 -7.68 -7.05
N ILE A 78 -6.29 -7.10 -5.92
CA ILE A 78 -5.90 -7.65 -4.63
C ILE A 78 -6.55 -9.03 -4.47
N SER A 79 -7.59 -9.27 -5.25
CA SER A 79 -8.29 -10.53 -5.20
C SER A 79 -7.33 -11.68 -5.52
N SER A 80 -6.36 -11.38 -6.37
CA SER A 80 -5.37 -12.37 -6.77
C SER A 80 -4.79 -13.07 -5.53
N LEU A 81 -4.64 -12.27 -4.47
CA LEU A 81 -4.10 -12.80 -3.23
C LEU A 81 -5.25 -13.08 -2.25
N ASN A 82 -6.39 -12.45 -2.54
CA ASN A 82 -7.56 -12.62 -1.71
C ASN A 82 -7.39 -11.80 -0.43
N LEU A 83 -6.99 -10.56 -0.61
CA LEU A 83 -6.79 -9.67 0.52
C LEU A 83 -8.14 -9.14 1.01
N ALA A 84 -8.46 -9.45 2.25
CA ALA A 84 -9.72 -9.02 2.85
C ALA A 84 -9.42 -8.26 4.14
N HIS A 85 -10.46 -7.61 4.65
CA HIS A 85 -10.34 -6.83 5.87
C HIS A 85 -9.70 -7.71 6.96
N GLY A 86 -8.45 -7.39 7.27
CA GLY A 86 -7.71 -8.12 8.28
C GLY A 86 -6.44 -8.75 7.69
N SER A 87 -6.53 -9.07 6.41
CA SER A 87 -5.40 -9.68 5.72
C SER A 87 -4.11 -8.92 6.07
N MET A 88 -2.99 -9.53 5.70
CA MET A 88 -1.69 -8.94 5.97
C MET A 88 -1.00 -8.52 4.67
N VAL A 89 -0.26 -7.42 4.74
CA VAL A 89 0.45 -6.92 3.58
C VAL A 89 1.74 -6.22 4.04
N TYR A 90 2.68 -6.14 3.12
CA TYR A 90 3.96 -5.50 3.42
C TYR A 90 4.26 -4.39 2.41
N LEU A 91 4.61 -3.23 2.95
CA LEU A 91 4.94 -2.09 2.11
C LEU A 91 6.45 -1.87 2.10
N ALA A 92 6.92 -1.20 1.07
CA ALA A 92 8.33 -0.92 0.93
C ALA A 92 8.52 0.35 0.10
N TYR A 93 9.16 1.33 0.72
CA TYR A 93 9.41 2.60 0.06
C TYR A 93 10.80 3.15 0.41
N GLU A 94 11.37 3.87 -0.54
CA GLU A 94 12.69 4.45 -0.35
C GLU A 94 12.58 5.90 0.12
N GLY A 95 13.40 6.24 1.10
CA GLY A 95 13.40 7.59 1.65
C GLY A 95 12.13 7.85 2.46
N GLU A 96 12.19 8.89 3.28
CA GLU A 96 11.06 9.27 4.11
C GLU A 96 9.82 9.49 3.24
N ARG A 97 8.74 9.89 3.90
CA ARG A 97 7.49 10.15 3.20
C ARG A 97 7.48 11.56 2.62
N THR A 98 6.52 11.80 1.75
CA THR A 98 6.38 13.11 1.11
C THR A 98 5.83 14.12 2.11
N ILE A 99 5.41 15.27 1.57
CA ILE A 99 4.86 16.32 2.39
C ILE A 99 3.33 16.31 2.29
N ARG A 100 2.70 16.47 3.43
CA ARG A 100 1.25 16.47 3.49
C ARG A 100 0.68 17.44 2.44
N GLY A 101 -0.60 17.25 2.14
CA GLY A 101 -1.27 18.10 1.16
C GLY A 101 -2.49 18.77 1.77
N SER A 102 -3.50 17.97 2.04
CA SER A 102 -4.74 18.48 2.62
C SER A 102 -5.56 17.32 3.18
N GLY A 103 -6.43 17.66 4.13
CA GLY A 103 -7.28 16.66 4.76
C GLY A 103 -8.20 17.30 5.79
N PRO A 104 -8.38 16.58 6.93
CA PRO A 104 -9.23 17.07 8.00
C PRO A 104 -8.54 18.19 8.79
N SER A 105 -8.91 19.42 8.45
CA SER A 105 -8.32 20.57 9.11
C SER A 105 -8.88 20.70 10.53
N SER A 106 -8.24 20.01 11.45
CA SER A 106 -8.66 20.03 12.84
C SER A 106 -7.78 21.00 13.64
N GLY A 107 -8.28 22.21 13.80
CA GLY A 107 -7.56 23.23 14.53
C GLY A 107 -6.25 23.59 13.82
N GLY A 1 -21.03 10.72 -7.02
CA GLY A 1 -21.98 11.05 -5.98
C GLY A 1 -21.28 11.18 -4.62
N SER A 2 -22.09 11.24 -3.57
CA SER A 2 -21.57 11.37 -2.23
C SER A 2 -21.67 10.02 -1.51
N SER A 3 -20.68 9.18 -1.75
CA SER A 3 -20.64 7.86 -1.14
C SER A 3 -19.35 7.71 -0.34
N GLY A 4 -19.45 6.98 0.77
CA GLY A 4 -18.31 6.74 1.63
C GLY A 4 -17.73 5.34 1.39
N SER A 5 -16.71 5.02 2.18
CA SER A 5 -16.06 3.73 2.07
C SER A 5 -16.99 2.63 2.58
N SER A 6 -16.87 1.47 1.95
CA SER A 6 -17.69 0.33 2.33
C SER A 6 -17.33 -0.14 3.75
N GLY A 7 -16.03 -0.30 3.97
CA GLY A 7 -15.55 -0.73 5.26
C GLY A 7 -14.52 -1.85 5.12
N THR A 8 -13.48 -1.56 4.34
CA THR A 8 -12.42 -2.54 4.11
C THR A 8 -11.08 -1.98 4.57
N MET A 9 -10.52 -2.63 5.59
CA MET A 9 -9.24 -2.21 6.13
C MET A 9 -8.16 -3.25 5.83
N LEU A 10 -7.04 -2.76 5.32
CA LEU A 10 -5.93 -3.62 4.98
C LEU A 10 -4.77 -3.35 5.94
N ARG A 11 -4.19 -4.43 6.45
CA ARG A 11 -3.08 -4.32 7.38
C ARG A 11 -1.75 -4.39 6.63
N VAL A 12 -1.17 -3.21 6.41
CA VAL A 12 0.10 -3.13 5.71
C VAL A 12 1.23 -3.05 6.73
N ARG A 13 2.39 -3.58 6.32
CA ARG A 13 3.55 -3.58 7.18
C ARG A 13 4.70 -2.81 6.52
N SER A 14 5.34 -1.97 7.31
CA SER A 14 6.45 -1.17 6.82
C SER A 14 7.70 -1.47 7.65
N ARG A 15 8.75 -0.71 7.36
CA ARG A 15 10.01 -0.88 8.06
C ARG A 15 10.09 0.10 9.25
N ASP A 16 8.92 0.45 9.75
CA ASP A 16 8.84 1.37 10.88
C ASP A 16 7.54 1.12 11.64
N GLY A 17 7.07 -0.12 11.56
CA GLY A 17 5.84 -0.50 12.24
C GLY A 17 4.74 -0.82 11.23
N LEU A 18 3.61 -1.28 11.77
CA LEU A 18 2.48 -1.63 10.92
C LEU A 18 1.59 -0.40 10.73
N GLU A 19 1.28 -0.12 9.48
CA GLU A 19 0.44 1.02 9.15
C GLU A 19 -0.91 0.54 8.58
N ARG A 20 -1.94 1.33 8.87
CA ARG A 20 -3.27 1.00 8.40
C ARG A 20 -3.71 1.98 7.31
N VAL A 21 -4.49 1.46 6.37
CA VAL A 21 -4.97 2.27 5.27
C VAL A 21 -6.43 1.91 4.98
N SER A 22 -7.12 2.85 4.35
CA SER A 22 -8.52 2.64 4.01
C SER A 22 -8.66 2.39 2.51
N VAL A 23 -9.38 1.33 2.18
CA VAL A 23 -9.60 0.98 0.79
C VAL A 23 -11.10 0.93 0.50
N ASP A 24 -11.44 0.32 -0.63
CA ASP A 24 -12.83 0.20 -1.02
C ASP A 24 -13.23 -1.28 -1.04
N GLY A 25 -12.36 -2.08 -1.62
CA GLY A 25 -12.60 -3.52 -1.71
C GLY A 25 -11.67 -4.17 -2.73
N PRO A 26 -12.07 -5.39 -3.18
CA PRO A 26 -11.29 -6.12 -4.16
C PRO A 26 -11.45 -5.53 -5.56
N HIS A 27 -12.57 -4.84 -5.75
CA HIS A 27 -12.85 -4.21 -7.03
C HIS A 27 -11.70 -3.28 -7.41
N ILE A 28 -10.91 -2.92 -6.41
CA ILE A 28 -9.78 -2.04 -6.62
C ILE A 28 -8.56 -2.87 -6.99
N THR A 29 -7.67 -2.25 -7.76
CA THR A 29 -6.46 -2.91 -8.19
C THR A 29 -5.24 -2.35 -7.45
N VAL A 30 -4.13 -3.07 -7.58
CA VAL A 30 -2.90 -2.65 -6.92
C VAL A 30 -2.67 -1.16 -7.19
N SER A 31 -2.98 -0.75 -8.41
CA SER A 31 -2.81 0.64 -8.79
C SER A 31 -3.59 1.55 -7.85
N GLN A 32 -4.81 1.12 -7.54
CA GLN A 32 -5.67 1.88 -6.66
C GLN A 32 -5.20 1.73 -5.21
N LEU A 33 -4.69 0.54 -4.90
CA LEU A 33 -4.22 0.25 -3.56
C LEU A 33 -3.04 1.18 -3.24
N LYS A 34 -2.03 1.12 -4.08
CA LYS A 34 -0.84 1.95 -3.90
C LYS A 34 -1.27 3.42 -3.76
N THR A 35 -1.83 3.94 -4.84
CA THR A 35 -2.27 5.31 -4.86
C THR A 35 -2.88 5.70 -3.51
N LEU A 36 -3.76 4.84 -3.02
CA LEU A 36 -4.41 5.08 -1.75
C LEU A 36 -3.35 5.33 -0.67
N ILE A 37 -2.42 4.39 -0.59
CA ILE A 37 -1.34 4.50 0.39
C ILE A 37 -0.44 5.67 0.02
N GLN A 38 -0.02 5.68 -1.25
CA GLN A 38 0.85 6.74 -1.74
C GLN A 38 0.33 8.10 -1.29
N ASP A 39 -0.98 8.16 -1.07
CA ASP A 39 -1.60 9.40 -0.64
C ASP A 39 -1.69 9.42 0.89
N GLN A 40 -2.41 8.44 1.43
CA GLN A 40 -2.57 8.33 2.87
C GLN A 40 -1.21 8.33 3.56
N LEU A 41 -0.37 7.39 3.14
CA LEU A 41 0.97 7.28 3.71
C LEU A 41 1.86 8.37 3.14
N GLN A 42 1.40 8.95 2.04
CA GLN A 42 2.15 10.02 1.39
C GLN A 42 3.51 9.50 0.92
N ILE A 43 3.46 8.48 0.07
CA ILE A 43 4.68 7.89 -0.45
C ILE A 43 4.52 7.66 -1.96
N PRO A 44 5.64 7.89 -2.70
CA PRO A 44 5.65 7.71 -4.14
C PRO A 44 5.65 6.23 -4.51
N ILE A 45 4.65 5.83 -5.27
CA ILE A 45 4.53 4.45 -5.71
C ILE A 45 5.86 3.99 -6.30
N HIS A 46 6.45 4.86 -7.10
CA HIS A 46 7.73 4.55 -7.73
C HIS A 46 8.71 4.03 -6.67
N ASN A 47 8.42 4.38 -5.43
CA ASN A 47 9.27 3.95 -4.32
C ASN A 47 8.58 2.82 -3.56
N GLN A 48 7.25 2.93 -3.47
CA GLN A 48 6.47 1.92 -2.78
C GLN A 48 6.63 0.56 -3.46
N THR A 49 6.73 -0.46 -2.63
CA THR A 49 6.89 -1.82 -3.14
C THR A 49 5.97 -2.78 -2.38
N LEU A 50 4.88 -3.14 -3.03
CA LEU A 50 3.92 -4.05 -2.42
C LEU A 50 4.34 -5.49 -2.69
N SER A 51 4.16 -6.33 -1.69
CA SER A 51 4.52 -7.73 -1.80
C SER A 51 3.78 -8.55 -0.75
N THR A 52 3.89 -9.87 -0.88
CA THR A 52 3.23 -10.77 0.04
C THR A 52 4.27 -11.62 0.79
N ASN A 53 5.41 -11.01 1.07
CA ASN A 53 6.48 -11.68 1.77
C ASN A 53 7.18 -10.70 2.70
N ARG A 54 7.11 -11.01 3.99
CA ARG A 54 7.72 -10.16 5.00
C ARG A 54 9.19 -9.91 4.65
N ASN A 55 9.73 -10.78 3.82
CA ASN A 55 11.11 -10.67 3.40
C ASN A 55 11.30 -9.37 2.63
N LEU A 56 10.18 -8.77 2.24
CA LEU A 56 10.21 -7.53 1.50
C LEU A 56 10.82 -6.43 2.37
N LEU A 57 10.64 -6.58 3.68
CA LEU A 57 11.16 -5.61 4.62
C LEU A 57 12.68 -5.79 4.74
N LEU A 58 13.15 -6.90 4.19
CA LEU A 58 14.57 -7.19 4.22
C LEU A 58 15.27 -6.44 3.10
N ALA A 59 14.64 -6.45 1.92
CA ALA A 59 15.20 -5.78 0.77
C ALA A 59 15.53 -4.32 1.15
N LYS A 60 16.80 -3.99 1.00
CA LYS A 60 17.27 -2.65 1.32
C LYS A 60 17.64 -1.93 0.03
N SER A 61 18.10 -2.71 -0.94
CA SER A 61 18.50 -2.16 -2.22
C SER A 61 17.30 -2.16 -3.19
N PRO A 62 17.51 -1.50 -4.36
CA PRO A 62 16.48 -1.42 -5.37
C PRO A 62 16.32 -2.76 -6.11
N SER A 63 17.45 -3.31 -6.48
CA SER A 63 17.46 -4.58 -7.20
C SER A 63 16.84 -5.68 -6.33
N ASP A 64 16.95 -5.49 -5.02
CA ASP A 64 16.41 -6.44 -4.08
C ASP A 64 14.88 -6.44 -4.18
N PHE A 65 14.32 -5.24 -4.19
CA PHE A 65 12.89 -5.08 -4.29
C PHE A 65 12.36 -5.63 -5.61
N LEU A 66 13.27 -5.73 -6.58
CA LEU A 66 12.91 -6.23 -7.90
C LEU A 66 12.64 -7.74 -7.81
N ALA A 67 13.00 -8.30 -6.66
CA ALA A 67 12.80 -9.73 -6.43
C ALA A 67 11.31 -10.00 -6.16
N PHE A 68 10.63 -8.95 -5.72
CA PHE A 68 9.22 -9.06 -5.41
C PHE A 68 8.37 -8.43 -6.52
N THR A 69 7.82 -9.29 -7.37
CA THR A 69 7.00 -8.83 -8.47
C THR A 69 5.66 -9.57 -8.47
N ASP A 70 4.91 -9.38 -7.39
CA ASP A 70 3.61 -10.02 -7.26
C ASP A 70 2.51 -8.96 -7.36
N MET A 71 2.77 -7.83 -6.74
CA MET A 71 1.83 -6.73 -6.75
C MET A 71 2.36 -5.54 -7.55
N ALA A 72 3.27 -5.85 -8.46
CA ALA A 72 3.87 -4.81 -9.29
C ALA A 72 2.90 -4.43 -10.41
N ASP A 73 2.01 -5.36 -10.72
CA ASP A 73 1.02 -5.14 -11.76
C ASP A 73 -0.10 -4.27 -11.21
N PRO A 74 -0.28 -3.08 -11.85
CA PRO A 74 -1.31 -2.15 -11.43
C PRO A 74 -2.70 -2.63 -11.87
N ASN A 75 -2.70 -3.43 -12.93
CA ASN A 75 -3.95 -3.96 -13.46
C ASN A 75 -4.33 -5.23 -12.69
N LEU A 76 -3.52 -5.53 -11.68
CA LEU A 76 -3.75 -6.71 -10.86
C LEU A 76 -4.70 -6.33 -9.71
N ARG A 77 -5.62 -7.24 -9.41
CA ARG A 77 -6.57 -7.03 -8.35
C ARG A 77 -6.12 -7.75 -7.07
N ILE A 78 -6.45 -7.15 -5.94
CA ILE A 78 -6.10 -7.73 -4.66
C ILE A 78 -6.76 -9.10 -4.51
N SER A 79 -7.73 -9.33 -5.37
CA SER A 79 -8.46 -10.59 -5.35
C SER A 79 -7.54 -11.74 -5.78
N SER A 80 -6.59 -11.40 -6.63
CA SER A 80 -5.65 -12.39 -7.12
C SER A 80 -4.84 -12.97 -5.95
N LEU A 81 -4.64 -12.14 -4.95
CA LEU A 81 -3.89 -12.56 -3.77
C LEU A 81 -4.88 -12.90 -2.65
N ASN A 82 -6.14 -12.59 -2.89
CA ASN A 82 -7.19 -12.85 -1.92
C ASN A 82 -6.92 -12.01 -0.66
N LEU A 83 -7.14 -10.71 -0.80
CA LEU A 83 -6.94 -9.79 0.30
C LEU A 83 -8.29 -9.23 0.74
N ALA A 84 -8.57 -9.38 2.03
CA ALA A 84 -9.81 -8.89 2.59
C ALA A 84 -9.54 -8.22 3.93
N HIS A 85 -10.57 -7.58 4.46
CA HIS A 85 -10.45 -6.89 5.74
C HIS A 85 -9.88 -7.85 6.78
N GLY A 86 -8.57 -7.79 6.95
CA GLY A 86 -7.89 -8.64 7.91
C GLY A 86 -6.62 -9.23 7.31
N SER A 87 -6.53 -9.14 6.00
CA SER A 87 -5.37 -9.67 5.29
C SER A 87 -4.10 -8.93 5.73
N MET A 88 -2.97 -9.41 5.23
CA MET A 88 -1.69 -8.82 5.57
C MET A 88 -0.91 -8.45 4.31
N VAL A 89 -0.16 -7.35 4.42
CA VAL A 89 0.63 -6.87 3.30
C VAL A 89 1.84 -6.11 3.83
N TYR A 90 2.86 -6.03 2.99
CA TYR A 90 4.08 -5.33 3.36
C TYR A 90 4.43 -4.25 2.34
N LEU A 91 4.77 -3.08 2.86
CA LEU A 91 5.13 -1.95 2.01
C LEU A 91 6.64 -1.73 2.07
N ALA A 92 7.14 -1.06 1.04
CA ALA A 92 8.57 -0.77 0.97
C ALA A 92 8.78 0.47 0.11
N TYR A 93 9.38 1.49 0.73
CA TYR A 93 9.66 2.73 0.04
C TYR A 93 11.00 3.31 0.48
N GLU A 94 11.62 4.04 -0.44
CA GLU A 94 12.91 4.66 -0.17
C GLU A 94 12.71 6.11 0.27
N GLY A 95 13.44 6.48 1.31
CA GLY A 95 13.36 7.83 1.84
C GLY A 95 12.10 8.01 2.69
N GLU A 96 11.98 9.20 3.26
CA GLU A 96 10.83 9.52 4.10
C GLU A 96 9.59 9.72 3.24
N ARG A 97 8.52 10.15 3.88
CA ARG A 97 7.27 10.39 3.19
C ARG A 97 7.25 11.80 2.58
N THR A 98 6.18 12.09 1.86
CA THR A 98 6.03 13.38 1.23
C THR A 98 5.23 14.32 2.14
N ILE A 99 4.83 15.45 1.56
CA ILE A 99 4.06 16.44 2.30
C ILE A 99 2.59 16.04 2.30
N ARG A 100 1.93 16.33 3.40
CA ARG A 100 0.52 16.01 3.54
C ARG A 100 -0.34 16.98 2.72
N GLY A 101 -1.53 16.53 2.38
CA GLY A 101 -2.45 17.34 1.60
C GLY A 101 -3.90 17.04 1.97
N SER A 102 -4.61 18.08 2.41
CA SER A 102 -6.00 17.94 2.79
C SER A 102 -6.86 17.63 1.56
N GLY A 103 -6.80 18.55 0.60
CA GLY A 103 -7.57 18.39 -0.62
C GLY A 103 -9.07 18.34 -0.33
N PRO A 104 -9.69 19.54 -0.28
CA PRO A 104 -11.11 19.63 -0.01
C PRO A 104 -11.93 19.24 -1.24
N SER A 105 -13.10 18.66 -0.98
CA SER A 105 -13.97 18.23 -2.04
C SER A 105 -15.37 17.94 -1.49
N SER A 106 -16.38 18.24 -2.29
CA SER A 106 -17.76 18.02 -1.90
C SER A 106 -18.10 16.53 -2.04
N GLY A 107 -18.42 15.93 -0.90
CA GLY A 107 -18.77 14.51 -0.88
C GLY A 107 -17.60 13.67 -0.38
N GLY A 1 -8.01 10.81 15.68
CA GLY A 1 -8.71 9.57 15.42
C GLY A 1 -9.28 9.54 14.00
N SER A 2 -9.44 8.33 13.48
CA SER A 2 -9.99 8.16 12.15
C SER A 2 -11.51 8.32 12.16
N SER A 3 -11.93 9.57 12.01
CA SER A 3 -13.36 9.87 12.01
C SER A 3 -13.86 9.96 10.57
N GLY A 4 -14.33 8.83 10.06
CA GLY A 4 -14.85 8.78 8.71
C GLY A 4 -15.45 7.40 8.41
N SER A 5 -15.51 7.09 7.12
CA SER A 5 -16.05 5.81 6.69
C SER A 5 -15.22 4.66 7.25
N SER A 6 -15.76 3.46 7.14
CA SER A 6 -15.08 2.27 7.64
C SER A 6 -14.50 1.48 6.46
N GLY A 7 -15.39 1.10 5.55
CA GLY A 7 -14.99 0.34 4.39
C GLY A 7 -14.06 -0.81 4.78
N THR A 8 -13.27 -1.25 3.80
CA THR A 8 -12.34 -2.34 4.03
C THR A 8 -10.97 -1.78 4.45
N MET A 9 -10.36 -2.49 5.39
CA MET A 9 -9.05 -2.08 5.89
C MET A 9 -8.02 -3.20 5.68
N LEU A 10 -6.85 -2.79 5.23
CA LEU A 10 -5.76 -3.74 4.98
C LEU A 10 -4.57 -3.36 5.86
N ARG A 11 -3.73 -4.36 6.11
CA ARG A 11 -2.54 -4.15 6.92
C ARG A 11 -1.32 -3.92 6.03
N VAL A 12 -0.71 -2.76 6.20
CA VAL A 12 0.46 -2.40 5.42
C VAL A 12 1.65 -2.22 6.36
N ARG A 13 2.54 -3.21 6.33
CA ARG A 13 3.73 -3.17 7.17
C ARG A 13 4.79 -2.26 6.54
N SER A 14 5.21 -1.27 7.31
CA SER A 14 6.22 -0.34 6.85
C SER A 14 7.37 -0.25 7.86
N ARG A 15 8.43 0.41 7.46
CA ARG A 15 9.59 0.57 8.31
C ARG A 15 9.17 1.07 9.69
N ASP A 16 8.46 2.18 9.69
CA ASP A 16 7.98 2.76 10.93
C ASP A 16 7.43 1.66 11.84
N GLY A 17 6.69 0.74 11.22
CA GLY A 17 6.10 -0.36 11.95
C GLY A 17 5.03 -1.06 11.12
N LEU A 18 3.80 -0.95 11.59
CA LEU A 18 2.68 -1.56 10.90
C LEU A 18 1.57 -0.52 10.71
N GLU A 19 1.46 -0.04 9.48
CA GLU A 19 0.47 0.96 9.15
C GLU A 19 -0.71 0.31 8.43
N ARG A 20 -1.86 0.96 8.52
CA ARG A 20 -3.06 0.45 7.88
C ARG A 20 -3.63 1.49 6.91
N VAL A 21 -4.39 1.00 5.94
CA VAL A 21 -4.98 1.88 4.95
C VAL A 21 -6.39 1.38 4.62
N SER A 22 -7.27 2.33 4.31
CA SER A 22 -8.65 2.00 3.98
C SER A 22 -8.81 1.94 2.46
N VAL A 23 -9.46 0.87 2.02
CA VAL A 23 -9.69 0.69 0.59
C VAL A 23 -11.20 0.64 0.33
N ASP A 24 -11.54 0.23 -0.88
CA ASP A 24 -12.94 0.13 -1.27
C ASP A 24 -13.34 -1.34 -1.36
N GLY A 25 -12.49 -2.12 -2.01
CA GLY A 25 -12.74 -3.55 -2.17
C GLY A 25 -11.76 -4.16 -3.16
N PRO A 26 -12.05 -5.44 -3.53
CA PRO A 26 -11.20 -6.16 -4.47
C PRO A 26 -11.42 -5.67 -5.90
N HIS A 27 -12.61 -5.13 -6.12
CA HIS A 27 -12.95 -4.61 -7.44
C HIS A 27 -11.87 -3.64 -7.91
N ILE A 28 -11.11 -3.13 -6.94
CA ILE A 28 -10.04 -2.19 -7.25
C ILE A 28 -8.78 -2.97 -7.61
N THR A 29 -7.91 -2.31 -8.37
CA THR A 29 -6.67 -2.93 -8.79
C THR A 29 -5.50 -2.43 -7.93
N VAL A 30 -4.36 -3.06 -8.11
CA VAL A 30 -3.17 -2.69 -7.37
C VAL A 30 -2.93 -1.19 -7.52
N SER A 31 -3.00 -0.73 -8.76
CA SER A 31 -2.78 0.67 -9.05
C SER A 31 -3.60 1.54 -8.10
N GLN A 32 -4.87 1.19 -7.96
CA GLN A 32 -5.76 1.92 -7.08
C GLN A 32 -5.32 1.76 -5.62
N LEU A 33 -4.69 0.63 -5.35
CA LEU A 33 -4.22 0.34 -4.01
C LEU A 33 -3.01 1.23 -3.70
N LYS A 34 -2.02 1.15 -4.58
CA LYS A 34 -0.81 1.94 -4.41
C LYS A 34 -1.19 3.39 -4.12
N THR A 35 -1.89 3.99 -5.07
CA THR A 35 -2.31 5.38 -4.93
C THR A 35 -2.81 5.64 -3.51
N LEU A 36 -3.77 4.82 -3.09
CA LEU A 36 -4.34 4.95 -1.76
C LEU A 36 -3.21 5.14 -0.74
N ILE A 37 -2.46 4.06 -0.53
CA ILE A 37 -1.35 4.09 0.41
C ILE A 37 -0.44 5.27 0.06
N GLN A 38 -0.16 5.41 -1.22
CA GLN A 38 0.70 6.48 -1.69
C GLN A 38 0.17 7.84 -1.20
N ASP A 39 -1.14 7.90 -1.04
CA ASP A 39 -1.78 9.13 -0.58
C ASP A 39 -1.81 9.13 0.95
N GLN A 40 -2.57 8.20 1.49
CA GLN A 40 -2.69 8.09 2.94
C GLN A 40 -1.31 8.11 3.60
N LEU A 41 -0.46 7.20 3.14
CA LEU A 41 0.89 7.11 3.68
C LEU A 41 1.74 8.25 3.11
N GLN A 42 1.24 8.82 2.02
CA GLN A 42 1.93 9.91 1.37
C GLN A 42 3.28 9.43 0.81
N ILE A 43 3.26 8.23 0.25
CA ILE A 43 4.46 7.65 -0.31
C ILE A 43 4.30 7.52 -1.83
N PRO A 44 5.42 7.77 -2.56
CA PRO A 44 5.41 7.69 -4.00
C PRO A 44 5.40 6.24 -4.48
N ILE A 45 4.48 5.96 -5.39
CA ILE A 45 4.35 4.62 -5.93
C ILE A 45 5.73 4.08 -6.30
N HIS A 46 6.39 4.78 -7.20
CA HIS A 46 7.72 4.39 -7.65
C HIS A 46 8.53 3.89 -6.45
N ASN A 47 8.21 4.44 -5.29
CA ASN A 47 8.91 4.07 -4.07
C ASN A 47 8.13 2.94 -3.38
N GLN A 48 6.83 3.14 -3.27
CA GLN A 48 5.97 2.15 -2.64
C GLN A 48 6.22 0.77 -3.24
N THR A 49 6.30 -0.22 -2.37
CA THR A 49 6.53 -1.59 -2.80
C THR A 49 5.59 -2.54 -2.07
N LEU A 50 4.59 -3.01 -2.79
CA LEU A 50 3.61 -3.93 -2.23
C LEU A 50 4.11 -5.36 -2.38
N SER A 51 4.03 -6.11 -1.30
CA SER A 51 4.47 -7.49 -1.31
C SER A 51 3.88 -8.24 -0.10
N THR A 52 3.51 -9.48 -0.33
CA THR A 52 2.94 -10.31 0.72
C THR A 52 4.04 -11.09 1.43
N ASN A 53 5.19 -10.47 1.55
CA ASN A 53 6.32 -11.10 2.19
C ASN A 53 7.04 -10.08 3.08
N ARG A 54 7.57 -10.56 4.20
CA ARG A 54 8.28 -9.69 5.12
C ARG A 54 9.67 -9.37 4.59
N ASN A 55 10.18 -10.28 3.76
CA ASN A 55 11.49 -10.10 3.17
C ASN A 55 11.59 -8.71 2.55
N LEU A 56 10.43 -8.17 2.23
CA LEU A 56 10.37 -6.85 1.62
C LEU A 56 11.12 -5.85 2.50
N LEU A 57 10.96 -6.02 3.80
CA LEU A 57 11.62 -5.14 4.75
C LEU A 57 13.12 -5.42 4.75
N LEU A 58 13.46 -6.62 4.31
CA LEU A 58 14.84 -7.03 4.24
C LEU A 58 15.50 -6.40 3.01
N ALA A 59 14.72 -6.29 1.95
CA ALA A 59 15.22 -5.71 0.71
C ALA A 59 15.70 -4.29 0.99
N LYS A 60 17.00 -4.09 0.79
CA LYS A 60 17.61 -2.79 1.00
C LYS A 60 18.04 -2.20 -0.34
N SER A 61 18.29 -3.10 -1.28
CA SER A 61 18.71 -2.68 -2.61
C SER A 61 17.48 -2.51 -3.51
N PRO A 62 17.70 -1.77 -4.64
CA PRO A 62 16.62 -1.52 -5.59
C PRO A 62 16.34 -2.77 -6.43
N SER A 63 17.35 -3.61 -6.55
CA SER A 63 17.22 -4.85 -7.31
C SER A 63 16.51 -5.91 -6.47
N ASP A 64 16.73 -5.83 -5.16
CA ASP A 64 16.12 -6.77 -4.24
C ASP A 64 14.60 -6.65 -4.33
N PHE A 65 14.14 -5.41 -4.29
CA PHE A 65 12.71 -5.14 -4.36
C PHE A 65 12.10 -5.74 -5.63
N LEU A 66 12.93 -5.89 -6.64
CA LEU A 66 12.49 -6.45 -7.90
C LEU A 66 12.17 -7.93 -7.72
N ALA A 67 12.54 -8.45 -6.55
CA ALA A 67 12.29 -9.84 -6.24
C ALA A 67 10.81 -10.04 -5.97
N PHE A 68 10.18 -9.01 -5.43
CA PHE A 68 8.77 -9.06 -5.12
C PHE A 68 7.93 -8.50 -6.27
N THR A 69 7.46 -9.40 -7.12
CA THR A 69 6.65 -9.01 -8.26
C THR A 69 5.26 -9.63 -8.17
N ASP A 70 4.68 -9.54 -6.98
CA ASP A 70 3.35 -10.09 -6.75
C ASP A 70 2.31 -9.02 -7.04
N MET A 71 2.55 -7.84 -6.48
CA MET A 71 1.63 -6.72 -6.66
C MET A 71 2.29 -5.60 -7.46
N ALA A 72 2.95 -5.99 -8.54
CA ALA A 72 3.63 -5.03 -9.39
C ALA A 72 2.68 -4.58 -10.51
N ASP A 73 1.93 -5.54 -11.02
CA ASP A 73 0.98 -5.26 -12.08
C ASP A 73 -0.13 -4.35 -11.55
N PRO A 74 -0.25 -3.16 -12.19
CA PRO A 74 -1.26 -2.19 -11.79
C PRO A 74 -2.65 -2.64 -12.25
N ASN A 75 -2.65 -3.50 -13.26
CA ASN A 75 -3.91 -4.00 -13.81
C ASN A 75 -4.32 -5.27 -13.06
N LEU A 76 -3.55 -5.58 -12.03
CA LEU A 76 -3.81 -6.76 -11.22
C LEU A 76 -4.75 -6.39 -10.08
N ARG A 77 -5.71 -7.28 -9.83
CA ARG A 77 -6.67 -7.06 -8.76
C ARG A 77 -6.20 -7.74 -7.47
N ILE A 78 -6.45 -7.07 -6.36
CA ILE A 78 -6.06 -7.60 -5.06
C ILE A 78 -6.70 -8.97 -4.86
N SER A 79 -7.81 -9.18 -5.55
CA SER A 79 -8.53 -10.43 -5.46
C SER A 79 -7.60 -11.60 -5.84
N SER A 80 -6.67 -11.30 -6.72
CA SER A 80 -5.72 -12.30 -7.17
C SER A 80 -5.04 -12.95 -5.96
N LEU A 81 -4.66 -12.10 -5.01
CA LEU A 81 -4.00 -12.58 -3.81
C LEU A 81 -5.05 -12.90 -2.75
N ASN A 82 -6.26 -12.41 -2.98
CA ASN A 82 -7.35 -12.64 -2.06
C ASN A 82 -7.04 -11.95 -0.73
N LEU A 83 -7.17 -10.63 -0.74
CA LEU A 83 -6.90 -9.86 0.45
C LEU A 83 -8.23 -9.33 1.01
N ALA A 84 -8.51 -9.73 2.24
CA ALA A 84 -9.74 -9.31 2.90
C ALA A 84 -9.40 -8.65 4.23
N HIS A 85 -10.38 -7.96 4.78
CA HIS A 85 -10.19 -7.27 6.05
C HIS A 85 -9.55 -8.23 7.05
N GLY A 86 -8.28 -7.96 7.35
CA GLY A 86 -7.55 -8.78 8.29
C GLY A 86 -6.22 -9.27 7.67
N SER A 87 -6.28 -9.55 6.37
CA SER A 87 -5.12 -10.02 5.66
C SER A 87 -3.89 -9.18 6.04
N MET A 88 -2.73 -9.65 5.62
CA MET A 88 -1.49 -8.95 5.91
C MET A 88 -0.77 -8.57 4.62
N VAL A 89 -0.07 -7.44 4.68
CA VAL A 89 0.68 -6.96 3.53
C VAL A 89 1.84 -6.09 4.01
N TYR A 90 2.88 -6.03 3.18
CA TYR A 90 4.05 -5.24 3.50
C TYR A 90 4.22 -4.08 2.52
N LEU A 91 4.95 -3.07 2.97
CA LEU A 91 5.20 -1.91 2.14
C LEU A 91 6.64 -1.45 2.33
N ALA A 92 7.39 -1.45 1.23
CA ALA A 92 8.78 -1.04 1.26
C ALA A 92 8.99 0.13 0.30
N TYR A 93 9.43 1.24 0.85
CA TYR A 93 9.68 2.43 0.06
C TYR A 93 11.05 3.03 0.37
N GLU A 94 11.44 3.98 -0.46
CA GLU A 94 12.73 4.64 -0.29
C GLU A 94 12.54 6.05 0.27
N GLY A 95 13.38 6.41 1.22
CA GLY A 95 13.31 7.72 1.84
C GLY A 95 12.00 7.89 2.60
N GLU A 96 12.07 8.68 3.66
CA GLU A 96 10.89 8.93 4.48
C GLU A 96 9.72 9.35 3.61
N ARG A 97 8.60 9.60 4.25
CA ARG A 97 7.39 10.02 3.55
C ARG A 97 7.49 11.48 3.15
N THR A 98 6.64 11.87 2.21
CA THR A 98 6.62 13.24 1.73
C THR A 98 6.14 14.19 2.84
N ILE A 99 5.81 15.41 2.42
CA ILE A 99 5.34 16.40 3.36
C ILE A 99 3.85 16.18 3.64
N ARG A 100 3.42 16.62 4.81
CA ARG A 100 2.03 16.48 5.20
C ARG A 100 1.59 15.01 5.06
N GLY A 101 2.07 14.19 5.98
CA GLY A 101 1.73 12.78 5.97
C GLY A 101 0.35 12.54 6.56
N SER A 102 0.24 12.79 7.85
CA SER A 102 -1.02 12.62 8.54
C SER A 102 -2.14 13.36 7.81
N GLY A 103 -1.99 14.68 7.76
CA GLY A 103 -2.98 15.52 7.11
C GLY A 103 -2.58 16.99 7.17
N PRO A 104 -3.18 17.80 6.26
CA PRO A 104 -2.90 19.22 6.21
C PRO A 104 -3.58 19.95 7.36
N SER A 105 -2.86 20.02 8.47
CA SER A 105 -3.38 20.70 9.66
C SER A 105 -3.78 22.12 9.31
N SER A 106 -5.01 22.47 9.68
CA SER A 106 -5.52 23.80 9.41
C SER A 106 -5.08 24.77 10.50
N GLY A 107 -4.65 25.95 10.08
CA GLY A 107 -4.19 26.96 11.01
C GLY A 107 -4.51 28.37 10.48
N GLY A 1 -20.33 13.35 12.83
CA GLY A 1 -20.66 12.18 13.63
C GLY A 1 -19.80 10.98 13.23
N SER A 2 -19.02 10.50 14.18
CA SER A 2 -18.14 9.36 13.95
C SER A 2 -18.20 8.40 15.13
N SER A 3 -19.02 7.37 14.98
CA SER A 3 -19.17 6.37 16.03
C SER A 3 -18.55 5.05 15.59
N GLY A 4 -17.44 4.71 16.23
CA GLY A 4 -16.75 3.48 15.92
C GLY A 4 -16.24 3.49 14.47
N SER A 5 -15.46 2.46 14.15
CA SER A 5 -14.91 2.34 12.81
C SER A 5 -15.77 1.41 11.96
N SER A 6 -15.54 1.47 10.66
CA SER A 6 -16.30 0.63 9.73
C SER A 6 -15.72 0.77 8.32
N GLY A 7 -15.79 -0.31 7.57
CA GLY A 7 -15.29 -0.32 6.21
C GLY A 7 -14.25 -1.44 6.01
N THR A 8 -13.55 -1.35 4.89
CA THR A 8 -12.53 -2.34 4.58
C THR A 8 -11.13 -1.76 4.81
N MET A 9 -10.47 -2.27 5.83
CA MET A 9 -9.14 -1.82 6.17
C MET A 9 -8.10 -2.91 5.89
N LEU A 10 -7.03 -2.52 5.22
CA LEU A 10 -5.96 -3.45 4.89
C LEU A 10 -4.70 -3.08 5.67
N ARG A 11 -4.12 -4.06 6.31
CA ARG A 11 -2.91 -3.85 7.08
C ARG A 11 -1.68 -3.85 6.17
N VAL A 12 -0.89 -2.80 6.29
CA VAL A 12 0.31 -2.67 5.48
C VAL A 12 1.52 -2.53 6.40
N ARG A 13 2.30 -3.60 6.47
CA ARG A 13 3.49 -3.61 7.30
C ARG A 13 4.64 -2.91 6.59
N SER A 14 5.34 -2.06 7.34
CA SER A 14 6.47 -1.33 6.79
C SER A 14 7.69 -1.48 7.70
N ARG A 15 8.85 -1.17 7.14
CA ARG A 15 10.09 -1.27 7.88
C ARG A 15 10.14 -0.21 8.98
N ASP A 16 9.23 0.76 8.87
CA ASP A 16 9.16 1.84 9.84
C ASP A 16 8.14 1.48 10.92
N GLY A 17 7.36 0.44 10.64
CA GLY A 17 6.35 -0.01 11.57
C GLY A 17 5.07 -0.42 10.84
N LEU A 18 4.30 -1.27 11.50
CA LEU A 18 3.05 -1.75 10.93
C LEU A 18 2.02 -0.62 10.93
N GLU A 19 1.37 -0.45 9.80
CA GLU A 19 0.36 0.59 9.66
C GLU A 19 -0.89 0.03 8.97
N ARG A 20 -1.93 0.85 8.98
CA ARG A 20 -3.19 0.45 8.36
C ARG A 20 -3.62 1.48 7.32
N VAL A 21 -4.19 0.98 6.23
CA VAL A 21 -4.65 1.83 5.16
C VAL A 21 -6.08 1.46 4.79
N SER A 22 -6.85 2.48 4.41
CA SER A 22 -8.24 2.27 4.04
C SER A 22 -8.33 1.89 2.55
N VAL A 23 -9.40 1.20 2.21
CA VAL A 23 -9.61 0.77 0.83
C VAL A 23 -11.10 0.82 0.52
N ASP A 24 -11.47 0.17 -0.58
CA ASP A 24 -12.85 0.14 -1.01
C ASP A 24 -13.31 -1.32 -1.12
N GLY A 25 -12.46 -2.13 -1.73
CA GLY A 25 -12.76 -3.54 -1.90
C GLY A 25 -11.85 -4.17 -2.96
N PRO A 26 -12.28 -5.37 -3.44
CA PRO A 26 -11.51 -6.09 -4.44
C PRO A 26 -11.67 -5.44 -5.82
N HIS A 27 -12.77 -4.73 -5.98
CA HIS A 27 -13.05 -4.05 -7.24
C HIS A 27 -11.90 -3.10 -7.58
N ILE A 28 -11.11 -2.80 -6.57
CA ILE A 28 -9.98 -1.90 -6.74
C ILE A 28 -8.75 -2.72 -7.18
N THR A 29 -7.91 -2.08 -7.97
CA THR A 29 -6.71 -2.74 -8.46
C THR A 29 -5.47 -2.21 -7.72
N VAL A 30 -4.34 -2.86 -7.99
CA VAL A 30 -3.09 -2.46 -7.36
C VAL A 30 -2.87 -0.96 -7.57
N SER A 31 -3.25 -0.50 -8.75
CA SER A 31 -3.09 0.91 -9.09
C SER A 31 -3.82 1.78 -8.06
N GLN A 32 -5.03 1.35 -7.73
CA GLN A 32 -5.84 2.07 -6.76
C GLN A 32 -5.31 1.83 -5.34
N LEU A 33 -4.77 0.64 -5.14
CA LEU A 33 -4.23 0.27 -3.85
C LEU A 33 -3.01 1.14 -3.55
N LYS A 34 -2.01 1.01 -4.39
CA LYS A 34 -0.79 1.77 -4.23
C LYS A 34 -1.13 3.25 -4.01
N THR A 35 -1.96 3.76 -4.91
CA THR A 35 -2.38 5.15 -4.83
C THR A 35 -2.86 5.48 -3.42
N LEU A 36 -3.70 4.60 -2.89
CA LEU A 36 -4.24 4.79 -1.56
C LEU A 36 -3.09 5.00 -0.56
N ILE A 37 -2.34 3.92 -0.36
CA ILE A 37 -1.22 3.98 0.56
C ILE A 37 -0.30 5.14 0.17
N GLN A 38 -0.20 5.36 -1.13
CA GLN A 38 0.64 6.44 -1.65
C GLN A 38 0.11 7.79 -1.18
N ASP A 39 -1.20 7.85 -0.99
CA ASP A 39 -1.86 9.06 -0.55
C ASP A 39 -1.94 9.07 0.98
N GLN A 40 -2.52 8.00 1.51
CA GLN A 40 -2.67 7.87 2.95
C GLN A 40 -1.31 7.96 3.64
N LEU A 41 -0.42 7.06 3.27
CA LEU A 41 0.91 7.03 3.84
C LEU A 41 1.76 8.14 3.20
N GLN A 42 1.20 8.74 2.16
CA GLN A 42 1.88 9.82 1.47
C GLN A 42 3.23 9.33 0.94
N ILE A 43 3.18 8.25 0.18
CA ILE A 43 4.39 7.67 -0.40
C ILE A 43 4.20 7.51 -1.90
N PRO A 44 5.31 7.78 -2.65
CA PRO A 44 5.28 7.66 -4.10
C PRO A 44 5.29 6.19 -4.53
N ILE A 45 4.33 5.85 -5.38
CA ILE A 45 4.22 4.49 -5.88
C ILE A 45 5.59 4.00 -6.35
N HIS A 46 6.15 4.76 -7.29
CA HIS A 46 7.45 4.42 -7.84
C HIS A 46 8.37 3.94 -6.72
N ASN A 47 8.12 4.45 -5.52
CA ASN A 47 8.90 4.09 -4.36
C ASN A 47 8.23 2.93 -3.63
N GLN A 48 6.92 3.07 -3.45
CA GLN A 48 6.15 2.06 -2.77
C GLN A 48 6.45 0.68 -3.35
N THR A 49 6.50 -0.31 -2.47
CA THR A 49 6.76 -1.67 -2.89
C THR A 49 5.80 -2.65 -2.21
N LEU A 50 4.84 -3.11 -2.99
CA LEU A 50 3.85 -4.05 -2.48
C LEU A 50 4.36 -5.48 -2.67
N SER A 51 4.31 -6.24 -1.58
CA SER A 51 4.76 -7.62 -1.61
C SER A 51 4.21 -8.37 -0.39
N THR A 52 3.74 -9.58 -0.64
CA THR A 52 3.18 -10.41 0.41
C THR A 52 4.29 -11.26 1.05
N ASN A 53 5.47 -10.68 1.11
CA ASN A 53 6.61 -11.37 1.69
C ASN A 53 7.26 -10.46 2.74
N ARG A 54 7.18 -10.90 3.98
CA ARG A 54 7.75 -10.15 5.09
C ARG A 54 9.25 -9.87 4.82
N ASN A 55 9.80 -10.66 3.92
CA ASN A 55 11.20 -10.52 3.56
C ASN A 55 11.42 -9.16 2.89
N LEU A 56 10.31 -8.52 2.56
CA LEU A 56 10.37 -7.21 1.92
C LEU A 56 11.08 -6.22 2.84
N LEU A 57 10.67 -6.23 4.09
CA LEU A 57 11.26 -5.35 5.09
C LEU A 57 12.77 -5.56 5.12
N LEU A 58 13.16 -6.78 4.80
CA LEU A 58 14.58 -7.13 4.79
C LEU A 58 15.28 -6.39 3.65
N ALA A 59 14.67 -6.47 2.47
CA ALA A 59 15.22 -5.81 1.30
C ALA A 59 15.65 -4.39 1.67
N LYS A 60 16.94 -4.14 1.52
CA LYS A 60 17.50 -2.83 1.83
C LYS A 60 17.94 -2.14 0.53
N SER A 61 18.18 -2.96 -0.48
CA SER A 61 18.61 -2.44 -1.77
C SER A 61 17.46 -2.55 -2.78
N PRO A 62 17.72 -2.02 -4.00
CA PRO A 62 16.73 -2.05 -5.06
C PRO A 62 16.60 -3.44 -5.66
N SER A 63 17.74 -4.01 -6.01
CA SER A 63 17.77 -5.34 -6.59
C SER A 63 16.94 -6.31 -5.74
N ASP A 64 17.02 -6.10 -4.43
CA ASP A 64 16.27 -6.94 -3.50
C ASP A 64 14.78 -6.82 -3.80
N PHE A 65 14.30 -5.59 -3.82
CA PHE A 65 12.90 -5.33 -4.08
C PHE A 65 12.51 -5.81 -5.48
N LEU A 66 13.52 -5.91 -6.33
CA LEU A 66 13.29 -6.36 -7.70
C LEU A 66 12.95 -7.85 -7.70
N ALA A 67 13.08 -8.45 -6.52
CA ALA A 67 12.78 -9.87 -6.37
C ALA A 67 11.28 -10.05 -6.18
N PHE A 68 10.64 -9.01 -5.64
CA PHE A 68 9.21 -9.04 -5.41
C PHE A 68 8.46 -8.31 -6.51
N THR A 69 7.60 -9.05 -7.18
CA THR A 69 6.81 -8.48 -8.27
C THR A 69 5.46 -9.20 -8.37
N ASP A 70 4.80 -9.33 -7.23
CA ASP A 70 3.50 -9.99 -7.18
C ASP A 70 2.41 -8.96 -7.42
N MET A 71 2.65 -7.74 -6.95
CA MET A 71 1.70 -6.67 -7.10
C MET A 71 2.31 -5.49 -7.86
N ALA A 72 2.96 -5.82 -8.97
CA ALA A 72 3.59 -4.81 -9.81
C ALA A 72 2.58 -4.30 -10.83
N ASP A 73 1.73 -5.21 -11.28
CA ASP A 73 0.71 -4.86 -12.26
C ASP A 73 -0.35 -3.98 -11.60
N PRO A 74 -0.50 -2.74 -12.16
CA PRO A 74 -1.47 -1.81 -11.64
C PRO A 74 -2.89 -2.20 -12.04
N ASN A 75 -2.97 -3.04 -13.06
CA ASN A 75 -4.26 -3.50 -13.56
C ASN A 75 -4.64 -4.79 -12.83
N LEU A 76 -3.74 -5.25 -11.98
CA LEU A 76 -3.97 -6.47 -11.21
C LEU A 76 -4.87 -6.14 -10.02
N ARG A 77 -5.82 -7.03 -9.78
CA ARG A 77 -6.74 -6.84 -8.67
C ARG A 77 -6.23 -7.59 -7.44
N ILE A 78 -6.51 -7.01 -6.27
CA ILE A 78 -6.09 -7.60 -5.01
C ILE A 78 -6.68 -9.02 -4.91
N SER A 79 -7.80 -9.21 -5.57
CA SER A 79 -8.47 -10.50 -5.56
C SER A 79 -7.48 -11.60 -5.94
N SER A 80 -6.53 -11.23 -6.81
CA SER A 80 -5.52 -12.17 -7.26
C SER A 80 -4.81 -12.79 -6.06
N LEU A 81 -4.53 -11.95 -5.08
CA LEU A 81 -3.85 -12.41 -3.87
C LEU A 81 -4.88 -12.78 -2.81
N ASN A 82 -6.06 -12.18 -2.94
CA ASN A 82 -7.13 -12.42 -2.00
C ASN A 82 -6.90 -11.62 -0.72
N LEU A 83 -6.78 -10.32 -0.89
CA LEU A 83 -6.55 -9.44 0.24
C LEU A 83 -7.89 -8.96 0.78
N ALA A 84 -8.25 -9.49 1.94
CA ALA A 84 -9.51 -9.12 2.57
C ALA A 84 -9.21 -8.35 3.86
N HIS A 85 -10.29 -7.88 4.49
CA HIS A 85 -10.15 -7.11 5.72
C HIS A 85 -9.46 -7.98 6.79
N GLY A 86 -8.29 -7.53 7.20
CA GLY A 86 -7.53 -8.24 8.20
C GLY A 86 -6.28 -8.88 7.59
N SER A 87 -6.33 -9.05 6.29
CA SER A 87 -5.21 -9.65 5.56
C SER A 87 -3.91 -8.91 5.92
N MET A 88 -2.80 -9.58 5.63
CA MET A 88 -1.49 -9.00 5.91
C MET A 88 -0.79 -8.59 4.61
N VAL A 89 -0.04 -7.51 4.71
CA VAL A 89 0.69 -7.00 3.56
C VAL A 89 1.91 -6.20 4.03
N TYR A 90 2.92 -6.17 3.18
CA TYR A 90 4.14 -5.46 3.50
C TYR A 90 4.45 -4.40 2.44
N LEU A 91 4.92 -3.25 2.92
CA LEU A 91 5.26 -2.16 2.04
C LEU A 91 6.75 -1.84 2.15
N ALA A 92 7.30 -1.28 1.09
CA ALA A 92 8.70 -0.93 1.06
C ALA A 92 8.92 0.23 0.08
N TYR A 93 9.52 1.29 0.60
CA TYR A 93 9.79 2.47 -0.22
C TYR A 93 11.14 3.08 0.15
N GLU A 94 11.53 4.07 -0.65
CA GLU A 94 12.79 4.75 -0.42
C GLU A 94 12.54 6.21 -0.02
N GLY A 95 13.42 6.71 0.83
CA GLY A 95 13.31 8.09 1.30
C GLY A 95 12.09 8.25 2.22
N GLU A 96 12.01 9.42 2.83
CA GLU A 96 10.91 9.72 3.73
C GLU A 96 9.63 9.96 2.93
N ARG A 97 8.55 10.23 3.65
CA ARG A 97 7.27 10.47 3.03
C ARG A 97 7.19 11.91 2.53
N THR A 98 6.10 12.20 1.82
CA THR A 98 5.89 13.53 1.29
C THR A 98 5.11 14.40 2.29
N ILE A 99 4.64 15.53 1.81
CA ILE A 99 3.90 16.45 2.65
C ILE A 99 2.41 16.13 2.54
N ARG A 100 1.77 16.01 3.70
CA ARG A 100 0.35 15.70 3.74
C ARG A 100 -0.46 16.86 3.16
N GLY A 101 -1.30 16.51 2.20
CA GLY A 101 -2.14 17.52 1.55
C GLY A 101 -3.29 16.85 0.79
N SER A 102 -4.50 17.26 1.13
CA SER A 102 -5.68 16.72 0.49
C SER A 102 -6.46 17.84 -0.21
N GLY A 103 -6.87 18.81 0.58
CA GLY A 103 -7.62 19.94 0.05
C GLY A 103 -9.13 19.74 0.25
N PRO A 104 -9.91 20.48 -0.57
CA PRO A 104 -11.36 20.40 -0.50
C PRO A 104 -11.87 19.09 -1.12
N SER A 105 -11.42 18.86 -2.35
CA SER A 105 -11.82 17.66 -3.07
C SER A 105 -10.78 17.32 -4.14
N SER A 106 -9.80 16.53 -3.75
CA SER A 106 -8.75 16.12 -4.66
C SER A 106 -9.01 14.71 -5.16
N GLY A 107 -8.91 14.56 -6.47
CA GLY A 107 -9.14 13.26 -7.10
C GLY A 107 -9.57 13.42 -8.56
N GLY A 1 -16.14 11.81 7.27
CA GLY A 1 -17.46 11.22 7.38
C GLY A 1 -17.59 10.38 8.65
N SER A 2 -17.97 11.05 9.73
CA SER A 2 -18.12 10.38 11.00
C SER A 2 -16.78 9.78 11.45
N SER A 3 -16.54 9.86 12.76
CA SER A 3 -15.30 9.33 13.31
C SER A 3 -15.23 7.82 13.09
N GLY A 4 -14.25 7.42 12.30
CA GLY A 4 -14.05 6.01 12.01
C GLY A 4 -14.46 5.70 10.56
N SER A 5 -13.48 5.24 9.79
CA SER A 5 -13.71 4.91 8.40
C SER A 5 -14.46 3.57 8.30
N SER A 6 -15.11 3.37 7.16
CA SER A 6 -15.86 2.15 6.94
C SER A 6 -15.48 1.55 5.59
N GLY A 7 -15.74 0.26 5.45
CA GLY A 7 -15.43 -0.45 4.22
C GLY A 7 -14.47 -1.61 4.48
N THR A 8 -13.42 -1.67 3.67
CA THR A 8 -12.43 -2.72 3.81
C THR A 8 -11.07 -2.12 4.18
N MET A 9 -10.58 -2.55 5.34
CA MET A 9 -9.30 -2.07 5.83
C MET A 9 -8.21 -3.13 5.64
N LEU A 10 -6.99 -2.66 5.41
CA LEU A 10 -5.86 -3.55 5.22
C LEU A 10 -4.72 -3.14 6.15
N ARG A 11 -3.95 -4.13 6.56
CA ARG A 11 -2.82 -3.87 7.45
C ARG A 11 -1.50 -3.99 6.68
N VAL A 12 -0.96 -2.84 6.31
CA VAL A 12 0.29 -2.80 5.58
C VAL A 12 1.46 -2.70 6.58
N ARG A 13 2.51 -3.44 6.27
CA ARG A 13 3.70 -3.45 7.12
C ARG A 13 4.83 -2.69 6.45
N SER A 14 5.32 -1.68 7.15
CA SER A 14 6.40 -0.86 6.63
C SER A 14 7.56 -0.83 7.65
N ARG A 15 8.66 -0.26 7.20
CA ARG A 15 9.84 -0.16 8.05
C ARG A 15 9.55 0.75 9.25
N ASP A 16 8.77 1.80 8.99
CA ASP A 16 8.40 2.74 10.03
C ASP A 16 7.44 2.08 11.01
N GLY A 17 6.94 0.91 10.61
CA GLY A 17 6.01 0.16 11.43
C GLY A 17 4.78 -0.26 10.63
N LEU A 18 3.92 -1.01 11.28
CA LEU A 18 2.70 -1.48 10.63
C LEU A 18 1.74 -0.31 10.46
N GLU A 19 1.16 -0.22 9.28
CA GLU A 19 0.23 0.84 8.97
C GLU A 19 -1.06 0.26 8.36
N ARG A 20 -2.14 1.02 8.51
CA ARG A 20 -3.42 0.59 8.00
C ARG A 20 -3.93 1.61 6.96
N VAL A 21 -4.82 1.12 6.09
CA VAL A 21 -5.39 1.96 5.06
C VAL A 21 -6.75 1.41 4.66
N SER A 22 -7.65 2.33 4.33
CA SER A 22 -9.00 1.94 3.92
C SER A 22 -9.08 1.89 2.40
N VAL A 23 -9.68 0.81 1.91
CA VAL A 23 -9.84 0.63 0.47
C VAL A 23 -11.33 0.44 0.15
N ASP A 24 -11.57 -0.02 -1.07
CA ASP A 24 -12.94 -0.24 -1.52
C ASP A 24 -13.23 -1.75 -1.49
N GLY A 25 -12.44 -2.49 -2.24
CA GLY A 25 -12.60 -3.93 -2.31
C GLY A 25 -11.66 -4.54 -3.36
N PRO A 26 -12.06 -5.75 -3.84
CA PRO A 26 -11.26 -6.45 -4.84
C PRO A 26 -11.44 -5.80 -6.22
N HIS A 27 -12.59 -5.16 -6.40
CA HIS A 27 -12.87 -4.50 -7.66
C HIS A 27 -11.75 -3.52 -8.00
N ILE A 28 -10.99 -3.17 -6.98
CA ILE A 28 -9.87 -2.25 -7.16
C ILE A 28 -8.61 -3.03 -7.52
N THR A 29 -7.62 -2.31 -8.02
CA THR A 29 -6.36 -2.92 -8.41
C THR A 29 -5.21 -2.31 -7.62
N VAL A 30 -4.05 -2.94 -7.75
CA VAL A 30 -2.86 -2.47 -7.05
C VAL A 30 -2.68 -0.98 -7.31
N SER A 31 -2.96 -0.59 -8.55
CA SER A 31 -2.83 0.81 -8.94
C SER A 31 -3.62 1.70 -7.98
N GLN A 32 -4.84 1.27 -7.70
CA GLN A 32 -5.70 2.02 -6.78
C GLN A 32 -5.20 1.88 -5.35
N LEU A 33 -4.70 0.69 -5.04
CA LEU A 33 -4.19 0.42 -3.71
C LEU A 33 -2.99 1.33 -3.42
N LYS A 34 -1.93 1.12 -4.19
CA LYS A 34 -0.73 1.90 -4.04
C LYS A 34 -1.10 3.38 -3.93
N THR A 35 -1.94 3.81 -4.86
CA THR A 35 -2.38 5.20 -4.89
C THR A 35 -2.90 5.61 -3.51
N LEU A 36 -3.74 4.76 -2.94
CA LEU A 36 -4.32 5.02 -1.64
C LEU A 36 -3.19 5.26 -0.62
N ILE A 37 -2.44 4.20 -0.36
CA ILE A 37 -1.34 4.29 0.59
C ILE A 37 -0.41 5.44 0.17
N GLN A 38 -0.28 5.60 -1.13
CA GLN A 38 0.56 6.66 -1.67
C GLN A 38 0.08 8.03 -1.19
N ASP A 39 -1.22 8.11 -0.94
CA ASP A 39 -1.82 9.35 -0.48
C ASP A 39 -1.83 9.36 1.05
N GLN A 40 -2.53 8.39 1.61
CA GLN A 40 -2.63 8.28 3.06
C GLN A 40 -1.24 8.32 3.69
N LEU A 41 -0.40 7.39 3.26
CA LEU A 41 0.96 7.32 3.77
C LEU A 41 1.82 8.41 3.12
N GLN A 42 1.27 8.98 2.06
CA GLN A 42 1.97 10.04 1.35
C GLN A 42 3.29 9.52 0.79
N ILE A 43 3.20 8.40 0.07
CA ILE A 43 4.38 7.80 -0.52
C ILE A 43 4.15 7.62 -2.02
N PRO A 44 5.25 7.85 -2.80
CA PRO A 44 5.18 7.71 -4.24
C PRO A 44 5.15 6.24 -4.65
N ILE A 45 4.25 5.94 -5.58
CA ILE A 45 4.11 4.58 -6.07
C ILE A 45 5.48 4.06 -6.51
N HIS A 46 6.15 4.84 -7.33
CA HIS A 46 7.46 4.47 -7.83
C HIS A 46 8.34 4.03 -6.67
N ASN A 47 7.97 4.49 -5.49
CA ASN A 47 8.72 4.15 -4.29
C ASN A 47 8.00 3.02 -3.54
N GLN A 48 6.69 3.18 -3.41
CA GLN A 48 5.88 2.19 -2.73
C GLN A 48 6.08 0.82 -3.37
N THR A 49 6.30 -0.17 -2.50
CA THR A 49 6.51 -1.54 -2.96
C THR A 49 5.70 -2.51 -2.11
N LEU A 50 4.61 -2.98 -2.69
CA LEU A 50 3.74 -3.91 -1.99
C LEU A 50 4.20 -5.35 -2.29
N SER A 51 4.11 -6.19 -1.29
CA SER A 51 4.50 -7.58 -1.43
C SER A 51 3.90 -8.42 -0.30
N THR A 52 3.51 -9.64 -0.65
CA THR A 52 2.93 -10.55 0.32
C THR A 52 4.02 -11.38 1.01
N ASN A 53 5.16 -10.72 1.24
CA ASN A 53 6.27 -11.39 1.88
C ASN A 53 7.02 -10.37 2.76
N ARG A 54 7.20 -10.75 4.01
CA ARG A 54 7.90 -9.89 4.95
C ARG A 54 9.30 -9.55 4.44
N ASN A 55 9.80 -10.43 3.58
CA ASN A 55 11.13 -10.25 3.00
C ASN A 55 11.25 -8.83 2.45
N LEU A 56 10.09 -8.25 2.13
CA LEU A 56 10.05 -6.91 1.59
C LEU A 56 10.87 -5.97 2.49
N LEU A 57 10.61 -6.07 3.79
CA LEU A 57 11.31 -5.26 4.76
C LEU A 57 12.79 -5.64 4.77
N LEU A 58 13.06 -6.86 4.33
CA LEU A 58 14.43 -7.35 4.27
C LEU A 58 15.17 -6.68 3.11
N ALA A 59 14.43 -6.46 2.04
CA ALA A 59 15.00 -5.82 0.86
C ALA A 59 15.41 -4.39 1.21
N LYS A 60 16.69 -4.11 1.06
CA LYS A 60 17.22 -2.79 1.35
C LYS A 60 17.69 -2.14 0.06
N SER A 61 18.06 -2.97 -0.90
CA SER A 61 18.52 -2.49 -2.20
C SER A 61 17.36 -2.46 -3.19
N PRO A 62 17.65 -1.91 -4.40
CA PRO A 62 16.64 -1.81 -5.43
C PRO A 62 16.38 -3.18 -6.08
N SER A 63 17.47 -3.84 -6.46
CA SER A 63 17.37 -5.14 -7.09
C SER A 63 16.51 -6.07 -6.22
N ASP A 64 16.71 -5.95 -4.92
CA ASP A 64 15.96 -6.77 -3.97
C ASP A 64 14.46 -6.57 -4.21
N PHE A 65 14.06 -5.31 -4.21
CA PHE A 65 12.66 -4.97 -4.41
C PHE A 65 12.16 -5.50 -5.77
N LEU A 66 13.12 -5.74 -6.66
CA LEU A 66 12.78 -6.24 -7.98
C LEU A 66 12.48 -7.75 -7.89
N ALA A 67 12.72 -8.29 -6.72
CA ALA A 67 12.49 -9.70 -6.47
C ALA A 67 10.99 -9.94 -6.29
N PHE A 68 10.32 -8.90 -5.82
CA PHE A 68 8.88 -8.98 -5.59
C PHE A 68 8.11 -8.31 -6.73
N THR A 69 7.47 -9.16 -7.54
CA THR A 69 6.70 -8.67 -8.66
C THR A 69 5.34 -9.36 -8.71
N ASP A 70 4.72 -9.47 -7.55
CA ASP A 70 3.41 -10.10 -7.44
C ASP A 70 2.33 -9.02 -7.37
N MET A 71 2.65 -7.95 -6.65
CA MET A 71 1.73 -6.85 -6.49
C MET A 71 2.28 -5.58 -7.12
N ALA A 72 3.13 -5.75 -8.12
CA ALA A 72 3.73 -4.63 -8.81
C ALA A 72 2.80 -4.17 -9.94
N ASP A 73 2.19 -5.15 -10.59
CA ASP A 73 1.27 -4.85 -11.69
C ASP A 73 0.12 -3.98 -11.17
N PRO A 74 0.00 -2.78 -11.78
CA PRO A 74 -1.04 -1.85 -11.39
C PRO A 74 -2.41 -2.30 -11.91
N ASN A 75 -2.37 -3.19 -12.89
CA ASN A 75 -3.58 -3.71 -13.48
C ASN A 75 -3.99 -5.00 -12.77
N LEU A 76 -3.20 -5.35 -11.76
CA LEU A 76 -3.46 -6.55 -11.00
C LEU A 76 -4.45 -6.23 -9.87
N ARG A 77 -5.31 -7.19 -9.58
CA ARG A 77 -6.30 -7.03 -8.54
C ARG A 77 -5.80 -7.62 -7.22
N ILE A 78 -6.38 -7.14 -6.13
CA ILE A 78 -6.00 -7.61 -4.81
C ILE A 78 -6.56 -9.01 -4.59
N SER A 79 -7.72 -9.26 -5.18
CA SER A 79 -8.37 -10.55 -5.06
C SER A 79 -7.45 -11.65 -5.58
N SER A 80 -6.45 -11.22 -6.35
CA SER A 80 -5.50 -12.16 -6.92
C SER A 80 -4.80 -12.93 -5.79
N LEU A 81 -4.66 -12.27 -4.66
CA LEU A 81 -4.01 -12.88 -3.51
C LEU A 81 -5.08 -13.26 -2.49
N ASN A 82 -6.21 -12.58 -2.57
CA ASN A 82 -7.31 -12.83 -1.66
C ASN A 82 -7.06 -12.07 -0.35
N LEU A 83 -6.90 -10.77 -0.48
CA LEU A 83 -6.66 -9.92 0.67
C LEU A 83 -7.99 -9.51 1.29
N ALA A 84 -8.28 -10.07 2.45
CA ALA A 84 -9.51 -9.77 3.15
C ALA A 84 -9.23 -8.77 4.27
N HIS A 85 -10.30 -8.31 4.88
CA HIS A 85 -10.19 -7.34 5.97
C HIS A 85 -9.42 -7.97 7.13
N GLY A 86 -8.13 -7.67 7.18
CA GLY A 86 -7.28 -8.20 8.24
C GLY A 86 -6.01 -8.82 7.65
N SER A 87 -6.09 -9.19 6.37
CA SER A 87 -4.96 -9.78 5.69
C SER A 87 -3.68 -9.01 6.03
N MET A 88 -2.56 -9.63 5.70
CA MET A 88 -1.26 -9.01 5.96
C MET A 88 -0.60 -8.57 4.65
N VAL A 89 0.12 -7.46 4.74
CA VAL A 89 0.81 -6.91 3.59
C VAL A 89 2.01 -6.09 4.05
N TYR A 90 2.97 -5.95 3.14
CA TYR A 90 4.18 -5.20 3.45
C TYR A 90 4.40 -4.08 2.41
N LEU A 91 4.79 -2.92 2.92
CA LEU A 91 5.04 -1.78 2.06
C LEU A 91 6.51 -1.37 2.18
N ALA A 92 7.22 -1.51 1.07
CA ALA A 92 8.63 -1.16 1.04
C ALA A 92 8.83 0.03 0.11
N TYR A 93 9.35 1.11 0.68
CA TYR A 93 9.60 2.31 -0.09
C TYR A 93 10.94 2.94 0.29
N GLU A 94 11.45 3.77 -0.61
CA GLU A 94 12.72 4.44 -0.38
C GLU A 94 12.50 5.79 0.27
N GLY A 95 13.43 6.17 1.13
CA GLY A 95 13.35 7.45 1.83
C GLY A 95 12.05 7.55 2.61
N GLU A 96 12.01 8.52 3.51
CA GLU A 96 10.84 8.74 4.34
C GLU A 96 9.67 9.21 3.47
N ARG A 97 8.55 9.46 4.14
CA ARG A 97 7.35 9.92 3.44
C ARG A 97 7.49 11.38 3.06
N THR A 98 6.72 11.78 2.06
CA THR A 98 6.74 13.15 1.59
C THR A 98 6.28 14.11 2.69
N ILE A 99 6.01 15.35 2.29
CA ILE A 99 5.56 16.35 3.22
C ILE A 99 4.04 16.35 3.28
N ARG A 100 3.51 16.42 4.50
CA ARG A 100 2.07 16.42 4.70
C ARG A 100 1.51 17.84 4.52
N GLY A 101 0.37 17.91 3.85
CA GLY A 101 -0.27 19.18 3.60
C GLY A 101 -0.53 19.38 2.11
N SER A 102 -1.79 19.20 1.73
CA SER A 102 -2.18 19.36 0.34
C SER A 102 -3.66 19.03 0.16
N GLY A 103 -4.42 20.05 -0.24
CA GLY A 103 -5.85 19.87 -0.44
C GLY A 103 -6.45 21.09 -1.14
N PRO A 104 -7.33 20.80 -2.15
CA PRO A 104 -7.97 21.86 -2.90
C PRO A 104 -9.09 22.52 -2.07
N SER A 105 -8.69 23.04 -0.92
CA SER A 105 -9.65 23.69 -0.04
C SER A 105 -9.10 25.04 0.42
N SER A 106 -9.96 26.04 0.36
CA SER A 106 -9.57 27.38 0.76
C SER A 106 -9.05 27.37 2.20
N GLY A 107 -7.88 27.99 2.38
CA GLY A 107 -7.26 28.05 3.69
C GLY A 107 -6.77 29.47 4.00
N GLY A 1 -16.85 -1.18 17.43
CA GLY A 1 -18.00 -0.68 16.70
C GLY A 1 -17.62 0.53 15.85
N SER A 2 -18.53 1.49 15.80
CA SER A 2 -18.30 2.71 15.02
C SER A 2 -16.91 3.28 15.33
N SER A 3 -16.28 3.79 14.29
CA SER A 3 -14.96 4.37 14.43
C SER A 3 -14.72 5.42 13.35
N GLY A 4 -14.84 4.99 12.11
CA GLY A 4 -14.65 5.87 10.98
C GLY A 4 -15.54 5.47 9.81
N SER A 5 -14.90 5.22 8.67
CA SER A 5 -15.63 4.83 7.47
C SER A 5 -15.87 3.31 7.48
N SER A 6 -16.88 2.91 6.73
CA SER A 6 -17.23 1.50 6.64
C SER A 6 -16.90 0.97 5.24
N GLY A 7 -16.14 -0.12 5.22
CA GLY A 7 -15.74 -0.73 3.96
C GLY A 7 -14.77 -1.89 4.20
N THR A 8 -13.55 -1.70 3.74
CA THR A 8 -12.52 -2.72 3.88
C THR A 8 -11.23 -2.09 4.39
N MET A 9 -10.63 -2.75 5.36
CA MET A 9 -9.38 -2.27 5.94
C MET A 9 -8.26 -3.31 5.79
N LEU A 10 -7.06 -2.80 5.56
CA LEU A 10 -5.90 -3.67 5.39
C LEU A 10 -4.75 -3.16 6.26
N ARG A 11 -3.85 -4.08 6.59
CA ARG A 11 -2.71 -3.73 7.41
C ARG A 11 -1.45 -3.61 6.55
N VAL A 12 -0.90 -2.41 6.52
CA VAL A 12 0.29 -2.16 5.73
C VAL A 12 1.50 -2.07 6.67
N ARG A 13 2.34 -3.09 6.61
CA ARG A 13 3.53 -3.14 7.44
C ARG A 13 4.75 -2.63 6.66
N SER A 14 5.51 -1.76 7.32
CA SER A 14 6.70 -1.20 6.70
C SER A 14 7.95 -1.81 7.33
N ARG A 15 9.09 -1.41 6.78
CA ARG A 15 10.37 -1.92 7.28
C ARG A 15 10.35 -2.01 8.80
N ASP A 16 9.86 -0.95 9.42
CA ASP A 16 9.78 -0.89 10.87
C ASP A 16 8.64 0.05 11.28
N GLY A 17 7.57 -0.01 10.50
CA GLY A 17 6.41 0.83 10.78
C GLY A 17 5.13 0.16 10.27
N LEU A 18 4.29 -0.23 11.22
CA LEU A 18 3.03 -0.88 10.88
C LEU A 18 1.92 0.18 10.82
N GLU A 19 1.22 0.19 9.70
CA GLU A 19 0.13 1.13 9.50
C GLU A 19 -1.05 0.44 8.80
N ARG A 20 -2.18 1.14 8.79
CA ARG A 20 -3.37 0.62 8.17
C ARG A 20 -3.93 1.61 7.16
N VAL A 21 -4.56 1.08 6.13
CA VAL A 21 -5.13 1.91 5.09
C VAL A 21 -6.52 1.37 4.71
N SER A 22 -7.41 2.29 4.38
CA SER A 22 -8.76 1.91 4.00
C SER A 22 -8.87 1.83 2.48
N VAL A 23 -9.48 0.73 2.03
CA VAL A 23 -9.65 0.51 0.61
C VAL A 23 -11.15 0.33 0.30
N ASP A 24 -11.41 -0.15 -0.91
CA ASP A 24 -12.78 -0.38 -1.33
C ASP A 24 -13.06 -1.88 -1.36
N GLY A 25 -12.30 -2.58 -2.18
CA GLY A 25 -12.46 -4.02 -2.30
C GLY A 25 -11.47 -4.59 -3.32
N PRO A 26 -11.76 -5.85 -3.76
CA PRO A 26 -10.91 -6.51 -4.72
C PRO A 26 -11.10 -5.94 -6.13
N HIS A 27 -12.28 -5.35 -6.34
CA HIS A 27 -12.61 -4.76 -7.62
C HIS A 27 -11.54 -3.73 -8.00
N ILE A 28 -10.79 -3.31 -6.99
CA ILE A 28 -9.73 -2.33 -7.20
C ILE A 28 -8.44 -3.06 -7.54
N THR A 29 -7.56 -2.34 -8.22
CA THR A 29 -6.28 -2.90 -8.62
C THR A 29 -5.17 -2.37 -7.71
N VAL A 30 -4.04 -3.06 -7.75
CA VAL A 30 -2.89 -2.67 -6.94
C VAL A 30 -2.64 -1.16 -7.11
N SER A 31 -2.72 -0.71 -8.35
CA SER A 31 -2.51 0.69 -8.66
C SER A 31 -3.37 1.56 -7.73
N GLN A 32 -4.64 1.20 -7.65
CA GLN A 32 -5.57 1.94 -6.81
C GLN A 32 -5.16 1.81 -5.34
N LEU A 33 -4.49 0.72 -5.03
CA LEU A 33 -4.05 0.47 -3.67
C LEU A 33 -2.86 1.39 -3.36
N LYS A 34 -1.82 1.27 -4.17
CA LYS A 34 -0.63 2.08 -3.99
C LYS A 34 -1.04 3.55 -3.83
N THR A 35 -1.87 4.00 -4.74
CA THR A 35 -2.34 5.38 -4.71
C THR A 35 -2.86 5.73 -3.32
N LEU A 36 -3.66 4.83 -2.77
CA LEU A 36 -4.22 5.04 -1.45
C LEU A 36 -3.09 5.29 -0.45
N ILE A 37 -2.35 4.24 -0.15
CA ILE A 37 -1.24 4.34 0.78
C ILE A 37 -0.33 5.49 0.36
N GLN A 38 -0.22 5.68 -0.96
CA GLN A 38 0.61 6.73 -1.50
C GLN A 38 0.15 8.10 -0.96
N ASP A 39 -1.14 8.19 -0.70
CA ASP A 39 -1.72 9.42 -0.19
C ASP A 39 -1.72 9.39 1.34
N GLN A 40 -2.45 8.42 1.88
CA GLN A 40 -2.55 8.26 3.31
C GLN A 40 -1.15 8.31 3.94
N LEU A 41 -0.30 7.41 3.48
CA LEU A 41 1.06 7.35 3.99
C LEU A 41 1.89 8.46 3.37
N GLN A 42 1.37 9.00 2.28
CA GLN A 42 2.05 10.08 1.58
C GLN A 42 3.37 9.58 0.98
N ILE A 43 3.26 8.52 0.19
CA ILE A 43 4.43 7.93 -0.44
C ILE A 43 4.16 7.77 -1.94
N PRO A 44 5.22 8.01 -2.74
CA PRO A 44 5.12 7.88 -4.19
C PRO A 44 5.09 6.41 -4.61
N ILE A 45 4.17 6.11 -5.52
CA ILE A 45 4.04 4.76 -6.01
C ILE A 45 5.40 4.24 -6.46
N HIS A 46 6.01 4.99 -7.37
CA HIS A 46 7.31 4.61 -7.89
C HIS A 46 8.22 4.17 -6.74
N ASN A 47 7.91 4.68 -5.56
CA ASN A 47 8.68 4.35 -4.38
C ASN A 47 7.98 3.22 -3.62
N GLN A 48 6.68 3.37 -3.45
CA GLN A 48 5.89 2.38 -2.75
C GLN A 48 6.09 1.00 -3.39
N THR A 49 6.31 0.02 -2.54
CA THR A 49 6.51 -1.35 -3.00
C THR A 49 5.72 -2.33 -2.13
N LEU A 50 4.58 -2.74 -2.67
CA LEU A 50 3.72 -3.68 -1.96
C LEU A 50 4.18 -5.11 -2.26
N SER A 51 4.05 -5.96 -1.24
CA SER A 51 4.44 -7.35 -1.39
C SER A 51 3.82 -8.19 -0.27
N THR A 52 3.39 -9.38 -0.63
CA THR A 52 2.77 -10.28 0.32
C THR A 52 3.83 -11.17 0.97
N ASN A 53 5.02 -10.61 1.12
CA ASN A 53 6.12 -11.34 1.73
C ASN A 53 6.87 -10.42 2.68
N ARG A 54 6.79 -10.76 3.96
CA ARG A 54 7.46 -9.97 4.99
C ARG A 54 8.93 -9.78 4.63
N ASN A 55 9.42 -10.65 3.76
CA ASN A 55 10.81 -10.59 3.33
C ASN A 55 11.05 -9.26 2.63
N LEU A 56 9.97 -8.62 2.21
CA LEU A 56 10.06 -7.34 1.53
C LEU A 56 10.72 -6.33 2.46
N LEU A 57 10.39 -6.42 3.74
CA LEU A 57 10.93 -5.52 4.73
C LEU A 57 12.45 -5.72 4.80
N LEU A 58 12.90 -6.85 4.27
CA LEU A 58 14.32 -7.16 4.27
C LEU A 58 15.01 -6.39 3.14
N ALA A 59 14.40 -6.46 1.97
CA ALA A 59 14.94 -5.78 0.80
C ALA A 59 15.41 -4.38 1.22
N LYS A 60 16.70 -4.15 1.05
CA LYS A 60 17.29 -2.86 1.39
C LYS A 60 17.69 -2.13 0.11
N SER A 61 17.99 -2.91 -0.91
CA SER A 61 18.39 -2.35 -2.19
C SER A 61 17.18 -2.28 -3.13
N PRO A 62 17.41 -1.67 -4.32
CA PRO A 62 16.35 -1.53 -5.30
C PRO A 62 16.09 -2.85 -6.01
N SER A 63 17.17 -3.49 -6.46
CA SER A 63 17.07 -4.76 -7.14
C SER A 63 16.32 -5.78 -6.27
N ASP A 64 16.59 -5.70 -4.97
CA ASP A 64 15.96 -6.59 -4.02
C ASP A 64 14.44 -6.44 -4.11
N PHE A 65 14.00 -5.19 -4.13
CA PHE A 65 12.59 -4.89 -4.21
C PHE A 65 12.00 -5.39 -5.54
N LEU A 66 12.88 -5.58 -6.51
CA LEU A 66 12.47 -6.06 -7.82
C LEU A 66 12.18 -7.56 -7.74
N ALA A 67 12.61 -8.16 -6.63
CA ALA A 67 12.41 -9.57 -6.43
C ALA A 67 10.93 -9.85 -6.17
N PHE A 68 10.29 -8.88 -5.52
CA PHE A 68 8.88 -9.00 -5.20
C PHE A 68 8.01 -8.40 -6.32
N THR A 69 7.48 -9.29 -7.15
CA THR A 69 6.63 -8.86 -8.25
C THR A 69 5.29 -9.60 -8.21
N ASP A 70 4.67 -9.57 -7.04
CA ASP A 70 3.39 -10.22 -6.86
C ASP A 70 2.28 -9.17 -6.86
N MET A 71 2.64 -7.98 -6.39
CA MET A 71 1.68 -6.89 -6.32
C MET A 71 2.25 -5.63 -6.98
N ALA A 72 3.17 -5.85 -7.92
CA ALA A 72 3.78 -4.75 -8.63
C ALA A 72 2.88 -4.31 -9.78
N ASP A 73 2.37 -5.30 -10.51
CA ASP A 73 1.49 -5.03 -11.63
C ASP A 73 0.32 -4.17 -11.16
N PRO A 74 0.19 -2.97 -11.78
CA PRO A 74 -0.88 -2.06 -11.43
C PRO A 74 -2.22 -2.53 -12.01
N ASN A 75 -2.12 -3.37 -13.03
CA ASN A 75 -3.31 -3.91 -13.67
C ASN A 75 -3.76 -5.18 -12.94
N LEU A 76 -2.97 -5.56 -11.95
CA LEU A 76 -3.26 -6.74 -11.16
C LEU A 76 -4.22 -6.36 -10.02
N ARG A 77 -5.16 -7.25 -9.76
CA ARG A 77 -6.14 -7.02 -8.71
C ARG A 77 -5.74 -7.79 -7.44
N ILE A 78 -6.03 -7.17 -6.30
CA ILE A 78 -5.70 -7.77 -5.03
C ILE A 78 -6.32 -9.18 -4.96
N SER A 79 -7.45 -9.33 -5.64
CA SER A 79 -8.14 -10.60 -5.67
C SER A 79 -7.16 -11.72 -6.01
N SER A 80 -6.10 -11.35 -6.72
CA SER A 80 -5.09 -12.31 -7.12
C SER A 80 -4.52 -13.01 -5.88
N LEU A 81 -4.54 -12.30 -4.77
CA LEU A 81 -4.04 -12.86 -3.52
C LEU A 81 -5.21 -13.07 -2.56
N ASN A 82 -6.33 -12.47 -2.90
CA ASN A 82 -7.53 -12.59 -2.08
C ASN A 82 -7.27 -11.94 -0.71
N LEU A 83 -7.24 -10.62 -0.73
CA LEU A 83 -7.00 -9.87 0.50
C LEU A 83 -8.34 -9.41 1.08
N ALA A 84 -8.67 -9.98 2.23
CA ALA A 84 -9.92 -9.64 2.89
C ALA A 84 -9.62 -8.74 4.09
N HIS A 85 -10.70 -8.27 4.71
CA HIS A 85 -10.57 -7.41 5.88
C HIS A 85 -9.88 -8.18 7.01
N GLY A 86 -8.60 -7.87 7.19
CA GLY A 86 -7.82 -8.53 8.23
C GLY A 86 -6.49 -9.06 7.67
N SER A 87 -6.50 -9.31 6.38
CA SER A 87 -5.31 -9.81 5.70
C SER A 87 -4.09 -8.98 6.09
N MET A 88 -2.93 -9.44 5.67
CA MET A 88 -1.69 -8.75 5.97
C MET A 88 -1.02 -8.26 4.68
N VAL A 89 -0.37 -7.11 4.79
CA VAL A 89 0.30 -6.52 3.65
C VAL A 89 1.50 -5.71 4.14
N TYR A 90 2.54 -5.67 3.31
CA TYR A 90 3.74 -4.93 3.65
C TYR A 90 3.99 -3.81 2.64
N LEU A 91 4.79 -2.83 3.08
CA LEU A 91 5.11 -1.70 2.23
C LEU A 91 6.63 -1.54 2.16
N ALA A 92 7.07 -0.81 1.15
CA ALA A 92 8.49 -0.58 0.95
C ALA A 92 8.68 0.64 0.04
N TYR A 93 9.36 1.64 0.60
CA TYR A 93 9.61 2.86 -0.15
C TYR A 93 11.05 3.33 0.05
N GLU A 94 11.52 4.14 -0.90
CA GLU A 94 12.87 4.66 -0.83
C GLU A 94 12.86 6.09 -0.27
N GLY A 95 13.93 6.41 0.46
CA GLY A 95 14.05 7.73 1.06
C GLY A 95 13.11 7.88 2.25
N GLU A 96 12.22 8.85 2.13
CA GLU A 96 11.25 9.12 3.19
C GLU A 96 9.89 9.47 2.58
N ARG A 97 8.97 9.83 3.46
CA ARG A 97 7.62 10.20 3.04
C ARG A 97 7.60 11.65 2.55
N THR A 98 6.50 12.00 1.91
CA THR A 98 6.34 13.35 1.40
C THR A 98 5.70 14.26 2.45
N ILE A 99 5.28 15.43 2.01
CA ILE A 99 4.66 16.39 2.91
C ILE A 99 3.14 16.22 2.86
N ARG A 100 2.52 16.34 4.02
CA ARG A 100 1.08 16.21 4.12
C ARG A 100 0.39 17.47 3.63
N GLY A 101 -0.85 17.31 3.19
CA GLY A 101 -1.62 18.43 2.70
C GLY A 101 -2.89 17.95 1.97
N SER A 102 -3.89 18.82 1.96
CA SER A 102 -5.15 18.48 1.31
C SER A 102 -6.08 19.70 1.34
N GLY A 103 -6.79 19.88 0.24
CA GLY A 103 -7.72 20.99 0.13
C GLY A 103 -8.77 20.73 -0.96
N PRO A 104 -9.97 20.28 -0.50
CA PRO A 104 -11.06 19.99 -1.42
C PRO A 104 -11.69 21.28 -1.95
N SER A 105 -12.60 21.11 -2.90
CA SER A 105 -13.29 22.24 -3.50
C SER A 105 -14.33 21.76 -4.49
N SER A 106 -15.56 21.64 -4.01
CA SER A 106 -16.66 21.18 -4.85
C SER A 106 -17.62 22.34 -5.12
N GLY A 107 -17.91 22.54 -6.40
CA GLY A 107 -18.81 23.61 -6.80
C GLY A 107 -18.26 24.97 -6.38
N GLY A 1 -8.06 6.98 17.41
CA GLY A 1 -8.22 6.66 16.00
C GLY A 1 -8.75 7.87 15.21
N SER A 2 -9.35 7.58 14.07
CA SER A 2 -9.91 8.61 13.23
C SER A 2 -11.19 8.14 12.56
N SER A 3 -12.31 8.60 13.11
CA SER A 3 -13.61 8.22 12.59
C SER A 3 -13.76 6.70 12.60
N GLY A 4 -14.99 6.25 12.40
CA GLY A 4 -15.28 4.84 12.39
C GLY A 4 -14.71 4.17 11.13
N SER A 5 -14.55 2.86 11.21
CA SER A 5 -14.03 2.10 10.09
C SER A 5 -15.08 2.01 8.98
N SER A 6 -14.67 2.42 7.79
CA SER A 6 -15.56 2.39 6.65
C SER A 6 -14.89 1.66 5.48
N GLY A 7 -15.73 1.13 4.59
CA GLY A 7 -15.24 0.41 3.44
C GLY A 7 -14.46 -0.84 3.86
N THR A 8 -13.19 -0.87 3.46
CA THR A 8 -12.32 -1.99 3.79
C THR A 8 -10.96 -1.48 4.26
N MET A 9 -10.51 -2.04 5.38
CA MET A 9 -9.23 -1.64 5.95
C MET A 9 -8.21 -2.78 5.81
N LEU A 10 -6.98 -2.39 5.50
CA LEU A 10 -5.91 -3.36 5.34
C LEU A 10 -4.75 -2.99 6.25
N ARG A 11 -4.08 -4.01 6.75
CA ARG A 11 -2.94 -3.80 7.63
C ARG A 11 -1.63 -4.05 6.89
N VAL A 12 -0.98 -2.97 6.52
CA VAL A 12 0.29 -3.06 5.80
C VAL A 12 1.44 -2.94 6.79
N ARG A 13 2.58 -3.51 6.40
CA ARG A 13 3.76 -3.47 7.24
C ARG A 13 4.89 -2.74 6.53
N SER A 14 5.41 -1.73 7.20
CA SER A 14 6.50 -0.94 6.66
C SER A 14 7.76 -1.12 7.50
N ARG A 15 8.90 -0.92 6.87
CA ARG A 15 10.17 -1.06 7.54
C ARG A 15 10.18 -0.25 8.84
N ASP A 16 9.29 0.73 8.88
CA ASP A 16 9.18 1.59 10.06
C ASP A 16 8.36 0.87 11.13
N GLY A 17 7.38 0.09 10.66
CA GLY A 17 6.53 -0.65 11.57
C GLY A 17 5.33 -1.24 10.83
N LEU A 18 4.14 -0.90 11.31
CA LEU A 18 2.92 -1.40 10.70
C LEU A 18 1.96 -0.22 10.48
N GLU A 19 1.47 -0.12 9.26
CA GLU A 19 0.54 0.95 8.91
C GLU A 19 -0.73 0.37 8.31
N ARG A 20 -1.81 1.11 8.47
CA ARG A 20 -3.11 0.68 7.94
C ARG A 20 -3.69 1.75 7.03
N VAL A 21 -4.51 1.30 6.09
CA VAL A 21 -5.14 2.21 5.14
C VAL A 21 -6.50 1.63 4.73
N SER A 22 -7.43 2.54 4.45
CA SER A 22 -8.76 2.15 4.04
C SER A 22 -8.84 2.11 2.51
N VAL A 23 -9.40 1.03 2.00
CA VAL A 23 -9.55 0.85 0.57
C VAL A 23 -11.03 0.63 0.23
N ASP A 24 -11.26 0.18 -0.98
CA ASP A 24 -12.62 -0.08 -1.44
C ASP A 24 -12.91 -1.58 -1.38
N GLY A 25 -12.14 -2.33 -2.16
CA GLY A 25 -12.29 -3.77 -2.21
C GLY A 25 -11.40 -4.39 -3.28
N PRO A 26 -11.80 -5.61 -3.72
CA PRO A 26 -11.05 -6.32 -4.75
C PRO A 26 -11.29 -5.70 -6.13
N HIS A 27 -12.44 -5.05 -6.26
CA HIS A 27 -12.81 -4.42 -7.52
C HIS A 27 -11.71 -3.44 -7.93
N ILE A 28 -10.89 -3.07 -6.97
CA ILE A 28 -9.80 -2.14 -7.21
C ILE A 28 -8.54 -2.92 -7.56
N THR A 29 -7.58 -2.23 -8.16
CA THR A 29 -6.32 -2.85 -8.54
C THR A 29 -5.17 -2.24 -7.75
N VAL A 30 -4.03 -2.91 -7.81
CA VAL A 30 -2.84 -2.45 -7.10
C VAL A 30 -2.66 -0.95 -7.36
N SER A 31 -2.94 -0.56 -8.60
CA SER A 31 -2.82 0.84 -8.98
C SER A 31 -3.62 1.72 -8.02
N GLN A 32 -4.88 1.38 -7.88
CA GLN A 32 -5.76 2.14 -7.00
C GLN A 32 -5.33 1.98 -5.55
N LEU A 33 -4.89 0.77 -5.22
CA LEU A 33 -4.44 0.47 -3.87
C LEU A 33 -3.29 1.40 -3.51
N LYS A 34 -2.26 1.39 -4.35
CA LYS A 34 -1.10 2.23 -4.13
C LYS A 34 -1.55 3.68 -3.93
N THR A 35 -2.03 4.27 -5.03
CA THR A 35 -2.49 5.65 -5.00
C THR A 35 -3.12 5.96 -3.64
N LEU A 36 -3.98 5.06 -3.20
CA LEU A 36 -4.65 5.24 -1.92
C LEU A 36 -3.61 5.41 -0.82
N ILE A 37 -2.78 4.39 -0.68
CA ILE A 37 -1.73 4.41 0.33
C ILE A 37 -0.76 5.56 0.03
N GLN A 38 -0.41 5.67 -1.25
CA GLN A 38 0.51 6.71 -1.68
C GLN A 38 0.03 8.07 -1.18
N ASP A 39 -1.27 8.18 -1.01
CA ASP A 39 -1.87 9.43 -0.55
C ASP A 39 -1.94 9.42 0.98
N GLN A 40 -2.72 8.47 1.50
CA GLN A 40 -2.88 8.33 2.94
C GLN A 40 -1.51 8.26 3.62
N LEU A 41 -0.68 7.36 3.13
CA LEU A 41 0.65 7.18 3.67
C LEU A 41 1.55 8.31 3.20
N GLN A 42 1.18 8.88 2.06
CA GLN A 42 1.94 9.98 1.48
C GLN A 42 3.29 9.47 0.98
N ILE A 43 3.24 8.35 0.28
CA ILE A 43 4.45 7.75 -0.26
C ILE A 43 4.29 7.56 -1.77
N PRO A 44 5.42 7.79 -2.51
CA PRO A 44 5.41 7.64 -3.95
C PRO A 44 5.40 6.17 -4.36
N ILE A 45 4.43 5.82 -5.18
CA ILE A 45 4.30 4.45 -5.65
C ILE A 45 5.65 3.98 -6.21
N HIS A 46 6.26 4.86 -6.99
CA HIS A 46 7.55 4.56 -7.59
C HIS A 46 8.49 3.98 -6.54
N ASN A 47 8.20 4.32 -5.28
CA ASN A 47 9.01 3.85 -4.18
C ASN A 47 8.29 2.71 -3.48
N GLN A 48 6.99 2.87 -3.31
CA GLN A 48 6.17 1.86 -2.66
C GLN A 48 6.37 0.50 -3.33
N THR A 49 6.41 -0.53 -2.51
CA THR A 49 6.59 -1.88 -3.01
C THR A 49 5.60 -2.84 -2.34
N LEU A 50 4.69 -3.36 -3.15
CA LEU A 50 3.68 -4.28 -2.65
C LEU A 50 4.21 -5.71 -2.77
N SER A 51 4.12 -6.43 -1.66
CA SER A 51 4.59 -7.81 -1.63
C SER A 51 3.99 -8.53 -0.43
N THR A 52 3.61 -9.78 -0.65
CA THR A 52 3.02 -10.59 0.40
C THR A 52 4.11 -11.35 1.16
N ASN A 53 5.25 -10.68 1.32
CA ASN A 53 6.37 -11.28 2.02
C ASN A 53 6.99 -10.23 2.96
N ARG A 54 7.49 -10.72 4.08
CA ARG A 54 8.11 -9.85 5.06
C ARG A 54 9.54 -9.51 4.65
N ASN A 55 10.10 -10.35 3.81
CA ASN A 55 11.45 -10.15 3.31
C ASN A 55 11.56 -8.75 2.72
N LEU A 56 10.42 -8.23 2.28
CA LEU A 56 10.38 -6.91 1.68
C LEU A 56 11.12 -5.92 2.58
N LEU A 57 10.78 -5.97 3.86
CA LEU A 57 11.40 -5.10 4.83
C LEU A 57 12.91 -5.30 4.81
N LEU A 58 13.31 -6.52 4.48
CA LEU A 58 14.73 -6.85 4.42
C LEU A 58 15.35 -6.16 3.22
N ALA A 59 14.66 -6.26 2.09
CA ALA A 59 15.15 -5.64 0.86
C ALA A 59 15.58 -4.21 1.14
N LYS A 60 16.86 -3.96 0.96
CA LYS A 60 17.41 -2.63 1.20
C LYS A 60 17.82 -2.01 -0.15
N SER A 61 18.09 -2.88 -1.10
CA SER A 61 18.49 -2.43 -2.43
C SER A 61 17.32 -2.56 -3.41
N PRO A 62 17.57 -2.11 -4.66
CA PRO A 62 16.55 -2.16 -5.69
C PRO A 62 16.37 -3.59 -6.20
N SER A 63 17.49 -4.21 -6.54
CA SER A 63 17.47 -5.58 -7.04
C SER A 63 16.59 -6.45 -6.14
N ASP A 64 16.74 -6.24 -4.85
CA ASP A 64 15.97 -7.01 -3.88
C ASP A 64 14.48 -6.82 -4.15
N PHE A 65 14.08 -5.55 -4.22
CA PHE A 65 12.69 -5.23 -4.48
C PHE A 65 12.24 -5.76 -5.84
N LEU A 66 13.22 -5.98 -6.70
CA LEU A 66 12.94 -6.49 -8.03
C LEU A 66 12.58 -7.97 -7.94
N ALA A 67 12.86 -8.55 -6.79
CA ALA A 67 12.57 -9.95 -6.56
C ALA A 67 11.07 -10.14 -6.38
N PHE A 68 10.46 -9.16 -5.72
CA PHE A 68 9.03 -9.20 -5.48
C PHE A 68 8.25 -8.54 -6.63
N THR A 69 7.65 -9.38 -7.45
CA THR A 69 6.87 -8.89 -8.58
C THR A 69 5.50 -9.56 -8.62
N ASP A 70 4.77 -9.41 -7.53
CA ASP A 70 3.44 -9.99 -7.42
C ASP A 70 2.40 -8.88 -7.41
N MET A 71 2.82 -7.72 -6.91
CA MET A 71 1.92 -6.57 -6.82
C MET A 71 2.48 -5.40 -7.65
N ALA A 72 3.28 -5.74 -8.64
CA ALA A 72 3.88 -4.73 -9.50
C ALA A 72 2.85 -4.27 -10.53
N ASP A 73 2.13 -5.24 -11.07
CA ASP A 73 1.12 -4.95 -12.07
C ASP A 73 0.04 -4.06 -11.45
N PRO A 74 -0.12 -2.84 -12.06
CA PRO A 74 -1.10 -1.89 -11.58
C PRO A 74 -2.52 -2.32 -11.98
N ASN A 75 -2.57 -3.24 -12.93
CA ASN A 75 -3.85 -3.74 -13.41
C ASN A 75 -4.22 -5.02 -12.67
N LEU A 76 -3.33 -5.40 -11.76
CA LEU A 76 -3.54 -6.60 -10.96
C LEU A 76 -4.47 -6.27 -9.79
N ARG A 77 -5.45 -7.15 -9.59
CA ARG A 77 -6.41 -6.97 -8.52
C ARG A 77 -5.89 -7.60 -7.22
N ILE A 78 -6.35 -7.06 -6.10
CA ILE A 78 -5.94 -7.57 -4.81
C ILE A 78 -6.53 -8.97 -4.59
N SER A 79 -7.60 -9.24 -5.34
CA SER A 79 -8.26 -10.53 -5.25
C SER A 79 -7.29 -11.66 -5.63
N SER A 80 -6.22 -11.26 -6.29
CA SER A 80 -5.21 -12.22 -6.72
C SER A 80 -4.53 -12.84 -5.49
N LEU A 81 -4.49 -12.06 -4.42
CA LEU A 81 -3.86 -12.51 -3.18
C LEU A 81 -4.95 -12.70 -2.13
N ASN A 82 -6.19 -12.51 -2.54
CA ASN A 82 -7.32 -12.66 -1.64
C ASN A 82 -7.06 -11.86 -0.36
N LEU A 83 -6.99 -10.55 -0.53
CA LEU A 83 -6.75 -9.66 0.59
C LEU A 83 -8.09 -9.19 1.17
N ALA A 84 -8.42 -9.74 2.33
CA ALA A 84 -9.66 -9.39 2.99
C ALA A 84 -9.38 -8.35 4.08
N HIS A 85 -10.45 -7.88 4.70
CA HIS A 85 -10.33 -6.89 5.75
C HIS A 85 -9.66 -7.51 6.97
N GLY A 86 -8.38 -7.19 7.12
CA GLY A 86 -7.60 -7.71 8.24
C GLY A 86 -6.34 -8.43 7.74
N SER A 87 -6.36 -8.76 6.46
CA SER A 87 -5.23 -9.44 5.84
C SER A 87 -3.92 -8.74 6.22
N MET A 88 -2.83 -9.32 5.77
CA MET A 88 -1.51 -8.76 6.04
C MET A 88 -0.77 -8.44 4.74
N VAL A 89 -0.01 -7.34 4.79
CA VAL A 89 0.75 -6.92 3.62
C VAL A 89 1.97 -6.12 4.08
N TYR A 90 2.95 -6.02 3.20
CA TYR A 90 4.16 -5.29 3.50
C TYR A 90 4.42 -4.20 2.47
N LEU A 91 4.78 -3.03 2.98
CA LEU A 91 5.06 -1.90 2.11
C LEU A 91 6.53 -1.49 2.25
N ALA A 92 7.25 -1.62 1.16
CA ALA A 92 8.67 -1.27 1.15
C ALA A 92 8.88 -0.07 0.22
N TYR A 93 9.40 1.00 0.80
CA TYR A 93 9.66 2.21 0.04
C TYR A 93 10.98 2.85 0.48
N GLU A 94 11.49 3.73 -0.38
CA GLU A 94 12.74 4.42 -0.10
C GLU A 94 12.46 5.85 0.36
N GLY A 95 13.20 6.27 1.37
CA GLY A 95 13.04 7.61 1.91
C GLY A 95 11.76 7.73 2.75
N GLU A 96 11.70 8.78 3.54
CA GLU A 96 10.55 9.01 4.40
C GLU A 96 9.33 9.37 3.55
N ARG A 97 8.23 9.65 4.23
CA ARG A 97 6.99 10.00 3.56
C ARG A 97 6.97 11.49 3.23
N THR A 98 6.15 11.85 2.26
CA THR A 98 6.03 13.24 1.85
C THR A 98 5.19 14.02 2.85
N ILE A 99 4.78 15.21 2.43
CA ILE A 99 3.97 16.07 3.28
C ILE A 99 2.49 15.69 3.10
N ARG A 100 1.79 15.68 4.22
CA ARG A 100 0.37 15.34 4.20
C ARG A 100 -0.47 16.62 4.29
N GLY A 101 -1.52 16.65 3.47
CA GLY A 101 -2.41 17.80 3.45
C GLY A 101 -2.94 18.05 2.03
N SER A 102 -3.73 19.11 1.91
CA SER A 102 -4.30 19.47 0.62
C SER A 102 -5.16 18.33 0.09
N GLY A 103 -6.46 18.59 0.00
CA GLY A 103 -7.40 17.60 -0.48
C GLY A 103 -8.26 18.16 -1.61
N PRO A 104 -9.47 17.57 -1.76
CA PRO A 104 -10.39 18.01 -2.79
C PRO A 104 -11.06 19.33 -2.40
N SER A 105 -11.91 19.82 -3.30
CA SER A 105 -12.60 21.08 -3.07
C SER A 105 -13.92 21.08 -3.84
N SER A 106 -14.99 20.79 -3.11
CA SER A 106 -16.32 20.75 -3.70
C SER A 106 -17.07 22.05 -3.39
N GLY A 107 -17.65 22.63 -4.42
CA GLY A 107 -18.40 23.87 -4.27
C GLY A 107 -18.23 24.76 -5.51
N GLY A 1 -5.70 3.70 13.22
CA GLY A 1 -7.01 4.29 13.38
C GLY A 1 -7.90 3.97 12.17
N SER A 2 -8.40 5.03 11.55
CA SER A 2 -9.26 4.89 10.39
C SER A 2 -9.53 6.26 9.77
N SER A 3 -10.10 7.14 10.58
CA SER A 3 -10.42 8.48 10.12
C SER A 3 -11.43 8.42 8.98
N GLY A 4 -12.45 9.25 9.10
CA GLY A 4 -13.49 9.30 8.08
C GLY A 4 -14.37 8.05 8.14
N SER A 5 -14.90 7.69 6.99
CA SER A 5 -15.76 6.52 6.88
C SER A 5 -15.03 5.29 7.43
N SER A 6 -15.79 4.22 7.59
CA SER A 6 -15.23 2.98 8.11
C SER A 6 -15.70 1.80 7.27
N GLY A 7 -14.81 1.35 6.39
CA GLY A 7 -15.12 0.23 5.52
C GLY A 7 -14.04 -0.84 5.60
N THR A 8 -13.52 -1.19 4.43
CA THR A 8 -12.46 -2.20 4.35
C THR A 8 -11.13 -1.61 4.79
N MET A 9 -10.56 -2.23 5.82
CA MET A 9 -9.28 -1.77 6.36
C MET A 9 -8.21 -2.85 6.19
N LEU A 10 -7.12 -2.46 5.55
CA LEU A 10 -6.03 -3.38 5.32
C LEU A 10 -4.87 -3.03 6.25
N ARG A 11 -4.15 -4.07 6.68
CA ARG A 11 -3.02 -3.88 7.58
C ARG A 11 -1.71 -4.00 6.80
N VAL A 12 -1.13 -2.85 6.49
CA VAL A 12 0.13 -2.81 5.76
C VAL A 12 1.29 -2.82 6.75
N ARG A 13 2.43 -3.30 6.26
CA ARG A 13 3.62 -3.37 7.09
C ARG A 13 4.76 -2.58 6.46
N SER A 14 5.28 -1.63 7.21
CA SER A 14 6.37 -0.80 6.74
C SER A 14 7.57 -0.91 7.67
N ARG A 15 8.71 -0.42 7.20
CA ARG A 15 9.93 -0.46 7.99
C ARG A 15 9.72 0.24 9.33
N ASP A 16 9.07 1.40 9.26
CA ASP A 16 8.80 2.18 10.46
C ASP A 16 7.88 1.38 11.39
N GLY A 17 7.01 0.60 10.77
CA GLY A 17 6.07 -0.22 11.53
C GLY A 17 4.83 -0.53 10.69
N LEU A 18 3.87 -1.20 11.34
CA LEU A 18 2.64 -1.55 10.68
C LEU A 18 1.74 -0.32 10.56
N GLU A 19 1.24 -0.11 9.36
CA GLU A 19 0.38 1.03 9.09
C GLU A 19 -0.98 0.56 8.56
N ARG A 20 -2.01 1.35 8.84
CA ARG A 20 -3.35 1.03 8.40
C ARG A 20 -3.74 1.88 7.19
N VAL A 21 -4.69 1.37 6.43
CA VAL A 21 -5.16 2.09 5.26
C VAL A 21 -6.57 1.61 4.90
N SER A 22 -7.35 2.52 4.34
CA SER A 22 -8.72 2.19 3.95
C SER A 22 -8.80 2.02 2.43
N VAL A 23 -9.42 0.92 2.03
CA VAL A 23 -9.58 0.63 0.61
C VAL A 23 -11.06 0.53 0.29
N ASP A 24 -11.34 -0.03 -0.89
CA ASP A 24 -12.71 -0.19 -1.33
C ASP A 24 -13.06 -1.68 -1.37
N GLY A 25 -12.11 -2.46 -1.87
CA GLY A 25 -12.31 -3.91 -1.96
C GLY A 25 -11.36 -4.51 -2.98
N PRO A 26 -11.68 -5.77 -3.40
CA PRO A 26 -10.87 -6.48 -4.37
C PRO A 26 -11.08 -5.91 -5.77
N HIS A 27 -12.24 -5.31 -5.98
CA HIS A 27 -12.57 -4.73 -7.27
C HIS A 27 -11.49 -3.73 -7.67
N ILE A 28 -10.72 -3.30 -6.68
CA ILE A 28 -9.65 -2.35 -6.93
C ILE A 28 -8.38 -3.10 -7.31
N THR A 29 -7.54 -2.42 -8.06
CA THR A 29 -6.28 -3.01 -8.50
C THR A 29 -5.10 -2.36 -7.78
N VAL A 30 -3.93 -2.95 -7.98
CA VAL A 30 -2.72 -2.43 -7.35
C VAL A 30 -2.60 -0.93 -7.63
N SER A 31 -2.98 -0.56 -8.84
CA SER A 31 -2.92 0.84 -9.25
C SER A 31 -3.70 1.70 -8.25
N GLN A 32 -4.90 1.23 -7.94
CA GLN A 32 -5.76 1.95 -7.00
C GLN A 32 -5.23 1.80 -5.57
N LEU A 33 -4.68 0.63 -5.30
CA LEU A 33 -4.13 0.36 -3.98
C LEU A 33 -2.98 1.32 -3.70
N LYS A 34 -2.04 1.36 -4.62
CA LYS A 34 -0.89 2.22 -4.49
C LYS A 34 -1.35 3.65 -4.17
N THR A 35 -2.01 4.25 -5.15
CA THR A 35 -2.52 5.60 -4.99
C THR A 35 -3.02 5.82 -3.56
N LEU A 36 -3.86 4.90 -3.12
CA LEU A 36 -4.42 4.98 -1.78
C LEU A 36 -3.28 5.17 -0.77
N ILE A 37 -2.50 4.12 -0.59
CA ILE A 37 -1.38 4.16 0.34
C ILE A 37 -0.49 5.36 0.00
N GLN A 38 -0.39 5.63 -1.30
CA GLN A 38 0.43 6.74 -1.77
C GLN A 38 -0.19 8.07 -1.32
N ASP A 39 -1.48 8.02 -1.05
CA ASP A 39 -2.20 9.21 -0.63
C ASP A 39 -2.23 9.27 0.90
N GLN A 40 -2.62 8.15 1.49
CA GLN A 40 -2.70 8.07 2.95
C GLN A 40 -1.30 8.12 3.55
N LEU A 41 -0.48 7.15 3.16
CA LEU A 41 0.89 7.08 3.65
C LEU A 41 1.71 8.20 3.01
N GLN A 42 1.13 8.82 2.00
CA GLN A 42 1.80 9.90 1.29
C GLN A 42 3.14 9.42 0.73
N ILE A 43 3.10 8.25 0.11
CA ILE A 43 4.29 7.66 -0.48
C ILE A 43 4.11 7.56 -1.99
N PRO A 44 5.23 7.82 -2.73
CA PRO A 44 5.19 7.76 -4.18
C PRO A 44 5.19 6.30 -4.66
N ILE A 45 4.29 6.04 -5.60
CA ILE A 45 4.17 4.70 -6.15
C ILE A 45 5.55 4.19 -6.55
N HIS A 46 6.23 4.99 -7.35
CA HIS A 46 7.56 4.63 -7.82
C HIS A 46 8.40 4.15 -6.64
N ASN A 47 8.02 4.60 -5.45
CA ASN A 47 8.72 4.22 -4.24
C ASN A 47 7.97 3.07 -3.56
N GLN A 48 6.66 3.23 -3.45
CA GLN A 48 5.83 2.22 -2.83
C GLN A 48 6.10 0.86 -3.46
N THR A 49 6.12 -0.16 -2.61
CA THR A 49 6.36 -1.51 -3.07
C THR A 49 5.38 -2.48 -2.40
N LEU A 50 4.46 -3.00 -3.21
CA LEU A 50 3.46 -3.93 -2.72
C LEU A 50 4.00 -5.35 -2.85
N SER A 51 3.88 -6.10 -1.77
CA SER A 51 4.34 -7.49 -1.76
C SER A 51 3.71 -8.24 -0.58
N THR A 52 3.13 -9.39 -0.90
CA THR A 52 2.49 -10.20 0.11
C THR A 52 3.50 -11.19 0.71
N ASN A 53 4.67 -10.66 1.01
CA ASN A 53 5.73 -11.48 1.59
C ASN A 53 6.62 -10.61 2.49
N ARG A 54 6.71 -11.02 3.74
CA ARG A 54 7.53 -10.30 4.71
C ARG A 54 8.95 -10.11 4.17
N ASN A 55 9.32 -11.00 3.26
CA ASN A 55 10.66 -10.95 2.66
C ASN A 55 10.90 -9.55 2.12
N LEU A 56 9.81 -8.88 1.75
CA LEU A 56 9.91 -7.54 1.20
C LEU A 56 10.75 -6.67 2.14
N LEU A 57 10.47 -6.81 3.43
CA LEU A 57 11.19 -6.05 4.43
C LEU A 57 12.64 -6.51 4.48
N LEU A 58 12.85 -7.75 4.03
CA LEU A 58 14.19 -8.32 4.02
C LEU A 58 15.04 -7.60 2.98
N ALA A 59 14.38 -7.17 1.91
CA ALA A 59 15.06 -6.46 0.84
C ALA A 59 15.74 -5.22 1.41
N LYS A 60 17.04 -5.12 1.18
CA LYS A 60 17.80 -3.99 1.66
C LYS A 60 18.27 -3.15 0.46
N SER A 61 18.45 -3.83 -0.66
CA SER A 61 18.90 -3.16 -1.88
C SER A 61 17.68 -2.85 -2.77
N PRO A 62 17.92 -1.91 -3.73
CA PRO A 62 16.86 -1.51 -4.64
C PRO A 62 16.63 -2.59 -5.70
N SER A 63 17.67 -3.36 -5.97
CA SER A 63 17.59 -4.42 -6.95
C SER A 63 16.79 -5.59 -6.39
N ASP A 64 16.82 -5.72 -5.07
CA ASP A 64 16.10 -6.78 -4.41
C ASP A 64 14.59 -6.52 -4.50
N PHE A 65 14.23 -5.28 -4.24
CA PHE A 65 12.83 -4.88 -4.29
C PHE A 65 12.21 -5.25 -5.65
N LEU A 66 13.08 -5.47 -6.62
CA LEU A 66 12.63 -5.82 -7.95
C LEU A 66 12.30 -7.31 -8.00
N ALA A 67 12.74 -8.02 -6.96
CA ALA A 67 12.49 -9.45 -6.87
C ALA A 67 11.01 -9.69 -6.56
N PHE A 68 10.45 -8.76 -5.81
CA PHE A 68 9.05 -8.85 -5.43
C PHE A 68 8.15 -8.14 -6.45
N THR A 69 7.64 -8.91 -7.39
CA THR A 69 6.78 -8.36 -8.42
C THR A 69 5.39 -9.03 -8.36
N ASP A 70 5.01 -9.41 -7.16
CA ASP A 70 3.72 -10.06 -6.95
C ASP A 70 2.61 -9.01 -7.02
N MET A 71 3.01 -7.76 -6.86
CA MET A 71 2.07 -6.65 -6.91
C MET A 71 2.68 -5.43 -7.60
N ALA A 72 3.34 -5.69 -8.72
CA ALA A 72 3.97 -4.62 -9.48
C ALA A 72 3.04 -4.21 -10.62
N ASP A 73 2.17 -5.13 -11.01
CA ASP A 73 1.23 -4.87 -12.08
C ASP A 73 0.08 -4.02 -11.56
N PRO A 74 -0.14 -2.86 -12.23
CA PRO A 74 -1.21 -1.97 -11.83
C PRO A 74 -2.58 -2.51 -12.26
N ASN A 75 -2.55 -3.40 -13.24
CA ASN A 75 -3.77 -4.00 -13.75
C ASN A 75 -4.09 -5.26 -12.93
N LEU A 76 -3.22 -5.53 -11.97
CA LEU A 76 -3.40 -6.70 -11.11
C LEU A 76 -4.30 -6.33 -9.94
N ARG A 77 -5.10 -7.31 -9.52
CA ARG A 77 -6.01 -7.10 -8.41
C ARG A 77 -5.49 -7.78 -7.15
N ILE A 78 -5.82 -7.20 -6.02
CA ILE A 78 -5.39 -7.74 -4.73
C ILE A 78 -6.08 -9.07 -4.49
N SER A 79 -7.06 -9.36 -5.34
CA SER A 79 -7.82 -10.60 -5.22
C SER A 79 -6.91 -11.80 -5.51
N SER A 80 -5.81 -11.51 -6.19
CA SER A 80 -4.86 -12.55 -6.54
C SER A 80 -4.11 -13.01 -5.29
N LEU A 81 -4.09 -12.14 -4.30
CA LEU A 81 -3.41 -12.45 -3.04
C LEU A 81 -4.45 -12.70 -1.95
N ASN A 82 -5.70 -12.40 -2.29
CA ASN A 82 -6.79 -12.59 -1.35
C ASN A 82 -6.57 -11.70 -0.13
N LEU A 83 -6.59 -10.39 -0.38
CA LEU A 83 -6.39 -9.44 0.69
C LEU A 83 -7.75 -8.93 1.17
N ALA A 84 -8.05 -9.22 2.43
CA ALA A 84 -9.32 -8.80 3.01
C ALA A 84 -9.05 -8.02 4.30
N HIS A 85 -10.12 -7.49 4.88
CA HIS A 85 -10.00 -6.72 6.10
C HIS A 85 -9.44 -7.61 7.21
N GLY A 86 -8.15 -7.40 7.50
CA GLY A 86 -7.49 -8.17 8.53
C GLY A 86 -6.22 -8.83 7.99
N SER A 87 -6.22 -9.05 6.69
CA SER A 87 -5.08 -9.67 6.04
C SER A 87 -3.81 -8.87 6.32
N MET A 88 -2.68 -9.47 5.99
CA MET A 88 -1.40 -8.83 6.19
C MET A 88 -0.76 -8.40 4.87
N VAL A 89 -0.08 -7.27 4.91
CA VAL A 89 0.57 -6.75 3.72
C VAL A 89 1.83 -5.98 4.13
N TYR A 90 2.75 -5.87 3.19
CA TYR A 90 3.99 -5.17 3.43
C TYR A 90 4.23 -4.07 2.39
N LEU A 91 4.69 -2.93 2.88
CA LEU A 91 4.96 -1.80 2.01
C LEU A 91 6.44 -1.42 2.10
N ALA A 92 7.08 -1.41 0.94
CA ALA A 92 8.49 -1.07 0.86
C ALA A 92 8.67 0.18 0.00
N TYR A 93 9.22 1.21 0.62
CA TYR A 93 9.46 2.46 -0.08
C TYR A 93 10.80 3.07 0.31
N GLU A 94 11.31 3.93 -0.56
CA GLU A 94 12.59 4.59 -0.31
C GLU A 94 12.36 5.99 0.23
N GLY A 95 13.23 6.38 1.16
CA GLY A 95 13.13 7.70 1.77
C GLY A 95 11.83 7.83 2.57
N GLU A 96 11.85 8.79 3.49
CA GLU A 96 10.68 9.04 4.33
C GLU A 96 9.49 9.44 3.47
N ARG A 97 8.37 9.67 4.14
CA ARG A 97 7.14 10.05 3.45
C ARG A 97 7.18 11.54 3.11
N THR A 98 6.36 11.92 2.13
CA THR A 98 6.29 13.31 1.70
C THR A 98 5.63 14.16 2.77
N ILE A 99 5.25 15.36 2.38
CA ILE A 99 4.60 16.29 3.29
C ILE A 99 3.08 16.11 3.20
N ARG A 100 2.44 16.18 4.35
CA ARG A 100 0.99 16.03 4.43
C ARG A 100 0.31 17.23 3.77
N GLY A 101 -0.78 16.93 3.05
CA GLY A 101 -1.53 17.96 2.37
C GLY A 101 -2.63 17.35 1.51
N SER A 102 -3.70 18.13 1.33
CA SER A 102 -4.82 17.68 0.53
C SER A 102 -5.36 18.85 -0.31
N GLY A 103 -6.02 18.48 -1.41
CA GLY A 103 -6.58 19.48 -2.30
C GLY A 103 -8.10 19.55 -2.15
N PRO A 104 -8.56 20.62 -1.47
CA PRO A 104 -9.99 20.83 -1.25
C PRO A 104 -10.67 21.30 -2.52
N SER A 105 -11.99 21.43 -2.44
CA SER A 105 -12.78 21.89 -3.58
C SER A 105 -12.85 20.77 -4.62
N SER A 106 -14.03 20.17 -4.71
CA SER A 106 -14.25 19.10 -5.67
C SER A 106 -14.95 19.65 -6.91
N GLY A 107 -14.19 19.69 -8.01
CA GLY A 107 -14.72 20.19 -9.27
C GLY A 107 -13.67 20.12 -10.38
N GLY A 1 -19.25 10.99 -3.63
CA GLY A 1 -20.53 11.66 -3.75
C GLY A 1 -21.67 10.76 -3.25
N SER A 2 -22.02 9.78 -4.07
CA SER A 2 -23.09 8.86 -3.74
C SER A 2 -22.56 7.43 -3.78
N SER A 3 -22.06 6.97 -2.64
CA SER A 3 -21.54 5.62 -2.54
C SER A 3 -21.18 5.30 -1.08
N GLY A 4 -21.93 4.38 -0.51
CA GLY A 4 -21.69 3.98 0.87
C GLY A 4 -21.08 2.57 0.94
N SER A 5 -19.79 2.52 0.66
CA SER A 5 -19.07 1.25 0.69
C SER A 5 -18.95 0.76 2.13
N SER A 6 -18.89 -0.56 2.27
CA SER A 6 -18.77 -1.17 3.58
C SER A 6 -17.57 -0.58 4.32
N GLY A 7 -16.38 -0.85 3.78
CA GLY A 7 -15.16 -0.35 4.38
C GLY A 7 -14.21 -1.51 4.72
N THR A 8 -13.22 -1.69 3.86
CA THR A 8 -12.24 -2.74 4.06
C THR A 8 -10.88 -2.14 4.45
N MET A 9 -10.34 -2.67 5.54
CA MET A 9 -9.05 -2.20 6.03
C MET A 9 -7.98 -3.27 5.84
N LEU A 10 -6.84 -2.82 5.32
CA LEU A 10 -5.73 -3.73 5.08
C LEU A 10 -4.58 -3.38 6.03
N ARG A 11 -3.65 -4.31 6.16
CA ARG A 11 -2.51 -4.12 7.03
C ARG A 11 -1.24 -3.90 6.20
N VAL A 12 -0.77 -2.67 6.22
CA VAL A 12 0.43 -2.31 5.48
C VAL A 12 1.62 -2.21 6.45
N ARG A 13 2.55 -3.14 6.29
CA ARG A 13 3.72 -3.15 7.14
C ARG A 13 4.83 -2.28 6.54
N SER A 14 5.29 -1.34 7.35
CA SER A 14 6.35 -0.43 6.91
C SER A 14 7.45 -0.37 7.97
N ARG A 15 8.59 0.17 7.55
CA ARG A 15 9.73 0.30 8.45
C ARG A 15 9.26 0.76 9.84
N ASP A 16 8.60 1.92 9.85
CA ASP A 16 8.10 2.48 11.09
C ASP A 16 7.51 1.36 11.95
N GLY A 17 6.70 0.53 11.31
CA GLY A 17 6.06 -0.58 12.00
C GLY A 17 4.99 -1.23 11.13
N LEU A 18 3.75 -1.10 11.58
CA LEU A 18 2.62 -1.65 10.85
C LEU A 18 1.53 -0.59 10.74
N GLU A 19 1.39 -0.07 9.53
CA GLU A 19 0.38 0.94 9.27
C GLU A 19 -0.85 0.32 8.59
N ARG A 20 -1.97 1.00 8.73
CA ARG A 20 -3.21 0.52 8.14
C ARG A 20 -3.81 1.60 7.22
N VAL A 21 -4.60 1.13 6.26
CA VAL A 21 -5.23 2.04 5.32
C VAL A 21 -6.59 1.48 4.92
N SER A 22 -7.49 2.38 4.52
CA SER A 22 -8.82 1.99 4.11
C SER A 22 -8.90 1.94 2.58
N VAL A 23 -9.49 0.87 2.08
CA VAL A 23 -9.64 0.69 0.65
C VAL A 23 -11.12 0.48 0.32
N ASP A 24 -11.36 0.01 -0.89
CA ASP A 24 -12.71 -0.24 -1.34
C ASP A 24 -12.98 -1.75 -1.33
N GLY A 25 -12.21 -2.46 -2.14
CA GLY A 25 -12.36 -3.90 -2.22
C GLY A 25 -11.50 -4.48 -3.34
N PRO A 26 -11.93 -5.66 -3.86
CA PRO A 26 -11.20 -6.33 -4.93
C PRO A 26 -11.44 -5.63 -6.26
N HIS A 27 -12.57 -4.95 -6.34
CA HIS A 27 -12.93 -4.23 -7.56
C HIS A 27 -11.82 -3.23 -7.91
N ILE A 28 -10.99 -2.95 -6.92
CA ILE A 28 -9.88 -2.02 -7.11
C ILE A 28 -8.62 -2.80 -7.45
N THR A 29 -7.70 -2.12 -8.13
CA THR A 29 -6.44 -2.73 -8.52
C THR A 29 -5.29 -2.16 -7.69
N VAL A 30 -4.14 -2.80 -7.84
CA VAL A 30 -2.96 -2.36 -7.12
C VAL A 30 -2.76 -0.86 -7.31
N SER A 31 -3.05 -0.42 -8.53
CA SER A 31 -2.91 0.99 -8.87
C SER A 31 -3.71 1.85 -7.88
N GLN A 32 -4.95 1.44 -7.69
CA GLN A 32 -5.84 2.16 -6.77
C GLN A 32 -5.37 1.98 -5.33
N LEU A 33 -4.85 0.79 -5.06
CA LEU A 33 -4.37 0.47 -3.72
C LEU A 33 -3.22 1.41 -3.37
N LYS A 34 -2.24 1.46 -4.24
CA LYS A 34 -1.08 2.31 -4.03
C LYS A 34 -1.54 3.75 -3.84
N THR A 35 -2.08 4.33 -4.90
CA THR A 35 -2.56 5.70 -4.84
C THR A 35 -3.13 6.01 -3.45
N LEU A 36 -3.91 5.06 -2.94
CA LEU A 36 -4.50 5.22 -1.63
C LEU A 36 -3.41 5.41 -0.59
N ILE A 37 -2.66 4.34 -0.36
CA ILE A 37 -1.58 4.38 0.62
C ILE A 37 -0.62 5.51 0.25
N GLN A 38 -0.36 5.63 -1.04
CA GLN A 38 0.54 6.66 -1.54
C GLN A 38 0.14 8.03 -0.98
N ASP A 39 -1.17 8.23 -0.88
CA ASP A 39 -1.69 9.48 -0.37
C ASP A 39 -1.77 9.41 1.16
N GLN A 40 -2.61 8.50 1.63
CA GLN A 40 -2.78 8.33 3.06
C GLN A 40 -1.43 8.29 3.76
N LEU A 41 -0.58 7.38 3.31
CA LEU A 41 0.75 7.23 3.87
C LEU A 41 1.65 8.36 3.36
N GLN A 42 1.22 8.96 2.27
CA GLN A 42 1.97 10.05 1.66
C GLN A 42 3.32 9.54 1.12
N ILE A 43 3.25 8.41 0.44
CA ILE A 43 4.45 7.80 -0.13
C ILE A 43 4.26 7.63 -1.64
N PRO A 44 5.38 7.86 -2.38
CA PRO A 44 5.36 7.73 -3.82
C PRO A 44 5.32 6.26 -4.25
N ILE A 45 4.35 5.95 -5.09
CA ILE A 45 4.19 4.59 -5.58
C ILE A 45 5.53 4.09 -6.12
N HIS A 46 6.07 4.84 -7.06
CA HIS A 46 7.35 4.48 -7.67
C HIS A 46 8.29 3.94 -6.59
N ASN A 47 8.10 4.43 -5.38
CA ASN A 47 8.92 4.01 -4.26
C ASN A 47 8.23 2.85 -3.53
N GLN A 48 6.92 3.01 -3.34
CA GLN A 48 6.13 2.00 -2.67
C GLN A 48 6.37 0.63 -3.30
N THR A 49 6.39 -0.38 -2.46
CA THR A 49 6.61 -1.75 -2.91
C THR A 49 5.61 -2.70 -2.25
N LEU A 50 4.69 -3.19 -3.06
CA LEU A 50 3.68 -4.12 -2.58
C LEU A 50 4.18 -5.55 -2.72
N SER A 51 4.07 -6.30 -1.64
CA SER A 51 4.51 -7.69 -1.63
C SER A 51 3.88 -8.43 -0.44
N THR A 52 3.47 -9.66 -0.71
CA THR A 52 2.86 -10.48 0.32
C THR A 52 3.93 -11.28 1.06
N ASN A 53 5.08 -10.66 1.24
CA ASN A 53 6.19 -11.31 1.93
C ASN A 53 6.84 -10.30 2.87
N ARG A 54 7.33 -10.82 3.99
CA ARG A 54 7.98 -9.99 4.98
C ARG A 54 9.42 -9.69 4.56
N ASN A 55 9.96 -10.58 3.75
CA ASN A 55 11.33 -10.43 3.27
C ASN A 55 11.49 -9.04 2.65
N LEU A 56 10.36 -8.46 2.27
CA LEU A 56 10.36 -7.14 1.66
C LEU A 56 11.12 -6.17 2.57
N LEU A 57 10.84 -6.28 3.85
CA LEU A 57 11.48 -5.42 4.84
C LEU A 57 12.97 -5.76 4.92
N LEU A 58 13.29 -6.98 4.48
CA LEU A 58 14.67 -7.44 4.51
C LEU A 58 15.42 -6.83 3.32
N ALA A 59 14.73 -6.77 2.19
CA ALA A 59 15.31 -6.21 0.98
C ALA A 59 15.94 -4.85 1.31
N LYS A 60 17.23 -4.76 1.09
CA LYS A 60 17.95 -3.52 1.35
C LYS A 60 18.40 -2.90 0.02
N SER A 61 18.58 -3.77 -0.97
CA SER A 61 19.01 -3.32 -2.28
C SER A 61 17.78 -3.04 -3.16
N PRO A 62 17.99 -2.20 -4.20
CA PRO A 62 16.92 -1.85 -5.12
C PRO A 62 16.63 -3.00 -6.08
N SER A 63 17.54 -3.96 -6.11
CA SER A 63 17.39 -5.11 -6.97
C SER A 63 16.60 -6.20 -6.25
N ASP A 64 16.82 -6.28 -4.95
CA ASP A 64 16.14 -7.28 -4.14
C ASP A 64 14.62 -7.06 -4.25
N PHE A 65 14.22 -5.82 -4.09
CA PHE A 65 12.81 -5.47 -4.16
C PHE A 65 12.21 -5.90 -5.50
N LEU A 66 13.07 -5.96 -6.51
CA LEU A 66 12.64 -6.36 -7.83
C LEU A 66 12.28 -7.85 -7.83
N ALA A 67 12.62 -8.50 -6.72
CA ALA A 67 12.34 -9.92 -6.59
C ALA A 67 10.84 -10.12 -6.39
N PHE A 68 10.21 -9.11 -5.82
CA PHE A 68 8.77 -9.17 -5.57
C PHE A 68 8.00 -8.41 -6.65
N THR A 69 7.52 -9.17 -7.63
CA THR A 69 6.77 -8.58 -8.73
C THR A 69 5.38 -9.23 -8.83
N ASP A 70 4.67 -9.19 -7.71
CA ASP A 70 3.34 -9.77 -7.65
C ASP A 70 2.31 -8.64 -7.55
N MET A 71 2.72 -7.55 -6.93
CA MET A 71 1.85 -6.41 -6.77
C MET A 71 2.38 -5.20 -7.54
N ALA A 72 3.20 -5.49 -8.54
CA ALA A 72 3.78 -4.44 -9.36
C ALA A 72 2.76 -3.98 -10.41
N ASP A 73 2.10 -4.96 -11.01
CA ASP A 73 1.10 -4.68 -12.03
C ASP A 73 -0.01 -3.82 -11.41
N PRO A 74 -0.20 -2.61 -11.98
CA PRO A 74 -1.22 -1.70 -11.49
C PRO A 74 -2.62 -2.16 -11.94
N ASN A 75 -2.63 -2.98 -12.97
CA ASN A 75 -3.89 -3.50 -13.51
C ASN A 75 -4.26 -4.79 -12.75
N LEU A 76 -3.35 -5.20 -11.87
CA LEU A 76 -3.58 -6.41 -11.10
C LEU A 76 -4.52 -6.09 -9.93
N ARG A 77 -5.42 -7.02 -9.67
CA ARG A 77 -6.38 -6.86 -8.58
C ARG A 77 -5.86 -7.54 -7.31
N ILE A 78 -6.36 -7.06 -6.18
CA ILE A 78 -5.96 -7.61 -4.90
C ILE A 78 -6.44 -9.07 -4.80
N SER A 79 -7.46 -9.37 -5.58
CA SER A 79 -8.01 -10.71 -5.59
C SER A 79 -6.92 -11.73 -5.94
N SER A 80 -5.87 -11.23 -6.59
CA SER A 80 -4.76 -12.08 -6.98
C SER A 80 -4.17 -12.77 -5.75
N LEU A 81 -4.18 -12.04 -4.63
CA LEU A 81 -3.65 -12.57 -3.40
C LEU A 81 -4.81 -12.88 -2.45
N ASN A 82 -5.97 -12.35 -2.79
CA ASN A 82 -7.16 -12.56 -1.98
C ASN A 82 -6.96 -11.92 -0.60
N LEU A 83 -7.03 -10.60 -0.58
CA LEU A 83 -6.86 -9.86 0.66
C LEU A 83 -8.23 -9.53 1.25
N ALA A 84 -8.46 -10.03 2.45
CA ALA A 84 -9.72 -9.79 3.13
C ALA A 84 -9.46 -9.01 4.42
N HIS A 85 -10.55 -8.53 5.01
CA HIS A 85 -10.45 -7.77 6.24
C HIS A 85 -9.67 -8.57 7.28
N GLY A 86 -8.51 -8.04 7.65
CA GLY A 86 -7.65 -8.69 8.62
C GLY A 86 -6.39 -9.24 7.97
N SER A 87 -6.42 -9.30 6.65
CA SER A 87 -5.28 -9.81 5.89
C SER A 87 -4.03 -9.02 6.25
N MET A 88 -2.91 -9.48 5.70
CA MET A 88 -1.64 -8.83 5.97
C MET A 88 -0.96 -8.40 4.66
N VAL A 89 -0.23 -7.30 4.75
CA VAL A 89 0.47 -6.78 3.58
C VAL A 89 1.68 -5.97 4.05
N TYR A 90 2.68 -5.91 3.18
CA TYR A 90 3.90 -5.17 3.49
C TYR A 90 4.09 -4.01 2.51
N LEU A 91 4.86 -3.03 2.95
CA LEU A 91 5.13 -1.86 2.13
C LEU A 91 6.62 -1.51 2.22
N ALA A 92 7.23 -1.36 1.06
CA ALA A 92 8.65 -1.04 1.00
C ALA A 92 8.84 0.20 0.12
N TYR A 93 9.47 1.21 0.69
CA TYR A 93 9.73 2.45 -0.04
C TYR A 93 11.14 2.96 0.23
N GLU A 94 11.61 3.78 -0.69
CA GLU A 94 12.95 4.35 -0.57
C GLU A 94 12.87 5.82 -0.14
N GLY A 95 13.90 6.25 0.56
CA GLY A 95 13.96 7.63 1.03
C GLY A 95 13.03 7.84 2.23
N GLU A 96 12.09 8.76 2.05
CA GLU A 96 11.13 9.07 3.10
C GLU A 96 9.77 9.39 2.49
N ARG A 97 8.87 9.85 3.35
CA ARG A 97 7.53 10.20 2.91
C ARG A 97 7.49 11.64 2.42
N THR A 98 6.34 12.02 1.86
CA THR A 98 6.17 13.35 1.35
C THR A 98 5.36 14.21 2.34
N ILE A 99 4.95 15.38 1.87
CA ILE A 99 4.18 16.28 2.70
C ILE A 99 2.69 16.02 2.49
N ARG A 100 1.93 16.24 3.55
CA ARG A 100 0.49 16.03 3.50
C ARG A 100 -0.14 16.96 2.46
N GLY A 101 -1.07 16.40 1.69
CA GLY A 101 -1.76 17.16 0.67
C GLY A 101 -3.05 17.78 1.22
N SER A 102 -3.96 18.07 0.30
CA SER A 102 -5.23 18.65 0.68
C SER A 102 -6.14 18.76 -0.55
N GLY A 103 -7.43 18.94 -0.28
CA GLY A 103 -8.41 19.05 -1.34
C GLY A 103 -9.80 18.67 -0.85
N PRO A 104 -10.66 19.72 -0.67
CA PRO A 104 -12.02 19.50 -0.20
C PRO A 104 -12.89 18.93 -1.31
N SER A 105 -13.88 18.15 -0.90
CA SER A 105 -14.80 17.53 -1.84
C SER A 105 -14.04 16.57 -2.76
N SER A 106 -14.81 15.75 -3.46
CA SER A 106 -14.21 14.78 -4.37
C SER A 106 -14.06 15.39 -5.77
N GLY A 107 -12.87 15.91 -6.02
CA GLY A 107 -12.57 16.53 -7.29
C GLY A 107 -11.39 17.50 -7.18
N GLY A 1 -1.61 9.62 9.64
CA GLY A 1 -2.80 10.41 9.94
C GLY A 1 -3.66 9.71 10.99
N SER A 2 -4.96 9.95 10.89
CA SER A 2 -5.90 9.36 11.82
C SER A 2 -7.06 8.70 11.06
N SER A 3 -7.01 7.38 11.00
CA SER A 3 -8.04 6.62 10.31
C SER A 3 -8.65 5.58 11.25
N GLY A 4 -9.95 5.38 11.11
CA GLY A 4 -10.66 4.42 11.93
C GLY A 4 -11.09 3.20 11.11
N SER A 5 -11.34 2.11 11.81
CA SER A 5 -11.77 0.88 11.16
C SER A 5 -13.30 0.81 11.13
N SER A 6 -13.82 0.40 9.98
CA SER A 6 -15.25 0.28 9.81
C SER A 6 -15.57 -0.55 8.57
N GLY A 7 -15.06 -0.08 7.44
CA GLY A 7 -15.28 -0.78 6.17
C GLY A 7 -14.22 -1.86 5.96
N THR A 8 -13.47 -1.70 4.88
CA THR A 8 -12.43 -2.66 4.54
C THR A 8 -11.04 -2.02 4.72
N MET A 9 -10.40 -2.35 5.83
CA MET A 9 -9.09 -1.82 6.13
C MET A 9 -8.01 -2.88 5.92
N LEU A 10 -6.96 -2.48 5.22
CA LEU A 10 -5.85 -3.39 4.93
C LEU A 10 -4.66 -3.02 5.82
N ARG A 11 -3.95 -4.06 6.25
CA ARG A 11 -2.79 -3.86 7.11
C ARG A 11 -1.52 -3.76 6.26
N VAL A 12 -1.07 -2.52 6.08
CA VAL A 12 0.13 -2.28 5.30
C VAL A 12 1.33 -2.20 6.23
N ARG A 13 2.14 -3.24 6.19
CA ARG A 13 3.33 -3.31 7.03
C ARG A 13 4.51 -2.67 6.31
N SER A 14 5.19 -1.78 7.03
CA SER A 14 6.35 -1.08 6.48
C SER A 14 7.55 -1.24 7.42
N ARG A 15 8.73 -1.27 6.82
CA ARG A 15 9.95 -1.40 7.58
C ARG A 15 10.02 -0.33 8.67
N ASP A 16 9.33 0.77 8.41
CA ASP A 16 9.30 1.88 9.36
C ASP A 16 8.37 1.52 10.53
N GLY A 17 7.44 0.62 10.24
CA GLY A 17 6.49 0.19 11.24
C GLY A 17 5.21 -0.36 10.60
N LEU A 18 4.27 -0.76 11.45
CA LEU A 18 3.02 -1.30 10.97
C LEU A 18 1.99 -0.17 10.87
N GLU A 19 1.21 -0.22 9.79
CA GLU A 19 0.19 0.78 9.56
C GLU A 19 -1.04 0.15 8.92
N ARG A 20 -2.12 0.91 8.91
CA ARG A 20 -3.37 0.44 8.33
C ARG A 20 -3.92 1.47 7.35
N VAL A 21 -4.59 0.95 6.31
CA VAL A 21 -5.17 1.81 5.30
C VAL A 21 -6.58 1.31 4.95
N SER A 22 -7.42 2.24 4.54
CA SER A 22 -8.78 1.91 4.17
C SER A 22 -8.91 1.85 2.64
N VAL A 23 -9.54 0.78 2.18
CA VAL A 23 -9.74 0.60 0.75
C VAL A 23 -11.24 0.54 0.46
N ASP A 24 -11.56 0.09 -0.75
CA ASP A 24 -12.94 -0.02 -1.17
C ASP A 24 -13.33 -1.50 -1.24
N GLY A 25 -12.48 -2.27 -1.90
CA GLY A 25 -12.72 -3.70 -2.06
C GLY A 25 -11.76 -4.32 -3.07
N PRO A 26 -12.12 -5.54 -3.54
CA PRO A 26 -11.31 -6.24 -4.52
C PRO A 26 -11.45 -5.61 -5.91
N HIS A 27 -12.57 -4.96 -6.11
CA HIS A 27 -12.85 -4.31 -7.39
C HIS A 27 -11.73 -3.33 -7.71
N ILE A 28 -10.98 -2.98 -6.68
CA ILE A 28 -9.87 -2.04 -6.85
C ILE A 28 -8.61 -2.82 -7.23
N THR A 29 -7.76 -2.17 -8.02
CA THR A 29 -6.53 -2.78 -8.46
C THR A 29 -5.34 -2.20 -7.69
N VAL A 30 -4.21 -2.88 -7.81
CA VAL A 30 -3.00 -2.45 -7.13
C VAL A 30 -2.82 -0.94 -7.34
N SER A 31 -3.14 -0.50 -8.55
CA SER A 31 -3.02 0.90 -8.89
C SER A 31 -3.81 1.76 -7.89
N GLN A 32 -5.05 1.35 -7.67
CA GLN A 32 -5.91 2.06 -6.75
C GLN A 32 -5.43 1.88 -5.31
N LEU A 33 -4.86 0.70 -5.05
CA LEU A 33 -4.35 0.39 -3.72
C LEU A 33 -3.18 1.33 -3.41
N LYS A 34 -2.16 1.27 -4.25
CA LYS A 34 -0.99 2.10 -4.07
C LYS A 34 -1.42 3.54 -3.78
N THR A 35 -2.06 4.13 -4.78
CA THR A 35 -2.54 5.50 -4.64
C THR A 35 -3.04 5.76 -3.23
N LEU A 36 -4.00 4.94 -2.82
CA LEU A 36 -4.58 5.07 -1.50
C LEU A 36 -3.46 5.29 -0.47
N ILE A 37 -2.65 4.26 -0.30
CA ILE A 37 -1.55 4.33 0.64
C ILE A 37 -0.63 5.51 0.26
N GLN A 38 -0.23 5.51 -1.00
CA GLN A 38 0.64 6.56 -1.50
C GLN A 38 0.19 7.92 -0.97
N ASP A 39 -1.13 8.05 -0.80
CA ASP A 39 -1.69 9.30 -0.30
C ASP A 39 -1.77 9.23 1.23
N GLN A 40 -2.61 8.32 1.71
CA GLN A 40 -2.78 8.15 3.15
C GLN A 40 -1.43 8.16 3.85
N LEU A 41 -0.55 7.28 3.39
CA LEU A 41 0.78 7.17 3.97
C LEU A 41 1.65 8.30 3.43
N GLN A 42 1.25 8.83 2.29
CA GLN A 42 1.98 9.92 1.67
C GLN A 42 3.32 9.42 1.14
N ILE A 43 3.25 8.39 0.30
CA ILE A 43 4.45 7.82 -0.29
C ILE A 43 4.24 7.64 -1.80
N PRO A 44 5.34 7.88 -2.56
CA PRO A 44 5.29 7.76 -4.01
C PRO A 44 5.28 6.29 -4.42
N ILE A 45 4.30 5.95 -5.25
CA ILE A 45 4.16 4.59 -5.73
C ILE A 45 5.50 4.11 -6.28
N HIS A 46 6.02 4.86 -7.23
CA HIS A 46 7.30 4.52 -7.85
C HIS A 46 8.25 3.99 -6.78
N ASN A 47 8.07 4.49 -5.57
CA ASN A 47 8.91 4.07 -4.45
C ASN A 47 8.23 2.90 -3.72
N GLN A 48 6.92 3.04 -3.53
CA GLN A 48 6.16 2.02 -2.85
C GLN A 48 6.39 0.65 -3.51
N THR A 49 6.54 -0.35 -2.66
CA THR A 49 6.76 -1.71 -3.14
C THR A 49 5.88 -2.70 -2.38
N LEU A 50 4.88 -3.20 -3.08
CA LEU A 50 3.96 -4.16 -2.49
C LEU A 50 4.53 -5.57 -2.63
N SER A 51 4.33 -6.35 -1.59
CA SER A 51 4.83 -7.73 -1.58
C SER A 51 4.10 -8.54 -0.49
N THR A 52 3.73 -9.74 -0.86
CA THR A 52 3.04 -10.63 0.06
C THR A 52 4.05 -11.46 0.87
N ASN A 53 5.27 -10.95 0.92
CA ASN A 53 6.33 -11.64 1.65
C ASN A 53 6.98 -10.66 2.63
N ARG A 54 7.21 -11.14 3.83
CA ARG A 54 7.83 -10.33 4.87
C ARG A 54 9.31 -10.06 4.52
N ASN A 55 9.80 -10.85 3.59
CA ASN A 55 11.19 -10.70 3.16
C ASN A 55 11.40 -9.30 2.58
N LEU A 56 10.28 -8.66 2.25
CA LEU A 56 10.32 -7.33 1.68
C LEU A 56 11.00 -6.38 2.68
N LEU A 57 10.58 -6.49 3.93
CA LEU A 57 11.12 -5.66 4.98
C LEU A 57 12.60 -5.97 5.17
N LEU A 58 13.01 -7.09 4.58
CA LEU A 58 14.40 -7.53 4.67
C LEU A 58 15.21 -6.85 3.57
N ALA A 59 14.57 -6.67 2.42
CA ALA A 59 15.21 -6.05 1.28
C ALA A 59 15.70 -4.66 1.69
N LYS A 60 17.00 -4.44 1.50
CA LYS A 60 17.59 -3.15 1.84
C LYS A 60 18.02 -2.44 0.55
N SER A 61 18.36 -3.25 -0.45
CA SER A 61 18.78 -2.72 -1.72
C SER A 61 17.61 -2.73 -2.72
N PRO A 62 17.85 -2.09 -3.90
CA PRO A 62 16.84 -2.03 -4.93
C PRO A 62 16.68 -3.38 -5.64
N SER A 63 17.81 -3.95 -6.01
CA SER A 63 17.82 -5.24 -6.69
C SER A 63 17.02 -6.26 -5.87
N ASP A 64 17.11 -6.12 -4.56
CA ASP A 64 16.41 -7.02 -3.67
C ASP A 64 14.90 -6.87 -3.87
N PHE A 65 14.46 -5.63 -3.88
CA PHE A 65 13.04 -5.33 -4.07
C PHE A 65 12.57 -5.81 -5.44
N LEU A 66 13.53 -5.99 -6.34
CA LEU A 66 13.22 -6.43 -7.69
C LEU A 66 12.85 -7.92 -7.66
N ALA A 67 13.08 -8.53 -6.51
CA ALA A 67 12.79 -9.93 -6.34
C ALA A 67 11.28 -10.11 -6.13
N PHE A 68 10.67 -9.08 -5.57
CA PHE A 68 9.24 -9.10 -5.32
C PHE A 68 8.48 -8.32 -6.39
N THR A 69 7.59 -9.03 -7.07
CA THR A 69 6.79 -8.42 -8.12
C THR A 69 5.42 -9.10 -8.22
N ASP A 70 4.85 -9.39 -7.05
CA ASP A 70 3.56 -10.04 -7.00
C ASP A 70 2.46 -9.02 -7.29
N MET A 71 2.66 -7.82 -6.77
CA MET A 71 1.70 -6.74 -6.95
C MET A 71 2.37 -5.54 -7.62
N ALA A 72 3.09 -5.82 -8.70
CA ALA A 72 3.77 -4.77 -9.45
C ALA A 72 2.83 -4.23 -10.53
N ASP A 73 2.00 -5.13 -11.05
CA ASP A 73 1.06 -4.76 -12.08
C ASP A 73 -0.05 -3.89 -11.48
N PRO A 74 -0.19 -2.66 -12.05
CA PRO A 74 -1.20 -1.73 -11.57
C PRO A 74 -2.60 -2.14 -12.04
N ASN A 75 -2.61 -3.00 -13.05
CA ASN A 75 -3.87 -3.49 -13.60
C ASN A 75 -4.26 -4.79 -12.90
N LEU A 76 -3.41 -5.20 -11.97
CA LEU A 76 -3.66 -6.42 -11.22
C LEU A 76 -4.60 -6.12 -10.05
N ARG A 77 -5.50 -7.05 -9.81
CA ARG A 77 -6.46 -6.90 -8.73
C ARG A 77 -5.93 -7.54 -7.45
N ILE A 78 -6.44 -7.07 -6.32
CA ILE A 78 -6.04 -7.59 -5.03
C ILE A 78 -6.68 -8.96 -4.81
N SER A 79 -7.60 -9.30 -5.69
CA SER A 79 -8.29 -10.58 -5.61
C SER A 79 -7.32 -11.71 -5.90
N SER A 80 -6.25 -11.38 -6.62
CA SER A 80 -5.25 -12.36 -6.99
C SER A 80 -4.62 -12.94 -5.72
N LEU A 81 -4.60 -12.14 -4.67
CA LEU A 81 -4.03 -12.56 -3.41
C LEU A 81 -5.15 -12.81 -2.41
N ASN A 82 -6.29 -12.17 -2.66
CA ASN A 82 -7.44 -12.31 -1.79
C ASN A 82 -7.19 -11.56 -0.48
N LEU A 83 -6.85 -10.29 -0.62
CA LEU A 83 -6.58 -9.46 0.54
C LEU A 83 -7.90 -9.02 1.17
N ALA A 84 -8.27 -9.70 2.24
CA ALA A 84 -9.50 -9.39 2.94
C ALA A 84 -9.21 -8.44 4.10
N HIS A 85 -10.27 -7.96 4.72
CA HIS A 85 -10.14 -7.04 5.85
C HIS A 85 -9.36 -7.72 6.97
N GLY A 86 -8.14 -7.23 7.19
CA GLY A 86 -7.28 -7.77 8.22
C GLY A 86 -6.07 -8.48 7.61
N SER A 87 -6.17 -8.74 6.32
CA SER A 87 -5.09 -9.42 5.61
C SER A 87 -3.76 -8.72 5.91
N MET A 88 -2.69 -9.38 5.50
CA MET A 88 -1.35 -8.83 5.71
C MET A 88 -0.74 -8.34 4.41
N VAL A 89 0.01 -7.25 4.50
CA VAL A 89 0.66 -6.68 3.33
C VAL A 89 1.92 -5.95 3.76
N TYR A 90 2.94 -6.04 2.92
CA TYR A 90 4.20 -5.39 3.21
C TYR A 90 4.50 -4.30 2.17
N LEU A 91 4.89 -3.14 2.66
CA LEU A 91 5.21 -2.02 1.80
C LEU A 91 6.69 -1.67 1.95
N ALA A 92 7.30 -1.34 0.82
CA ALA A 92 8.70 -0.99 0.81
C ALA A 92 8.92 0.20 -0.13
N TYR A 93 9.46 1.27 0.45
CA TYR A 93 9.71 2.48 -0.31
C TYR A 93 11.05 3.11 0.11
N GLU A 94 11.55 3.98 -0.77
CA GLU A 94 12.81 4.65 -0.51
C GLU A 94 12.56 6.09 -0.06
N GLY A 95 13.41 6.54 0.84
CA GLY A 95 13.29 7.89 1.37
C GLY A 95 12.08 8.02 2.29
N GLU A 96 11.96 9.18 2.91
CA GLU A 96 10.86 9.44 3.82
C GLU A 96 9.57 9.72 3.03
N ARG A 97 8.52 10.04 3.77
CA ARG A 97 7.24 10.33 3.15
C ARG A 97 7.21 11.77 2.64
N THR A 98 6.08 12.14 2.04
CA THR A 98 5.91 13.47 1.51
C THR A 98 5.04 14.32 2.45
N ILE A 99 4.68 15.49 1.97
CA ILE A 99 3.86 16.40 2.75
C ILE A 99 2.38 16.12 2.48
N ARG A 100 1.61 16.02 3.56
CA ARG A 100 0.20 15.75 3.46
C ARG A 100 -0.57 17.06 3.28
N GLY A 101 -1.82 16.91 2.86
CA GLY A 101 -2.68 18.07 2.64
C GLY A 101 -4.07 17.84 3.22
N SER A 102 -4.77 18.93 3.48
CA SER A 102 -6.11 18.86 4.03
C SER A 102 -6.85 20.18 3.78
N GLY A 103 -7.59 20.21 2.69
CA GLY A 103 -8.34 21.39 2.32
C GLY A 103 -9.72 21.39 3.00
N PRO A 104 -10.30 22.61 3.13
CA PRO A 104 -11.60 22.76 3.75
C PRO A 104 -12.71 22.30 2.81
N SER A 105 -13.42 21.27 3.24
CA SER A 105 -14.51 20.72 2.44
C SER A 105 -15.25 19.64 3.23
N SER A 106 -16.51 19.93 3.55
CA SER A 106 -17.32 18.98 4.30
C SER A 106 -18.27 18.24 3.35
N GLY A 107 -17.75 17.13 2.81
CA GLY A 107 -18.53 16.33 1.90
C GLY A 107 -19.95 16.10 2.44
N GLY A 1 -9.00 6.91 18.03
CA GLY A 1 -8.72 6.05 19.17
C GLY A 1 -8.17 4.70 18.71
N SER A 2 -8.89 3.65 19.07
CA SER A 2 -8.48 2.30 18.71
C SER A 2 -9.59 1.61 17.91
N SER A 3 -10.75 1.49 18.56
CA SER A 3 -11.89 0.85 17.92
C SER A 3 -12.62 1.86 17.03
N GLY A 4 -12.60 1.59 15.74
CA GLY A 4 -13.26 2.47 14.78
C GLY A 4 -13.24 1.85 13.38
N SER A 5 -14.31 1.12 13.08
CA SER A 5 -14.42 0.47 11.79
C SER A 5 -15.37 1.27 10.90
N SER A 6 -14.99 1.37 9.63
CA SER A 6 -15.79 2.11 8.66
C SER A 6 -16.17 1.20 7.49
N GLY A 7 -15.13 0.76 6.77
CA GLY A 7 -15.34 -0.11 5.63
C GLY A 7 -14.33 -1.27 5.64
N THR A 8 -13.51 -1.30 4.59
CA THR A 8 -12.52 -2.35 4.47
C THR A 8 -11.14 -1.82 4.89
N MET A 9 -10.60 -2.42 5.94
CA MET A 9 -9.30 -2.02 6.44
C MET A 9 -8.25 -3.10 6.14
N LEU A 10 -7.17 -2.65 5.52
CA LEU A 10 -6.08 -3.56 5.18
C LEU A 10 -4.89 -3.30 6.10
N ARG A 11 -4.37 -4.39 6.65
CA ARG A 11 -3.23 -4.30 7.56
C ARG A 11 -1.92 -4.33 6.76
N VAL A 12 -1.36 -3.15 6.54
CA VAL A 12 -0.12 -3.03 5.80
C VAL A 12 1.04 -2.88 6.79
N ARG A 13 2.17 -3.46 6.43
CA ARG A 13 3.36 -3.40 7.26
C ARG A 13 4.48 -2.65 6.54
N SER A 14 5.02 -1.66 7.23
CA SER A 14 6.10 -0.86 6.68
C SER A 14 7.33 -0.92 7.59
N ARG A 15 8.47 -0.62 7.01
CA ARG A 15 9.73 -0.64 7.76
C ARG A 15 9.61 0.26 9.00
N ASP A 16 8.72 1.23 8.90
CA ASP A 16 8.52 2.16 9.99
C ASP A 16 7.63 1.51 11.04
N GLY A 17 6.84 0.54 10.60
CA GLY A 17 5.94 -0.17 11.48
C GLY A 17 4.63 -0.51 10.78
N LEU A 18 3.80 -1.28 11.47
CA LEU A 18 2.52 -1.67 10.93
C LEU A 18 1.56 -0.47 10.97
N GLU A 19 1.03 -0.15 9.79
CA GLU A 19 0.10 0.96 9.67
C GLU A 19 -1.22 0.49 9.07
N ARG A 20 -2.19 1.39 9.08
CA ARG A 20 -3.51 1.09 8.55
C ARG A 20 -3.77 1.91 7.28
N VAL A 21 -4.70 1.43 6.47
CA VAL A 21 -5.05 2.11 5.25
C VAL A 21 -6.49 1.75 4.86
N SER A 22 -7.17 2.72 4.27
CA SER A 22 -8.56 2.51 3.85
C SER A 22 -8.61 2.26 2.34
N VAL A 23 -9.35 1.22 1.98
CA VAL A 23 -9.49 0.86 0.58
C VAL A 23 -10.97 0.92 0.19
N ASP A 24 -11.26 0.31 -0.95
CA ASP A 24 -12.65 0.27 -1.44
C ASP A 24 -13.12 -1.18 -1.50
N GLY A 25 -12.24 -2.03 -2.03
CA GLY A 25 -12.56 -3.44 -2.15
C GLY A 25 -11.60 -4.14 -3.11
N PRO A 26 -11.97 -5.38 -3.51
CA PRO A 26 -11.15 -6.16 -4.42
C PRO A 26 -11.26 -5.63 -5.85
N HIS A 27 -12.37 -4.96 -6.12
CA HIS A 27 -12.61 -4.39 -7.44
C HIS A 27 -11.46 -3.45 -7.80
N ILE A 28 -10.73 -3.04 -6.78
CA ILE A 28 -9.60 -2.14 -6.98
C ILE A 28 -8.35 -2.96 -7.31
N THR A 29 -7.38 -2.29 -7.92
CA THR A 29 -6.14 -2.94 -8.29
C THR A 29 -4.96 -2.30 -7.55
N VAL A 30 -3.83 -3.00 -7.58
CA VAL A 30 -2.63 -2.52 -6.92
C VAL A 30 -2.44 -1.03 -7.23
N SER A 31 -2.77 -0.68 -8.47
CA SER A 31 -2.64 0.70 -8.92
C SER A 31 -3.41 1.62 -7.97
N GLN A 32 -4.67 1.27 -7.75
CA GLN A 32 -5.53 2.06 -6.88
C GLN A 32 -5.06 1.93 -5.43
N LEU A 33 -4.50 0.78 -5.13
CA LEU A 33 -4.01 0.52 -3.78
C LEU A 33 -2.80 1.40 -3.50
N LYS A 34 -1.71 1.12 -4.20
CA LYS A 34 -0.48 1.87 -4.05
C LYS A 34 -0.82 3.36 -3.92
N THR A 35 -1.69 3.81 -4.82
CA THR A 35 -2.11 5.20 -4.83
C THR A 35 -2.64 5.60 -3.46
N LEU A 36 -3.48 4.73 -2.90
CA LEU A 36 -4.06 4.99 -1.59
C LEU A 36 -2.95 5.20 -0.56
N ILE A 37 -2.20 4.13 -0.32
CA ILE A 37 -1.11 4.19 0.63
C ILE A 37 -0.17 5.32 0.25
N GLN A 38 -0.02 5.51 -1.06
CA GLN A 38 0.85 6.56 -1.56
C GLN A 38 0.39 7.93 -1.06
N ASP A 39 -0.92 8.05 -0.90
CA ASP A 39 -1.50 9.30 -0.43
C ASP A 39 -1.60 9.27 1.10
N GLN A 40 -2.26 8.23 1.60
CA GLN A 40 -2.42 8.07 3.03
C GLN A 40 -1.06 8.10 3.74
N LEU A 41 -0.19 7.20 3.30
CA LEU A 41 1.14 7.10 3.87
C LEU A 41 2.03 8.20 3.27
N GLN A 42 1.49 8.84 2.24
CA GLN A 42 2.22 9.91 1.57
C GLN A 42 3.55 9.38 1.04
N ILE A 43 3.46 8.30 0.27
CA ILE A 43 4.64 7.70 -0.31
C ILE A 43 4.44 7.54 -1.82
N PRO A 44 5.56 7.75 -2.57
CA PRO A 44 5.51 7.62 -4.02
C PRO A 44 5.46 6.15 -4.45
N ILE A 45 4.50 5.85 -5.31
CA ILE A 45 4.33 4.49 -5.78
C ILE A 45 5.69 3.96 -6.28
N HIS A 46 6.30 4.74 -7.16
CA HIS A 46 7.59 4.36 -7.71
C HIS A 46 8.51 3.89 -6.59
N ASN A 47 8.22 4.35 -5.38
CA ASN A 47 9.01 3.99 -4.23
C ASN A 47 8.30 2.86 -3.47
N GLN A 48 7.00 3.02 -3.32
CA GLN A 48 6.20 2.02 -2.63
C GLN A 48 6.41 0.64 -3.26
N THR A 49 6.53 -0.35 -2.38
CA THR A 49 6.74 -1.72 -2.82
C THR A 49 5.82 -2.67 -2.05
N LEU A 50 4.72 -3.04 -2.70
CA LEU A 50 3.76 -3.94 -2.08
C LEU A 50 4.19 -5.39 -2.36
N SER A 51 4.02 -6.23 -1.35
CA SER A 51 4.37 -7.63 -1.46
C SER A 51 3.68 -8.44 -0.36
N THR A 52 3.47 -9.71 -0.66
CA THR A 52 2.82 -10.60 0.29
C THR A 52 3.87 -11.43 1.05
N ASN A 53 5.01 -10.79 1.30
CA ASN A 53 6.10 -11.46 2.01
C ASN A 53 6.83 -10.43 2.87
N ARG A 54 7.25 -10.90 4.05
CA ARG A 54 7.96 -10.03 4.98
C ARG A 54 9.37 -9.76 4.47
N ASN A 55 9.92 -10.73 3.76
CA ASN A 55 11.26 -10.60 3.21
C ASN A 55 11.36 -9.27 2.45
N LEU A 56 10.23 -8.84 1.93
CA LEU A 56 10.19 -7.59 1.18
C LEU A 56 10.65 -6.44 2.08
N LEU A 57 10.52 -6.66 3.38
CA LEU A 57 10.93 -5.66 4.35
C LEU A 57 12.44 -5.71 4.53
N LEU A 58 13.06 -6.67 3.85
CA LEU A 58 14.50 -6.84 3.92
C LEU A 58 15.15 -6.11 2.74
N ALA A 59 14.45 -6.11 1.62
CA ALA A 59 14.95 -5.46 0.43
C ALA A 59 15.17 -3.97 0.72
N LYS A 60 16.43 -3.56 0.60
CA LYS A 60 16.78 -2.17 0.84
C LYS A 60 17.19 -1.52 -0.47
N SER A 61 17.69 -2.35 -1.37
CA SER A 61 18.13 -1.86 -2.67
C SER A 61 16.97 -1.91 -3.67
N PRO A 62 17.15 -1.18 -4.80
CA PRO A 62 16.13 -1.14 -5.83
C PRO A 62 16.09 -2.45 -6.63
N SER A 63 17.26 -3.06 -6.75
CA SER A 63 17.37 -4.31 -7.49
C SER A 63 16.74 -5.45 -6.68
N ASP A 64 16.73 -5.26 -5.36
CA ASP A 64 16.17 -6.26 -4.47
C ASP A 64 14.64 -6.28 -4.64
N PHE A 65 14.07 -5.09 -4.59
CA PHE A 65 12.63 -4.95 -4.74
C PHE A 65 12.12 -5.65 -6.01
N LEU A 66 13.06 -5.86 -6.93
CA LEU A 66 12.73 -6.51 -8.18
C LEU A 66 12.53 -8.01 -7.94
N ALA A 67 12.96 -8.45 -6.76
CA ALA A 67 12.83 -9.85 -6.39
C ALA A 67 11.37 -10.15 -6.04
N PHE A 68 10.62 -9.09 -5.76
CA PHE A 68 9.22 -9.22 -5.41
C PHE A 68 8.33 -8.54 -6.46
N THR A 69 7.81 -9.36 -7.36
CA THR A 69 6.93 -8.84 -8.41
C THR A 69 5.59 -9.56 -8.38
N ASP A 70 4.96 -9.53 -7.21
CA ASP A 70 3.66 -10.18 -7.04
C ASP A 70 2.57 -9.11 -7.04
N MET A 71 2.96 -7.90 -6.64
CA MET A 71 2.03 -6.80 -6.59
C MET A 71 2.56 -5.59 -7.38
N ALA A 72 3.52 -5.86 -8.25
CA ALA A 72 4.11 -4.83 -9.06
C ALA A 72 3.16 -4.44 -10.18
N ASP A 73 2.33 -5.40 -10.57
CA ASP A 73 1.37 -5.17 -11.62
C ASP A 73 0.25 -4.26 -11.11
N PRO A 74 0.11 -3.08 -11.78
CA PRO A 74 -0.91 -2.12 -11.39
C PRO A 74 -2.30 -2.58 -11.84
N ASN A 75 -2.30 -3.52 -12.78
CA ASN A 75 -3.55 -4.05 -13.30
C ASN A 75 -3.93 -5.30 -12.52
N LEU A 76 -3.15 -5.58 -11.48
CA LEU A 76 -3.39 -6.74 -10.64
C LEU A 76 -4.36 -6.36 -9.52
N ARG A 77 -5.29 -7.27 -9.27
CA ARG A 77 -6.28 -7.04 -8.22
C ARG A 77 -5.87 -7.75 -6.93
N ILE A 78 -6.18 -7.10 -5.82
CA ILE A 78 -5.85 -7.66 -4.52
C ILE A 78 -6.52 -9.02 -4.37
N SER A 79 -7.52 -9.25 -5.20
CA SER A 79 -8.24 -10.51 -5.17
C SER A 79 -7.33 -11.66 -5.60
N SER A 80 -6.44 -11.35 -6.52
CA SER A 80 -5.51 -12.34 -7.01
C SER A 80 -4.81 -13.04 -5.85
N LEU A 81 -4.71 -12.32 -4.75
CA LEU A 81 -4.08 -12.85 -3.56
C LEU A 81 -5.14 -13.18 -2.51
N ASN A 82 -6.30 -12.55 -2.67
CA ASN A 82 -7.41 -12.76 -1.76
C ASN A 82 -7.16 -11.97 -0.47
N LEU A 83 -7.12 -10.66 -0.62
CA LEU A 83 -6.90 -9.78 0.52
C LEU A 83 -8.23 -9.19 0.98
N ALA A 84 -8.62 -9.56 2.18
CA ALA A 84 -9.88 -9.08 2.75
C ALA A 84 -9.58 -8.32 4.05
N HIS A 85 -10.60 -7.62 4.53
CA HIS A 85 -10.46 -6.85 5.76
C HIS A 85 -9.79 -7.71 6.83
N GLY A 86 -8.47 -7.54 6.93
CA GLY A 86 -7.70 -8.29 7.90
C GLY A 86 -6.42 -8.83 7.28
N SER A 87 -6.48 -9.07 5.97
CA SER A 87 -5.34 -9.59 5.24
C SER A 87 -4.08 -8.81 5.63
N MET A 88 -2.93 -9.42 5.35
CA MET A 88 -1.66 -8.79 5.65
C MET A 88 -0.94 -8.36 4.37
N VAL A 89 -0.22 -7.26 4.48
CA VAL A 89 0.51 -6.73 3.34
C VAL A 89 1.72 -5.94 3.84
N TYR A 90 2.76 -5.90 3.01
CA TYR A 90 3.98 -5.19 3.36
C TYR A 90 4.27 -4.09 2.33
N LEU A 91 4.76 -2.96 2.84
CA LEU A 91 5.09 -1.83 1.98
C LEU A 91 6.54 -1.41 2.24
N ALA A 92 7.32 -1.45 1.18
CA ALA A 92 8.72 -1.08 1.28
C ALA A 92 9.01 0.07 0.31
N TYR A 93 9.45 1.18 0.88
CA TYR A 93 9.76 2.35 0.08
C TYR A 93 11.13 2.94 0.47
N GLU A 94 11.71 3.66 -0.47
CA GLU A 94 13.01 4.27 -0.24
C GLU A 94 12.84 5.70 0.30
N GLY A 95 13.60 6.00 1.33
CA GLY A 95 13.54 7.31 1.95
C GLY A 95 12.27 7.47 2.80
N GLU A 96 12.10 8.67 3.33
CA GLU A 96 10.94 8.95 4.16
C GLU A 96 9.72 9.26 3.28
N ARG A 97 8.63 9.59 3.94
CA ARG A 97 7.40 9.90 3.24
C ARG A 97 7.43 11.33 2.72
N THR A 98 6.26 11.84 2.36
CA THR A 98 6.14 13.19 1.85
C THR A 98 5.17 14.00 2.71
N ILE A 99 4.92 15.22 2.26
CA ILE A 99 4.01 16.11 2.98
C ILE A 99 2.57 15.75 2.63
N ARG A 100 1.71 15.80 3.64
CA ARG A 100 0.30 15.49 3.46
C ARG A 100 -0.32 16.44 2.44
N GLY A 101 -1.49 16.05 1.96
CA GLY A 101 -2.20 16.85 0.98
C GLY A 101 -3.60 17.22 1.48
N SER A 102 -3.68 18.38 2.13
CA SER A 102 -4.94 18.85 2.66
C SER A 102 -5.95 19.05 1.52
N GLY A 103 -7.21 19.16 1.90
CA GLY A 103 -8.28 19.36 0.93
C GLY A 103 -9.45 18.42 1.21
N PRO A 104 -10.30 18.83 2.19
CA PRO A 104 -11.45 18.03 2.56
C PRO A 104 -12.56 18.17 1.51
N SER A 105 -12.74 17.10 0.76
CA SER A 105 -13.76 17.08 -0.28
C SER A 105 -15.03 16.40 0.24
N SER A 106 -16.11 17.17 0.25
CA SER A 106 -17.39 16.66 0.72
C SER A 106 -17.96 15.67 -0.30
N GLY A 107 -18.45 14.55 0.23
CA GLY A 107 -19.02 13.51 -0.61
C GLY A 107 -17.98 12.44 -0.96
N GLY A 1 -19.34 3.32 21.05
CA GLY A 1 -19.17 3.26 19.61
C GLY A 1 -19.01 1.81 19.14
N SER A 2 -19.15 1.63 17.84
CA SER A 2 -19.03 0.31 17.24
C SER A 2 -18.97 0.41 15.72
N SER A 3 -20.02 1.01 15.16
CA SER A 3 -20.10 1.18 13.73
C SER A 3 -19.13 2.27 13.27
N GLY A 4 -18.50 2.02 12.13
CA GLY A 4 -17.56 2.97 11.57
C GLY A 4 -17.62 2.98 10.04
N SER A 5 -16.56 3.52 9.44
CA SER A 5 -16.49 3.59 8.00
C SER A 5 -16.66 2.21 7.38
N SER A 6 -17.73 2.07 6.62
CA SER A 6 -18.02 0.80 5.97
C SER A 6 -17.09 0.59 4.79
N GLY A 7 -15.89 0.11 5.09
CA GLY A 7 -14.90 -0.13 4.06
C GLY A 7 -14.02 -1.33 4.42
N THR A 8 -13.10 -1.64 3.52
CA THR A 8 -12.20 -2.76 3.72
C THR A 8 -10.82 -2.25 4.17
N MET A 9 -10.54 -2.44 5.45
CA MET A 9 -9.26 -2.01 6.01
C MET A 9 -8.21 -3.11 5.86
N LEU A 10 -6.98 -2.67 5.56
CA LEU A 10 -5.88 -3.60 5.40
C LEU A 10 -4.74 -3.20 6.34
N ARG A 11 -3.99 -4.21 6.77
CA ARG A 11 -2.87 -3.98 7.67
C ARG A 11 -1.55 -4.18 6.92
N VAL A 12 -0.94 -3.06 6.56
CA VAL A 12 0.33 -3.10 5.85
C VAL A 12 1.47 -2.98 6.86
N ARG A 13 2.62 -3.50 6.46
CA ARG A 13 3.81 -3.45 7.31
C ARG A 13 4.90 -2.61 6.67
N SER A 14 5.35 -1.61 7.41
CA SER A 14 6.39 -0.73 6.92
C SER A 14 7.62 -0.82 7.83
N ARG A 15 8.70 -0.19 7.37
CA ARG A 15 9.94 -0.19 8.13
C ARG A 15 9.77 0.59 9.43
N ASP A 16 8.83 1.53 9.40
CA ASP A 16 8.56 2.36 10.56
C ASP A 16 7.62 1.61 11.51
N GLY A 17 6.91 0.64 10.95
CA GLY A 17 5.98 -0.15 11.73
C GLY A 17 4.80 -0.60 10.87
N LEU A 18 3.81 -1.17 11.53
CA LEU A 18 2.62 -1.65 10.85
C LEU A 18 1.65 -0.49 10.65
N GLU A 19 1.24 -0.30 9.41
CA GLU A 19 0.31 0.76 9.06
C GLU A 19 -0.95 0.19 8.44
N ARG A 20 -2.06 0.89 8.66
CA ARG A 20 -3.34 0.47 8.12
C ARG A 20 -3.90 1.53 7.17
N VAL A 21 -4.74 1.08 6.25
CA VAL A 21 -5.34 1.98 5.29
C VAL A 21 -6.68 1.39 4.83
N SER A 22 -7.63 2.29 4.57
CA SER A 22 -8.95 1.88 4.11
C SER A 22 -9.00 1.86 2.59
N VAL A 23 -9.57 0.78 2.07
CA VAL A 23 -9.69 0.62 0.63
C VAL A 23 -11.16 0.40 0.27
N ASP A 24 -11.37 -0.05 -0.96
CA ASP A 24 -12.71 -0.32 -1.44
C ASP A 24 -12.97 -1.82 -1.44
N GLY A 25 -12.14 -2.54 -2.18
CA GLY A 25 -12.26 -3.98 -2.27
C GLY A 25 -11.42 -4.53 -3.42
N PRO A 26 -11.85 -5.72 -3.94
CA PRO A 26 -11.14 -6.36 -5.03
C PRO A 26 -11.42 -5.64 -6.36
N HIS A 27 -12.57 -4.97 -6.41
CA HIS A 27 -12.96 -4.25 -7.60
C HIS A 27 -11.86 -3.25 -7.98
N ILE A 28 -11.00 -2.97 -7.02
CA ILE A 28 -9.91 -2.04 -7.23
C ILE A 28 -8.66 -2.82 -7.62
N THR A 29 -7.71 -2.11 -8.23
CA THR A 29 -6.47 -2.72 -8.66
C THR A 29 -5.31 -2.19 -7.81
N VAL A 30 -4.16 -2.85 -7.97
CA VAL A 30 -2.97 -2.46 -7.24
C VAL A 30 -2.73 -0.95 -7.40
N SER A 31 -3.05 -0.47 -8.61
CA SER A 31 -2.88 0.94 -8.91
C SER A 31 -3.65 1.79 -7.91
N GLN A 32 -4.92 1.46 -7.75
CA GLN A 32 -5.78 2.18 -6.83
C GLN A 32 -5.33 1.96 -5.40
N LEU A 33 -4.89 0.73 -5.14
CA LEU A 33 -4.44 0.37 -3.80
C LEU A 33 -3.27 1.29 -3.40
N LYS A 34 -2.25 1.29 -4.23
CA LYS A 34 -1.08 2.12 -3.99
C LYS A 34 -1.52 3.57 -3.75
N THR A 35 -2.00 4.18 -4.82
CA THR A 35 -2.47 5.55 -4.75
C THR A 35 -3.08 5.84 -3.38
N LEU A 36 -4.00 4.97 -2.99
CA LEU A 36 -4.67 5.11 -1.72
C LEU A 36 -3.63 5.29 -0.61
N ILE A 37 -2.77 4.30 -0.49
CA ILE A 37 -1.72 4.34 0.52
C ILE A 37 -0.75 5.48 0.21
N GLN A 38 -0.30 5.50 -1.04
CA GLN A 38 0.62 6.54 -1.47
C GLN A 38 0.17 7.90 -0.97
N ASP A 39 -1.14 8.06 -0.86
CA ASP A 39 -1.71 9.31 -0.38
C ASP A 39 -1.79 9.27 1.15
N GLN A 40 -2.65 8.39 1.64
CA GLN A 40 -2.84 8.26 3.07
C GLN A 40 -1.48 8.19 3.78
N LEU A 41 -0.64 7.28 3.31
CA LEU A 41 0.68 7.10 3.87
C LEU A 41 1.60 8.22 3.38
N GLN A 42 1.20 8.82 2.28
CA GLN A 42 1.97 9.91 1.69
C GLN A 42 3.33 9.38 1.19
N ILE A 43 3.26 8.29 0.45
CA ILE A 43 4.47 7.68 -0.08
C ILE A 43 4.32 7.50 -1.60
N PRO A 44 5.44 7.71 -2.32
CA PRO A 44 5.45 7.59 -3.77
C PRO A 44 5.42 6.11 -4.18
N ILE A 45 4.44 5.78 -5.01
CA ILE A 45 4.30 4.41 -5.49
C ILE A 45 5.65 3.92 -6.01
N HIS A 46 6.18 4.67 -6.97
CA HIS A 46 7.47 4.31 -7.57
C HIS A 46 8.40 3.78 -6.48
N ASN A 47 8.20 4.28 -5.28
CA ASN A 47 9.02 3.87 -4.15
C ASN A 47 8.33 2.72 -3.41
N GLN A 48 7.03 2.89 -3.22
CA GLN A 48 6.23 1.89 -2.53
C GLN A 48 6.48 0.50 -3.14
N THR A 49 6.47 -0.50 -2.28
CA THR A 49 6.69 -1.87 -2.72
C THR A 49 5.67 -2.81 -2.06
N LEU A 50 4.70 -3.22 -2.86
CA LEU A 50 3.66 -4.11 -2.38
C LEU A 50 4.12 -5.56 -2.55
N SER A 51 4.09 -6.29 -1.44
CA SER A 51 4.51 -7.67 -1.46
C SER A 51 3.90 -8.42 -0.27
N THR A 52 3.49 -9.65 -0.52
CA THR A 52 2.90 -10.47 0.52
C THR A 52 3.97 -11.27 1.26
N ASN A 53 5.13 -10.65 1.39
CA ASN A 53 6.25 -11.29 2.07
C ASN A 53 6.91 -10.28 3.00
N ARG A 54 7.40 -10.80 4.12
CA ARG A 54 8.06 -9.96 5.11
C ARG A 54 9.50 -9.68 4.69
N ASN A 55 9.98 -10.49 3.76
CA ASN A 55 11.34 -10.34 3.26
C ASN A 55 11.50 -8.96 2.61
N LEU A 56 10.37 -8.45 2.14
CA LEU A 56 10.36 -7.15 1.49
C LEU A 56 11.09 -6.13 2.37
N LEU A 57 10.76 -6.16 3.65
CA LEU A 57 11.37 -5.26 4.60
C LEU A 57 12.89 -5.43 4.56
N LEU A 58 13.32 -6.62 4.18
CA LEU A 58 14.73 -6.92 4.08
C LEU A 58 15.31 -6.23 2.85
N ALA A 59 14.61 -6.37 1.74
CA ALA A 59 15.05 -5.77 0.49
C ALA A 59 15.53 -4.35 0.77
N LYS A 60 16.83 -4.16 0.63
CA LYS A 60 17.43 -2.85 0.86
C LYS A 60 17.92 -2.28 -0.48
N SER A 61 18.16 -3.18 -1.42
CA SER A 61 18.62 -2.78 -2.74
C SER A 61 17.44 -2.59 -3.68
N PRO A 62 17.71 -1.90 -4.81
CA PRO A 62 16.68 -1.64 -5.81
C PRO A 62 16.36 -2.90 -6.60
N SER A 63 17.34 -3.79 -6.67
CA SER A 63 17.18 -5.03 -7.40
C SER A 63 16.41 -6.05 -6.54
N ASP A 64 16.61 -5.94 -5.23
CA ASP A 64 15.95 -6.84 -4.30
C ASP A 64 14.43 -6.65 -4.41
N PHE A 65 14.02 -5.39 -4.41
CA PHE A 65 12.61 -5.06 -4.51
C PHE A 65 12.00 -5.66 -5.77
N LEU A 66 12.86 -5.92 -6.75
CA LEU A 66 12.41 -6.49 -8.01
C LEU A 66 12.08 -7.98 -7.80
N ALA A 67 12.55 -8.49 -6.68
CA ALA A 67 12.33 -9.89 -6.36
C ALA A 67 10.85 -10.10 -6.02
N PHE A 68 10.26 -9.05 -5.45
CA PHE A 68 8.85 -9.10 -5.07
C PHE A 68 7.97 -8.49 -6.16
N THR A 69 7.36 -9.37 -6.94
CA THR A 69 6.49 -8.93 -8.02
C THR A 69 5.08 -9.50 -7.85
N ASP A 70 4.69 -9.63 -6.58
CA ASP A 70 3.37 -10.15 -6.25
C ASP A 70 2.31 -9.12 -6.63
N MET A 71 2.64 -7.86 -6.39
CA MET A 71 1.72 -6.77 -6.69
C MET A 71 2.43 -5.65 -7.45
N ALA A 72 3.20 -6.05 -8.45
CA ALA A 72 3.94 -5.10 -9.26
C ALA A 72 3.03 -4.57 -10.37
N ASP A 73 2.19 -5.46 -10.87
CA ASP A 73 1.27 -5.10 -11.93
C ASP A 73 0.20 -4.17 -11.38
N PRO A 74 0.14 -2.94 -11.96
CA PRO A 74 -0.84 -1.95 -11.52
C PRO A 74 -2.23 -2.29 -12.04
N ASN A 75 -2.27 -3.18 -13.03
CA ASN A 75 -3.52 -3.60 -13.61
C ASN A 75 -3.99 -4.89 -12.93
N LEU A 76 -3.23 -5.31 -11.94
CA LEU A 76 -3.56 -6.51 -11.19
C LEU A 76 -4.50 -6.17 -10.04
N ARG A 77 -5.47 -7.04 -9.83
CA ARG A 77 -6.45 -6.84 -8.77
C ARG A 77 -5.99 -7.53 -7.49
N ILE A 78 -6.35 -6.91 -6.37
CA ILE A 78 -5.97 -7.45 -5.07
C ILE A 78 -6.57 -8.85 -4.91
N SER A 79 -7.55 -9.14 -5.75
CA SER A 79 -8.21 -10.43 -5.71
C SER A 79 -7.19 -11.55 -5.95
N SER A 80 -6.17 -11.23 -6.73
CA SER A 80 -5.13 -12.19 -7.03
C SER A 80 -4.56 -12.77 -5.74
N LEU A 81 -4.62 -11.96 -4.68
CA LEU A 81 -4.11 -12.38 -3.38
C LEU A 81 -5.30 -12.57 -2.43
N ASN A 82 -6.42 -11.96 -2.79
CA ASN A 82 -7.62 -12.06 -1.98
C ASN A 82 -7.36 -11.39 -0.62
N LEU A 83 -6.94 -10.14 -0.68
CA LEU A 83 -6.66 -9.39 0.53
C LEU A 83 -7.98 -8.97 1.19
N ALA A 84 -8.39 -9.75 2.17
CA ALA A 84 -9.63 -9.46 2.88
C ALA A 84 -9.33 -8.53 4.06
N HIS A 85 -10.40 -8.10 4.71
CA HIS A 85 -10.27 -7.21 5.85
C HIS A 85 -9.52 -7.92 6.98
N GLY A 86 -8.22 -7.65 7.04
CA GLY A 86 -7.38 -8.26 8.06
C GLY A 86 -6.11 -8.83 7.45
N SER A 87 -6.16 -9.07 6.15
CA SER A 87 -5.01 -9.60 5.44
C SER A 87 -3.74 -8.86 5.85
N MET A 88 -2.61 -9.46 5.52
CA MET A 88 -1.32 -8.86 5.84
C MET A 88 -0.56 -8.47 4.57
N VAL A 89 0.17 -7.37 4.67
CA VAL A 89 0.95 -6.88 3.55
C VAL A 89 2.14 -6.08 4.08
N TYR A 90 3.14 -5.94 3.22
CA TYR A 90 4.34 -5.20 3.58
C TYR A 90 4.63 -4.09 2.56
N LEU A 91 4.87 -2.89 3.09
CA LEU A 91 5.16 -1.75 2.24
C LEU A 91 6.62 -1.33 2.43
N ALA A 92 7.41 -1.54 1.38
CA ALA A 92 8.82 -1.19 1.43
C ALA A 92 9.10 -0.09 0.40
N TYR A 93 9.58 1.03 0.91
CA TYR A 93 9.89 2.16 0.04
C TYR A 93 11.27 2.73 0.36
N GLU A 94 11.69 3.70 -0.44
CA GLU A 94 12.98 4.33 -0.26
C GLU A 94 12.80 5.81 0.10
N GLY A 95 13.60 6.25 1.06
CA GLY A 95 13.55 7.63 1.51
C GLY A 95 12.43 7.83 2.53
N GLU A 96 12.22 9.09 2.89
CA GLU A 96 11.19 9.42 3.86
C GLU A 96 9.86 9.69 3.14
N ARG A 97 8.86 10.07 3.93
CA ARG A 97 7.54 10.34 3.39
C ARG A 97 7.48 11.79 2.89
N THR A 98 6.48 12.04 2.05
CA THR A 98 6.30 13.37 1.48
C THR A 98 5.58 14.27 2.49
N ILE A 99 5.15 15.42 1.99
CA ILE A 99 4.45 16.38 2.83
C ILE A 99 2.95 16.27 2.59
N ARG A 100 2.22 15.99 3.66
CA ARG A 100 0.78 15.86 3.57
C ARG A 100 0.16 17.11 2.93
N GLY A 101 -0.99 16.91 2.31
CA GLY A 101 -1.68 18.01 1.65
C GLY A 101 -1.65 17.86 0.13
N SER A 102 -2.48 18.66 -0.53
CA SER A 102 -2.56 18.62 -1.98
C SER A 102 -2.50 20.04 -2.54
N GLY A 103 -1.50 20.27 -3.38
CA GLY A 103 -1.32 21.57 -3.99
C GLY A 103 -2.31 21.78 -5.15
N PRO A 104 -3.06 22.92 -5.07
CA PRO A 104 -4.04 23.24 -6.08
C PRO A 104 -3.35 23.73 -7.37
N SER A 105 -4.16 23.85 -8.42
CA SER A 105 -3.65 24.31 -9.69
C SER A 105 -4.64 25.27 -10.34
N SER A 106 -4.16 26.46 -10.63
CA SER A 106 -5.00 27.48 -11.25
C SER A 106 -5.17 27.18 -12.74
N GLY A 107 -6.41 27.26 -13.19
CA GLY A 107 -6.73 27.01 -14.58
C GLY A 107 -8.16 26.47 -14.73
N GLY A 1 -10.71 14.71 5.02
CA GLY A 1 -11.85 13.98 5.54
C GLY A 1 -12.15 14.37 6.98
N SER A 2 -13.15 13.72 7.55
CA SER A 2 -13.54 13.99 8.93
C SER A 2 -12.75 13.10 9.88
N SER A 3 -12.75 11.81 9.59
CA SER A 3 -12.04 10.85 10.41
C SER A 3 -11.25 9.89 9.53
N GLY A 4 -11.95 9.28 8.59
CA GLY A 4 -11.33 8.34 7.67
C GLY A 4 -12.36 7.37 7.08
N SER A 5 -12.01 6.80 5.94
CA SER A 5 -12.89 5.87 5.27
C SER A 5 -12.97 4.56 6.08
N SER A 6 -14.15 3.98 6.07
CA SER A 6 -14.37 2.73 6.79
C SER A 6 -14.98 1.69 5.85
N GLY A 7 -14.90 0.44 6.28
CA GLY A 7 -15.43 -0.66 5.49
C GLY A 7 -14.39 -1.77 5.33
N THR A 8 -13.45 -1.55 4.43
CA THR A 8 -12.40 -2.51 4.18
C THR A 8 -11.03 -1.91 4.48
N MET A 9 -10.39 -2.46 5.50
CA MET A 9 -9.07 -1.99 5.91
C MET A 9 -8.00 -3.04 5.63
N LEU A 10 -6.92 -2.58 5.00
CA LEU A 10 -5.82 -3.47 4.67
C LEU A 10 -4.59 -3.07 5.48
N ARG A 11 -4.02 -4.07 6.16
CA ARG A 11 -2.84 -3.84 6.96
C ARG A 11 -1.59 -3.81 6.09
N VAL A 12 -0.92 -2.65 6.11
CA VAL A 12 0.29 -2.48 5.33
C VAL A 12 1.48 -2.30 6.27
N ARG A 13 2.32 -3.32 6.32
CA ARG A 13 3.49 -3.29 7.18
C ARG A 13 4.64 -2.57 6.47
N SER A 14 5.17 -1.56 7.14
CA SER A 14 6.28 -0.79 6.58
C SER A 14 7.52 -0.95 7.46
N ARG A 15 8.66 -0.62 6.87
CA ARG A 15 9.93 -0.73 7.58
C ARG A 15 9.97 0.25 8.75
N ASP A 16 9.07 1.22 8.70
CA ASP A 16 9.00 2.22 9.74
C ASP A 16 8.07 1.73 10.86
N GLY A 17 7.33 0.68 10.54
CA GLY A 17 6.42 0.09 11.50
C GLY A 17 5.21 -0.54 10.80
N LEU A 18 4.11 -0.63 11.53
CA LEU A 18 2.89 -1.21 10.99
C LEU A 18 1.85 -0.10 10.78
N GLU A 19 1.29 -0.09 9.58
CA GLU A 19 0.29 0.91 9.25
C GLU A 19 -0.92 0.24 8.58
N ARG A 20 -2.04 0.93 8.64
CA ARG A 20 -3.28 0.42 8.05
C ARG A 20 -3.88 1.46 7.10
N VAL A 21 -4.44 0.95 6.01
CA VAL A 21 -5.05 1.82 5.02
C VAL A 21 -6.44 1.29 4.67
N SER A 22 -7.34 2.21 4.36
CA SER A 22 -8.70 1.84 4.00
C SER A 22 -8.86 1.83 2.48
N VAL A 23 -9.47 0.75 2.00
CA VAL A 23 -9.69 0.61 0.57
C VAL A 23 -11.19 0.55 0.29
N ASP A 24 -11.52 0.12 -0.92
CA ASP A 24 -12.92 0.03 -1.32
C ASP A 24 -13.33 -1.45 -1.37
N GLY A 25 -12.43 -2.26 -1.93
CA GLY A 25 -12.69 -3.68 -2.06
C GLY A 25 -11.76 -4.31 -3.11
N PRO A 26 -12.15 -5.54 -3.53
CA PRO A 26 -11.36 -6.27 -4.52
C PRO A 26 -11.57 -5.67 -5.92
N HIS A 27 -12.72 -5.03 -6.09
CA HIS A 27 -13.06 -4.42 -7.36
C HIS A 27 -11.95 -3.44 -7.77
N ILE A 28 -11.15 -3.07 -6.78
CA ILE A 28 -10.05 -2.13 -7.02
C ILE A 28 -8.81 -2.92 -7.47
N THR A 29 -7.86 -2.20 -8.03
CA THR A 29 -6.62 -2.82 -8.49
C THR A 29 -5.43 -2.23 -7.76
N VAL A 30 -4.28 -2.87 -7.96
CA VAL A 30 -3.06 -2.43 -7.31
C VAL A 30 -2.89 -0.92 -7.52
N SER A 31 -3.25 -0.48 -8.71
CA SER A 31 -3.15 0.93 -9.06
C SER A 31 -3.88 1.77 -8.01
N GLN A 32 -5.11 1.38 -7.74
CA GLN A 32 -5.92 2.10 -6.77
C GLN A 32 -5.39 1.87 -5.35
N LEU A 33 -4.95 0.64 -5.12
CA LEU A 33 -4.41 0.27 -3.82
C LEU A 33 -3.23 1.18 -3.48
N LYS A 34 -2.25 1.19 -4.39
CA LYS A 34 -1.07 2.01 -4.21
C LYS A 34 -1.50 3.46 -3.95
N THR A 35 -2.04 4.07 -4.99
CA THR A 35 -2.49 5.46 -4.89
C THR A 35 -3.04 5.74 -3.50
N LEU A 36 -3.94 4.86 -3.05
CA LEU A 36 -4.55 5.00 -1.74
C LEU A 36 -3.45 5.21 -0.70
N ILE A 37 -2.58 4.21 -0.60
CA ILE A 37 -1.48 4.26 0.35
C ILE A 37 -0.55 5.42 -0.02
N GLN A 38 -0.17 5.45 -1.29
CA GLN A 38 0.71 6.50 -1.78
C GLN A 38 0.26 7.86 -1.27
N ASP A 39 -1.05 7.99 -1.11
CA ASP A 39 -1.63 9.23 -0.63
C ASP A 39 -1.72 9.20 0.90
N GLN A 40 -2.53 8.28 1.38
CA GLN A 40 -2.72 8.13 2.82
C GLN A 40 -1.36 8.13 3.53
N LEU A 41 -0.50 7.22 3.10
CA LEU A 41 0.82 7.10 3.69
C LEU A 41 1.72 8.21 3.13
N GLN A 42 1.28 8.78 2.02
CA GLN A 42 2.03 9.85 1.38
C GLN A 42 3.36 9.32 0.87
N ILE A 43 3.29 8.28 0.04
CA ILE A 43 4.49 7.68 -0.52
C ILE A 43 4.31 7.51 -2.03
N PRO A 44 5.42 7.75 -2.78
CA PRO A 44 5.39 7.63 -4.22
C PRO A 44 5.38 6.16 -4.64
N ILE A 45 4.43 5.84 -5.52
CA ILE A 45 4.30 4.47 -6.01
C ILE A 45 5.67 3.95 -6.43
N HIS A 46 6.28 4.67 -7.38
CA HIS A 46 7.58 4.29 -7.87
C HIS A 46 8.45 3.79 -6.72
N ASN A 47 8.18 4.35 -5.54
CA ASN A 47 8.93 3.98 -4.35
C ASN A 47 8.19 2.84 -3.62
N GLN A 48 6.89 3.03 -3.49
CA GLN A 48 6.07 2.03 -2.82
C GLN A 48 6.34 0.64 -3.41
N THR A 49 6.36 -0.34 -2.52
CA THR A 49 6.60 -1.71 -2.93
C THR A 49 5.59 -2.66 -2.26
N LEU A 50 4.74 -3.23 -3.08
CA LEU A 50 3.74 -4.16 -2.59
C LEU A 50 4.26 -5.59 -2.68
N SER A 51 4.13 -6.32 -1.59
CA SER A 51 4.59 -7.69 -1.53
C SER A 51 3.95 -8.41 -0.34
N THR A 52 3.72 -9.70 -0.53
CA THR A 52 3.11 -10.52 0.51
C THR A 52 4.18 -11.37 1.21
N ASN A 53 5.36 -10.79 1.36
CA ASN A 53 6.46 -11.48 1.99
C ASN A 53 7.14 -10.53 3.00
N ARG A 54 7.54 -11.10 4.12
CA ARG A 54 8.19 -10.33 5.16
C ARG A 54 9.62 -9.95 4.72
N ASN A 55 10.14 -10.73 3.77
CA ASN A 55 11.47 -10.49 3.26
C ASN A 55 11.55 -9.08 2.69
N LEU A 56 10.39 -8.50 2.45
CA LEU A 56 10.31 -7.15 1.91
C LEU A 56 11.03 -6.19 2.87
N LEU A 57 10.76 -6.36 4.15
CA LEU A 57 11.37 -5.53 5.16
C LEU A 57 12.88 -5.74 5.16
N LEU A 58 13.28 -6.90 4.67
CA LEU A 58 14.69 -7.24 4.60
C LEU A 58 15.35 -6.44 3.47
N ALA A 59 14.70 -6.45 2.32
CA ALA A 59 15.21 -5.73 1.16
C ALA A 59 15.61 -4.32 1.59
N LYS A 60 16.89 -4.02 1.40
CA LYS A 60 17.41 -2.71 1.75
C LYS A 60 17.79 -1.96 0.48
N SER A 61 18.15 -2.72 -0.55
CA SER A 61 18.53 -2.14 -1.82
C SER A 61 17.35 -2.20 -2.79
N PRO A 62 17.56 -1.56 -3.98
CA PRO A 62 16.52 -1.54 -5.01
C PRO A 62 16.40 -2.90 -5.69
N SER A 63 17.56 -3.46 -6.03
CA SER A 63 17.60 -4.74 -6.70
C SER A 63 16.83 -5.78 -5.88
N ASP A 64 16.99 -5.70 -4.57
CA ASP A 64 16.32 -6.61 -3.67
C ASP A 64 14.80 -6.50 -3.86
N PHE A 65 14.35 -5.25 -3.91
CA PHE A 65 12.93 -4.99 -4.09
C PHE A 65 12.44 -5.51 -5.44
N LEU A 66 13.37 -5.60 -6.38
CA LEU A 66 13.04 -6.07 -7.72
C LEU A 66 12.69 -7.56 -7.65
N ALA A 67 13.07 -8.17 -6.53
CA ALA A 67 12.81 -9.59 -6.33
C ALA A 67 11.30 -9.80 -6.10
N PHE A 68 10.70 -8.81 -5.45
CA PHE A 68 9.28 -8.87 -5.15
C PHE A 68 8.47 -8.16 -6.24
N THR A 69 7.72 -8.96 -6.99
CA THR A 69 6.90 -8.43 -8.06
C THR A 69 5.55 -9.16 -8.11
N ASP A 70 4.95 -9.30 -6.94
CA ASP A 70 3.66 -9.97 -6.84
C ASP A 70 2.54 -8.99 -7.22
N MET A 71 2.67 -7.77 -6.74
CA MET A 71 1.70 -6.73 -7.02
C MET A 71 2.34 -5.55 -7.75
N ALA A 72 2.94 -5.86 -8.89
CA ALA A 72 3.59 -4.84 -9.68
C ALA A 72 2.64 -4.36 -10.78
N ASP A 73 1.70 -5.23 -11.12
CA ASP A 73 0.73 -4.92 -12.14
C ASP A 73 -0.35 -4.00 -11.55
N PRO A 74 -0.49 -2.80 -12.17
CA PRO A 74 -1.46 -1.83 -11.72
C PRO A 74 -2.88 -2.24 -12.13
N ASN A 75 -2.93 -3.15 -13.10
CA ASN A 75 -4.21 -3.65 -13.59
C ASN A 75 -4.57 -4.94 -12.88
N LEU A 76 -3.79 -5.25 -11.85
CA LEU A 76 -4.01 -6.47 -11.08
C LEU A 76 -4.92 -6.15 -9.89
N ARG A 77 -5.78 -7.11 -9.57
CA ARG A 77 -6.71 -6.94 -8.47
C ARG A 77 -6.14 -7.61 -7.21
N ILE A 78 -6.54 -7.06 -6.06
CA ILE A 78 -6.09 -7.59 -4.79
C ILE A 78 -6.70 -8.98 -4.56
N SER A 79 -7.84 -9.19 -5.22
CA SER A 79 -8.53 -10.47 -5.10
C SER A 79 -7.61 -11.61 -5.56
N SER A 80 -6.62 -11.24 -6.37
CA SER A 80 -5.68 -12.22 -6.88
C SER A 80 -4.90 -12.85 -5.72
N LEU A 81 -4.58 -12.01 -4.74
CA LEU A 81 -3.83 -12.46 -3.58
C LEU A 81 -4.81 -12.87 -2.48
N ASN A 82 -6.10 -12.67 -2.76
CA ASN A 82 -7.13 -13.00 -1.81
C ASN A 82 -6.94 -12.17 -0.54
N LEU A 83 -7.11 -10.87 -0.69
CA LEU A 83 -6.97 -9.95 0.43
C LEU A 83 -8.36 -9.56 0.95
N ALA A 84 -8.52 -9.72 2.26
CA ALA A 84 -9.78 -9.38 2.89
C ALA A 84 -9.54 -8.37 4.00
N HIS A 85 -10.64 -7.92 4.60
CA HIS A 85 -10.55 -6.95 5.68
C HIS A 85 -9.89 -7.58 6.90
N GLY A 86 -8.58 -7.81 6.77
CA GLY A 86 -7.82 -8.41 7.84
C GLY A 86 -6.68 -9.28 7.30
N SER A 87 -6.00 -8.74 6.29
CA SER A 87 -4.89 -9.44 5.67
C SER A 87 -3.57 -8.74 5.98
N MET A 88 -2.48 -9.42 5.69
CA MET A 88 -1.16 -8.87 5.94
C MET A 88 -0.49 -8.45 4.62
N VAL A 89 0.25 -7.36 4.70
CA VAL A 89 0.95 -6.84 3.54
C VAL A 89 2.17 -6.04 3.98
N TYR A 90 3.17 -6.01 3.12
CA TYR A 90 4.39 -5.29 3.41
C TYR A 90 4.64 -4.19 2.38
N LEU A 91 4.87 -2.98 2.86
CA LEU A 91 5.13 -1.85 2.00
C LEU A 91 6.57 -1.38 2.19
N ALA A 92 7.32 -1.44 1.10
CA ALA A 92 8.72 -1.02 1.14
C ALA A 92 8.92 0.14 0.16
N TYR A 93 9.41 1.25 0.70
CA TYR A 93 9.65 2.43 -0.12
C TYR A 93 10.99 3.08 0.26
N GLU A 94 11.41 4.00 -0.58
CA GLU A 94 12.67 4.72 -0.36
C GLU A 94 12.40 6.20 -0.12
N GLY A 95 13.28 6.81 0.65
CA GLY A 95 13.16 8.23 0.96
C GLY A 95 11.96 8.49 1.87
N GLU A 96 11.60 7.46 2.62
CA GLU A 96 10.48 7.57 3.54
C GLU A 96 9.30 8.28 2.86
N ARG A 97 8.32 8.62 3.67
CA ARG A 97 7.13 9.30 3.17
C ARG A 97 7.48 10.72 2.73
N THR A 98 6.44 11.52 2.53
CA THR A 98 6.63 12.90 2.12
C THR A 98 5.98 13.85 3.12
N ILE A 99 5.87 15.11 2.72
CA ILE A 99 5.28 16.12 3.57
C ILE A 99 3.75 16.03 3.47
N ARG A 100 3.10 16.30 4.59
CA ARG A 100 1.64 16.26 4.64
C ARG A 100 1.10 17.56 5.22
N GLY A 101 -0.13 17.88 4.82
CA GLY A 101 -0.78 19.08 5.30
C GLY A 101 -1.96 18.75 6.21
N SER A 102 -2.99 19.58 6.13
CA SER A 102 -4.18 19.38 6.94
C SER A 102 -5.42 19.54 6.07
N GLY A 103 -6.55 19.08 6.62
CA GLY A 103 -7.82 19.17 5.90
C GLY A 103 -8.95 19.54 6.86
N PRO A 104 -10.16 19.72 6.28
CA PRO A 104 -11.34 20.07 7.05
C PRO A 104 -11.86 18.87 7.83
N SER A 105 -12.53 19.17 8.94
CA SER A 105 -13.08 18.13 9.78
C SER A 105 -13.84 18.75 10.96
N SER A 106 -15.08 18.31 11.13
CA SER A 106 -15.91 18.81 12.21
C SER A 106 -15.84 17.86 13.41
N GLY A 107 -15.83 18.46 14.59
CA GLY A 107 -15.77 17.69 15.82
C GLY A 107 -17.14 17.11 16.18
N GLY A 1 -5.25 9.80 13.27
CA GLY A 1 -6.26 9.09 12.49
C GLY A 1 -7.65 9.24 13.10
N SER A 2 -8.65 9.25 12.24
CA SER A 2 -10.02 9.39 12.69
C SER A 2 -10.96 8.63 11.75
N SER A 3 -10.91 9.00 10.49
CA SER A 3 -11.74 8.37 9.48
C SER A 3 -11.37 8.89 8.08
N GLY A 4 -11.82 8.15 7.08
CA GLY A 4 -11.55 8.52 5.70
C GLY A 4 -12.48 7.78 4.74
N SER A 5 -11.90 6.78 4.08
CA SER A 5 -12.66 5.99 3.13
C SER A 5 -13.40 4.86 3.86
N SER A 6 -14.45 4.37 3.23
CA SER A 6 -15.25 3.30 3.80
C SER A 6 -15.33 2.12 2.82
N GLY A 7 -15.12 0.94 3.36
CA GLY A 7 -15.16 -0.27 2.55
C GLY A 7 -14.45 -1.43 3.24
N THR A 8 -13.20 -1.62 2.86
CA THR A 8 -12.40 -2.69 3.44
C THR A 8 -11.04 -2.15 3.88
N MET A 9 -10.70 -2.43 5.13
CA MET A 9 -9.44 -1.99 5.69
C MET A 9 -8.39 -3.11 5.65
N LEU A 10 -7.18 -2.73 5.26
CA LEU A 10 -6.09 -3.69 5.17
C LEU A 10 -4.96 -3.26 6.12
N ARG A 11 -4.14 -4.23 6.48
CA ARG A 11 -3.02 -3.97 7.37
C ARG A 11 -1.70 -4.12 6.63
N VAL A 12 -1.10 -2.97 6.34
CA VAL A 12 0.17 -2.94 5.63
C VAL A 12 1.32 -2.92 6.65
N ARG A 13 2.48 -3.39 6.20
CA ARG A 13 3.65 -3.42 7.06
C ARG A 13 4.81 -2.67 6.39
N SER A 14 5.32 -1.68 7.10
CA SER A 14 6.42 -0.89 6.59
C SER A 14 7.64 -1.03 7.51
N ARG A 15 8.77 -0.52 7.04
CA ARG A 15 10.00 -0.58 7.81
C ARG A 15 9.94 0.38 9.00
N ASP A 16 8.96 1.28 8.94
CA ASP A 16 8.78 2.25 10.01
C ASP A 16 7.80 1.69 11.04
N GLY A 17 6.97 0.76 10.58
CA GLY A 17 5.98 0.15 11.46
C GLY A 17 4.77 -0.32 10.65
N LEU A 18 3.93 -1.11 11.32
CA LEU A 18 2.73 -1.63 10.68
C LEU A 18 1.71 -0.50 10.53
N GLU A 19 1.31 -0.29 9.29
CA GLU A 19 0.33 0.75 8.99
C GLU A 19 -0.93 0.15 8.37
N ARG A 20 -2.04 0.85 8.56
CA ARG A 20 -3.31 0.39 8.02
C ARG A 20 -3.86 1.42 7.03
N VAL A 21 -4.54 0.89 6.01
CA VAL A 21 -5.12 1.74 4.99
C VAL A 21 -6.53 1.25 4.66
N SER A 22 -7.41 2.19 4.36
CA SER A 22 -8.78 1.86 4.01
C SER A 22 -8.95 1.83 2.49
N VAL A 23 -9.56 0.75 2.03
CA VAL A 23 -9.79 0.59 0.60
C VAL A 23 -11.26 0.25 0.35
N ASP A 24 -11.55 -0.17 -0.87
CA ASP A 24 -12.91 -0.53 -1.23
C ASP A 24 -13.05 -2.05 -1.27
N GLY A 25 -12.05 -2.69 -1.87
CA GLY A 25 -12.05 -4.14 -1.98
C GLY A 25 -11.15 -4.61 -3.13
N PRO A 26 -11.52 -5.77 -3.72
CA PRO A 26 -10.76 -6.32 -4.83
C PRO A 26 -11.00 -5.54 -6.12
N HIS A 27 -12.22 -5.02 -6.23
CA HIS A 27 -12.60 -4.25 -7.40
C HIS A 27 -11.48 -3.26 -7.75
N ILE A 28 -10.71 -2.92 -6.73
CA ILE A 28 -9.60 -1.99 -6.91
C ILE A 28 -8.32 -2.76 -7.25
N THR A 29 -7.43 -2.10 -7.96
CA THR A 29 -6.18 -2.71 -8.35
C THR A 29 -5.01 -2.07 -7.60
N VAL A 30 -3.85 -2.71 -7.70
CA VAL A 30 -2.66 -2.20 -7.04
C VAL A 30 -2.50 -0.71 -7.33
N SER A 31 -2.84 -0.34 -8.57
CA SER A 31 -2.75 1.04 -8.98
C SER A 31 -3.56 1.93 -8.04
N GLN A 32 -4.82 1.56 -7.88
CA GLN A 32 -5.71 2.30 -7.00
C GLN A 32 -5.26 2.18 -5.54
N LEU A 33 -4.67 1.04 -5.24
CA LEU A 33 -4.19 0.79 -3.89
C LEU A 33 -3.01 1.71 -3.58
N LYS A 34 -1.99 1.61 -4.41
CA LYS A 34 -0.80 2.42 -4.25
C LYS A 34 -1.22 3.89 -4.09
N THR A 35 -2.10 4.33 -4.97
CA THR A 35 -2.60 5.70 -4.93
C THR A 35 -3.11 6.04 -3.53
N LEU A 36 -3.78 5.07 -2.92
CA LEU A 36 -4.32 5.26 -1.59
C LEU A 36 -3.17 5.46 -0.60
N ILE A 37 -2.44 4.38 -0.37
CA ILE A 37 -1.31 4.42 0.55
C ILE A 37 -0.36 5.54 0.12
N GLN A 38 -0.49 5.95 -1.13
CA GLN A 38 0.36 7.00 -1.67
C GLN A 38 -0.09 8.35 -1.12
N ASP A 39 -1.39 8.49 -0.91
CA ASP A 39 -1.96 9.72 -0.40
C ASP A 39 -2.07 9.63 1.13
N GLN A 40 -2.49 8.45 1.58
CA GLN A 40 -2.64 8.22 3.01
C GLN A 40 -1.28 8.28 3.71
N LEU A 41 -0.40 7.39 3.30
CA LEU A 41 0.94 7.34 3.88
C LEU A 41 1.81 8.42 3.23
N GLN A 42 1.22 9.12 2.29
CA GLN A 42 1.93 10.18 1.58
C GLN A 42 3.25 9.66 1.03
N ILE A 43 3.16 8.55 0.30
CA ILE A 43 4.33 7.94 -0.29
C ILE A 43 4.13 7.82 -1.80
N PRO A 44 5.25 7.99 -2.55
CA PRO A 44 5.21 7.91 -4.00
C PRO A 44 5.10 6.46 -4.46
N ILE A 45 4.19 6.23 -5.40
CA ILE A 45 3.98 4.90 -5.93
C ILE A 45 5.30 4.34 -6.45
N HIS A 46 5.87 5.07 -7.41
CA HIS A 46 7.14 4.67 -8.00
C HIS A 46 8.05 4.10 -6.92
N ASN A 47 7.87 4.60 -5.71
CA ASN A 47 8.67 4.14 -4.58
C ASN A 47 7.96 2.98 -3.90
N GLN A 48 6.67 3.15 -3.68
CA GLN A 48 5.87 2.12 -3.04
C GLN A 48 6.15 0.76 -3.67
N THR A 49 6.28 -0.24 -2.81
CA THR A 49 6.55 -1.60 -3.28
C THR A 49 5.65 -2.60 -2.54
N LEU A 50 4.65 -3.09 -3.25
CA LEU A 50 3.73 -4.05 -2.67
C LEU A 50 4.32 -5.47 -2.81
N SER A 51 4.19 -6.23 -1.73
CA SER A 51 4.70 -7.59 -1.71
C SER A 51 4.00 -8.39 -0.61
N THR A 52 3.48 -9.54 -1.01
CA THR A 52 2.80 -10.41 -0.07
C THR A 52 3.78 -11.37 0.60
N ASN A 53 4.96 -10.85 0.89
CA ASN A 53 5.99 -11.63 1.52
C ASN A 53 6.80 -10.74 2.48
N ARG A 54 6.90 -11.19 3.72
CA ARG A 54 7.63 -10.44 4.73
C ARG A 54 9.09 -10.24 4.29
N ASN A 55 9.51 -11.09 3.37
CA ASN A 55 10.87 -11.01 2.86
C ASN A 55 11.13 -9.61 2.32
N LEU A 56 10.04 -8.93 1.97
CA LEU A 56 10.15 -7.58 1.43
C LEU A 56 10.98 -6.73 2.38
N LEU A 57 10.64 -6.82 3.65
CA LEU A 57 11.35 -6.06 4.68
C LEU A 57 12.80 -6.53 4.74
N LEU A 58 13.02 -7.73 4.23
CA LEU A 58 14.36 -8.29 4.22
C LEU A 58 15.19 -7.64 3.10
N ALA A 59 14.49 -7.27 2.04
CA ALA A 59 15.14 -6.64 0.91
C ALA A 59 15.67 -5.27 1.32
N LYS A 60 16.98 -5.11 1.19
CA LYS A 60 17.62 -3.86 1.55
C LYS A 60 18.14 -3.16 0.28
N SER A 61 18.46 -3.98 -0.71
CA SER A 61 18.96 -3.47 -1.97
C SER A 61 17.80 -3.08 -2.88
N PRO A 62 18.11 -2.18 -3.85
CA PRO A 62 17.10 -1.71 -4.78
C PRO A 62 16.79 -2.78 -5.83
N SER A 63 17.71 -3.73 -5.95
CA SER A 63 17.54 -4.81 -6.91
C SER A 63 16.70 -5.93 -6.30
N ASP A 64 16.82 -6.07 -4.98
CA ASP A 64 16.07 -7.09 -4.27
C ASP A 64 14.58 -6.77 -4.35
N PHE A 65 14.27 -5.50 -4.11
CA PHE A 65 12.89 -5.05 -4.14
C PHE A 65 12.21 -5.43 -5.47
N LEU A 66 13.05 -5.65 -6.47
CA LEU A 66 12.55 -6.02 -7.78
C LEU A 66 12.23 -7.51 -7.79
N ALA A 67 12.79 -8.22 -6.83
CA ALA A 67 12.58 -9.65 -6.72
C ALA A 67 11.11 -9.92 -6.38
N PHE A 68 10.50 -8.94 -5.71
CA PHE A 68 9.11 -9.06 -5.32
C PHE A 68 8.20 -8.31 -6.31
N THR A 69 7.68 -9.06 -7.27
CA THR A 69 6.81 -8.48 -8.27
C THR A 69 5.44 -9.17 -8.25
N ASP A 70 4.94 -9.35 -7.03
CA ASP A 70 3.63 -9.98 -6.85
C ASP A 70 2.54 -8.93 -6.92
N MET A 71 2.89 -7.72 -6.48
CA MET A 71 1.95 -6.62 -6.50
C MET A 71 2.55 -5.39 -7.18
N ALA A 72 3.31 -5.66 -8.23
CA ALA A 72 3.95 -4.59 -8.99
C ALA A 72 3.03 -4.16 -10.13
N ASP A 73 2.26 -5.13 -10.62
CA ASP A 73 1.34 -4.87 -11.71
C ASP A 73 0.21 -3.95 -11.22
N PRO A 74 0.06 -2.80 -11.91
CA PRO A 74 -0.98 -1.84 -11.56
C PRO A 74 -2.36 -2.33 -11.99
N ASN A 75 -2.35 -3.29 -12.91
CA ASN A 75 -3.59 -3.84 -13.42
C ASN A 75 -3.96 -5.08 -12.60
N LEU A 76 -3.12 -5.37 -11.61
CA LEU A 76 -3.35 -6.51 -10.74
C LEU A 76 -4.30 -6.11 -9.61
N ARG A 77 -5.12 -7.07 -9.21
CA ARG A 77 -6.08 -6.83 -8.14
C ARG A 77 -5.60 -7.50 -6.84
N ILE A 78 -6.01 -6.91 -5.73
CA ILE A 78 -5.64 -7.44 -4.43
C ILE A 78 -6.32 -8.78 -4.21
N SER A 79 -7.24 -9.09 -5.11
CA SER A 79 -7.96 -10.35 -5.04
C SER A 79 -7.02 -11.52 -5.28
N SER A 80 -5.94 -11.23 -6.00
CA SER A 80 -4.95 -12.25 -6.31
C SER A 80 -4.30 -12.76 -5.02
N LEU A 81 -4.28 -11.89 -4.03
CA LEU A 81 -3.69 -12.23 -2.74
C LEU A 81 -4.80 -12.70 -1.79
N ASN A 82 -6.01 -12.28 -2.10
CA ASN A 82 -7.16 -12.65 -1.28
C ASN A 82 -7.13 -11.84 0.02
N LEU A 83 -6.63 -10.62 -0.09
CA LEU A 83 -6.55 -9.75 1.07
C LEU A 83 -7.94 -9.54 1.65
N ALA A 84 -8.22 -10.25 2.74
CA ALA A 84 -9.50 -10.16 3.40
C ALA A 84 -9.44 -9.07 4.47
N HIS A 85 -10.60 -8.76 5.02
CA HIS A 85 -10.71 -7.74 6.05
C HIS A 85 -9.80 -8.11 7.22
N GLY A 86 -8.64 -7.47 7.27
CA GLY A 86 -7.68 -7.72 8.33
C GLY A 86 -6.52 -8.59 7.82
N SER A 87 -6.29 -8.52 6.51
CA SER A 87 -5.22 -9.29 5.90
C SER A 87 -3.87 -8.66 6.25
N MET A 88 -2.82 -9.23 5.68
CA MET A 88 -1.48 -8.75 5.92
C MET A 88 -0.79 -8.35 4.61
N VAL A 89 -0.01 -7.28 4.69
CA VAL A 89 0.70 -6.78 3.53
C VAL A 89 1.94 -6.01 3.98
N TYR A 90 2.87 -5.85 3.06
CA TYR A 90 4.10 -5.13 3.35
C TYR A 90 4.33 -4.01 2.33
N LEU A 91 4.66 -2.83 2.86
CA LEU A 91 4.92 -1.68 2.01
C LEU A 91 6.40 -1.32 2.09
N ALA A 92 7.06 -1.41 0.94
CA ALA A 92 8.47 -1.09 0.87
C ALA A 92 8.68 0.08 -0.09
N TYR A 93 9.34 1.11 0.42
CA TYR A 93 9.60 2.29 -0.37
C TYR A 93 10.98 2.89 -0.03
N GLU A 94 11.37 3.87 -0.83
CA GLU A 94 12.66 4.52 -0.62
C GLU A 94 12.46 5.98 -0.19
N GLY A 95 13.23 6.39 0.80
CA GLY A 95 13.15 7.75 1.30
C GLY A 95 11.97 7.91 2.25
N GLU A 96 11.85 9.10 2.81
CA GLU A 96 10.77 9.40 3.74
C GLU A 96 9.48 9.68 2.98
N ARG A 97 8.45 10.05 3.73
CA ARG A 97 7.16 10.36 3.14
C ARG A 97 7.12 11.82 2.70
N THR A 98 6.13 12.13 1.88
CA THR A 98 5.96 13.48 1.38
C THR A 98 5.26 14.36 2.41
N ILE A 99 4.83 15.53 1.96
CA ILE A 99 4.14 16.45 2.83
C ILE A 99 2.66 16.12 2.87
N ARG A 100 2.05 16.35 4.02
CA ARG A 100 0.63 16.08 4.21
C ARG A 100 -0.12 17.36 4.56
N GLY A 101 -1.39 17.40 4.16
CA GLY A 101 -2.22 18.56 4.43
C GLY A 101 -2.79 19.14 3.13
N SER A 102 -3.68 20.10 3.29
CA SER A 102 -4.31 20.74 2.15
C SER A 102 -5.15 19.72 1.37
N GLY A 103 -6.34 20.15 0.99
CA GLY A 103 -7.25 19.28 0.26
C GLY A 103 -8.61 19.19 0.95
N PRO A 104 -9.23 17.98 0.82
CA PRO A 104 -10.53 17.75 1.43
C PRO A 104 -10.41 17.57 2.94
N SER A 105 -11.24 18.31 3.67
CA SER A 105 -11.24 18.23 5.12
C SER A 105 -12.51 17.55 5.62
N SER A 106 -13.64 18.15 5.25
CA SER A 106 -14.93 17.62 5.66
C SER A 106 -15.63 16.99 4.45
N GLY A 107 -16.31 15.89 4.71
CA GLY A 107 -17.03 15.19 3.66
C GLY A 107 -18.26 15.99 3.19
N GLY A 1 -22.19 -6.62 -9.27
CA GLY A 1 -21.76 -5.94 -8.06
C GLY A 1 -22.95 -5.32 -7.34
N SER A 2 -22.78 -5.13 -6.04
CA SER A 2 -23.84 -4.55 -5.21
C SER A 2 -23.58 -3.06 -5.03
N SER A 3 -24.67 -2.32 -4.82
CA SER A 3 -24.58 -0.89 -4.62
C SER A 3 -24.24 -0.58 -3.16
N GLY A 4 -23.00 -0.16 -2.94
CA GLY A 4 -22.55 0.17 -1.60
C GLY A 4 -21.14 -0.37 -1.35
N SER A 5 -20.20 0.55 -1.26
CA SER A 5 -18.81 0.19 -1.02
C SER A 5 -18.45 0.41 0.46
N SER A 6 -18.05 -0.67 1.10
CA SER A 6 -17.68 -0.60 2.51
C SER A 6 -16.17 -0.39 2.64
N GLY A 7 -15.80 0.53 3.52
CA GLY A 7 -14.41 0.83 3.75
C GLY A 7 -13.66 -0.38 4.29
N THR A 8 -13.09 -1.14 3.38
CA THR A 8 -12.35 -2.34 3.74
C THR A 8 -10.93 -1.98 4.16
N MET A 9 -10.66 -2.13 5.45
CA MET A 9 -9.34 -1.82 5.99
C MET A 9 -8.36 -2.96 5.71
N LEU A 10 -7.10 -2.58 5.55
CA LEU A 10 -6.05 -3.55 5.28
C LEU A 10 -4.85 -3.27 6.18
N ARG A 11 -3.95 -4.24 6.24
CA ARG A 11 -2.76 -4.10 7.05
C ARG A 11 -1.52 -3.93 6.15
N VAL A 12 -0.96 -2.73 6.21
CA VAL A 12 0.23 -2.44 5.41
C VAL A 12 1.44 -2.30 6.32
N ARG A 13 2.23 -3.36 6.36
CA ARG A 13 3.42 -3.38 7.20
C ARG A 13 4.56 -2.63 6.50
N SER A 14 5.08 -1.63 7.20
CA SER A 14 6.17 -0.82 6.67
C SER A 14 7.38 -0.90 7.60
N ARG A 15 8.55 -0.66 7.03
CA ARG A 15 9.78 -0.70 7.80
C ARG A 15 9.68 0.26 8.99
N ASP A 16 8.80 1.24 8.86
CA ASP A 16 8.61 2.22 9.90
C ASP A 16 7.72 1.63 10.99
N GLY A 17 6.73 0.87 10.56
CA GLY A 17 5.80 0.24 11.49
C GLY A 17 4.56 -0.29 10.77
N LEU A 18 3.79 -1.08 11.49
CA LEU A 18 2.58 -1.66 10.92
C LEU A 18 1.49 -0.59 10.85
N GLU A 19 1.27 -0.09 9.64
CA GLU A 19 0.27 0.94 9.43
C GLU A 19 -0.96 0.34 8.74
N ARG A 20 -2.07 1.06 8.87
CA ARG A 20 -3.31 0.61 8.27
C ARG A 20 -3.85 1.66 7.28
N VAL A 21 -4.60 1.19 6.31
CA VAL A 21 -5.17 2.07 5.30
C VAL A 21 -6.49 1.47 4.80
N SER A 22 -7.42 2.36 4.48
CA SER A 22 -8.71 1.95 3.98
C SER A 22 -8.70 1.88 2.45
N VAL A 23 -9.43 0.91 1.93
CA VAL A 23 -9.51 0.73 0.49
C VAL A 23 -10.97 0.56 0.08
N ASP A 24 -11.15 0.08 -1.14
CA ASP A 24 -12.50 -0.13 -1.66
C ASP A 24 -12.83 -1.62 -1.63
N GLY A 25 -12.05 -2.39 -2.37
CA GLY A 25 -12.24 -3.83 -2.43
C GLY A 25 -11.35 -4.46 -3.50
N PRO A 26 -11.78 -5.67 -3.95
CA PRO A 26 -11.04 -6.39 -4.98
C PRO A 26 -11.26 -5.76 -6.35
N HIS A 27 -12.38 -5.08 -6.49
CA HIS A 27 -12.71 -4.43 -7.74
C HIS A 27 -11.58 -3.45 -8.13
N ILE A 28 -10.77 -3.12 -7.14
CA ILE A 28 -9.66 -2.21 -7.37
C ILE A 28 -8.40 -3.02 -7.70
N THR A 29 -7.39 -2.31 -8.19
CA THR A 29 -6.14 -2.95 -8.55
C THR A 29 -4.99 -2.33 -7.74
N VAL A 30 -3.86 -3.03 -7.77
CA VAL A 30 -2.68 -2.57 -7.05
C VAL A 30 -2.49 -1.07 -7.30
N SER A 31 -2.80 -0.67 -8.53
CA SER A 31 -2.66 0.73 -8.91
C SER A 31 -3.46 1.61 -7.94
N GLN A 32 -4.75 1.32 -7.85
CA GLN A 32 -5.62 2.08 -6.98
C GLN A 32 -5.20 1.90 -5.51
N LEU A 33 -4.68 0.72 -5.22
CA LEU A 33 -4.23 0.41 -3.88
C LEU A 33 -3.06 1.32 -3.52
N LYS A 34 -2.08 1.36 -4.40
CA LYS A 34 -0.90 2.18 -4.18
C LYS A 34 -1.33 3.63 -3.94
N THR A 35 -1.85 4.24 -4.99
CA THR A 35 -2.30 5.61 -4.92
C THR A 35 -2.89 5.91 -3.52
N LEU A 36 -3.72 4.99 -3.07
CA LEU A 36 -4.34 5.13 -1.77
C LEU A 36 -3.27 5.32 -0.70
N ILE A 37 -2.53 4.25 -0.44
CA ILE A 37 -1.46 4.29 0.54
C ILE A 37 -0.48 5.40 0.19
N GLN A 38 -0.21 5.51 -1.11
CA GLN A 38 0.72 6.54 -1.59
C GLN A 38 0.30 7.91 -1.09
N ASP A 39 -1.01 8.08 -0.96
CA ASP A 39 -1.57 9.34 -0.49
C ASP A 39 -1.71 9.30 1.03
N GLN A 40 -2.48 8.33 1.49
CA GLN A 40 -2.71 8.16 2.92
C GLN A 40 -1.37 8.14 3.67
N LEU A 41 -0.50 7.24 3.25
CA LEU A 41 0.81 7.12 3.87
C LEU A 41 1.72 8.21 3.33
N GLN A 42 1.31 8.81 2.23
CA GLN A 42 2.08 9.86 1.61
C GLN A 42 3.41 9.32 1.10
N ILE A 43 3.32 8.26 0.31
CA ILE A 43 4.51 7.63 -0.25
C ILE A 43 4.35 7.48 -1.76
N PRO A 44 5.48 7.70 -2.48
CA PRO A 44 5.47 7.59 -3.94
C PRO A 44 5.43 6.13 -4.37
N ILE A 45 4.50 5.83 -5.28
CA ILE A 45 4.34 4.48 -5.79
C ILE A 45 5.72 3.93 -6.19
N HIS A 46 6.35 4.64 -7.11
CA HIS A 46 7.67 4.24 -7.58
C HIS A 46 8.50 3.71 -6.41
N ASN A 47 8.22 4.25 -5.24
CA ASN A 47 8.92 3.84 -4.04
C ASN A 47 8.15 2.71 -3.35
N GLN A 48 6.85 2.90 -3.26
CA GLN A 48 5.99 1.90 -2.64
C GLN A 48 6.20 0.53 -3.30
N THR A 49 6.26 -0.49 -2.45
CA THR A 49 6.45 -1.84 -2.92
C THR A 49 5.48 -2.80 -2.23
N LEU A 50 4.59 -3.37 -3.03
CA LEU A 50 3.60 -4.30 -2.51
C LEU A 50 4.15 -5.73 -2.61
N SER A 51 3.96 -6.47 -1.54
CA SER A 51 4.43 -7.85 -1.50
C SER A 51 3.75 -8.60 -0.35
N THR A 52 3.64 -9.91 -0.53
CA THR A 52 3.00 -10.75 0.48
C THR A 52 4.07 -11.50 1.29
N ASN A 53 5.20 -10.84 1.48
CA ASN A 53 6.29 -11.42 2.23
C ASN A 53 6.93 -10.35 3.12
N ARG A 54 7.41 -10.78 4.27
CA ARG A 54 8.04 -9.87 5.21
C ARG A 54 9.49 -9.60 4.78
N ASN A 55 10.00 -10.47 3.93
CA ASN A 55 11.36 -10.33 3.44
C ASN A 55 11.45 -9.07 2.58
N LEU A 56 10.29 -8.57 2.18
CA LEU A 56 10.23 -7.39 1.35
C LEU A 56 10.78 -6.19 2.14
N LEU A 57 10.37 -6.11 3.40
CA LEU A 57 10.83 -5.03 4.26
C LEU A 57 12.35 -5.02 4.30
N LEU A 58 12.93 -6.15 3.94
CA LEU A 58 14.38 -6.27 3.92
C LEU A 58 14.94 -5.53 2.71
N ALA A 59 14.31 -5.77 1.57
CA ALA A 59 14.73 -5.14 0.33
C ALA A 59 14.90 -3.64 0.56
N LYS A 60 16.15 -3.20 0.52
CA LYS A 60 16.46 -1.79 0.73
C LYS A 60 16.93 -1.19 -0.59
N SER A 61 17.44 -2.05 -1.45
CA SER A 61 17.93 -1.60 -2.75
C SER A 61 16.82 -1.73 -3.80
N PRO A 62 16.95 -0.90 -4.87
CA PRO A 62 15.97 -0.91 -5.94
C PRO A 62 16.15 -2.15 -6.83
N SER A 63 17.17 -2.92 -6.52
CA SER A 63 17.47 -4.13 -7.28
C SER A 63 16.84 -5.34 -6.59
N ASP A 64 16.61 -5.20 -5.30
CA ASP A 64 16.03 -6.27 -4.52
C ASP A 64 14.50 -6.25 -4.71
N PHE A 65 13.95 -5.06 -4.67
CA PHE A 65 12.52 -4.89 -4.83
C PHE A 65 12.04 -5.53 -6.13
N LEU A 66 12.98 -5.78 -7.02
CA LEU A 66 12.67 -6.39 -8.30
C LEU A 66 12.49 -7.89 -8.11
N ALA A 67 12.94 -8.38 -6.96
CA ALA A 67 12.83 -9.78 -6.64
C ALA A 67 11.38 -10.12 -6.29
N PHE A 68 10.68 -9.11 -5.79
CA PHE A 68 9.30 -9.29 -5.41
C PHE A 68 8.35 -8.67 -6.45
N THR A 69 7.80 -9.54 -7.29
CA THR A 69 6.89 -9.10 -8.33
C THR A 69 5.55 -9.82 -8.21
N ASP A 70 4.91 -9.63 -7.06
CA ASP A 70 3.63 -10.26 -6.81
C ASP A 70 2.53 -9.19 -6.84
N MET A 71 2.93 -7.97 -6.49
CA MET A 71 1.98 -6.86 -6.47
C MET A 71 2.55 -5.66 -7.24
N ALA A 72 3.31 -5.97 -8.29
CA ALA A 72 3.90 -4.93 -9.11
C ALA A 72 2.90 -4.49 -10.17
N ASP A 73 2.26 -5.46 -10.79
CA ASP A 73 1.28 -5.18 -11.82
C ASP A 73 0.18 -4.27 -11.25
N PRO A 74 0.05 -3.08 -11.87
CA PRO A 74 -0.95 -2.12 -11.44
C PRO A 74 -2.35 -2.55 -11.87
N ASN A 75 -2.39 -3.44 -12.85
CA ASN A 75 -3.66 -3.93 -13.36
C ASN A 75 -4.07 -5.17 -12.56
N LEU A 76 -3.17 -5.61 -11.70
CA LEU A 76 -3.42 -6.77 -10.87
C LEU A 76 -4.36 -6.39 -9.73
N ARG A 77 -5.28 -7.30 -9.42
CA ARG A 77 -6.24 -7.06 -8.36
C ARG A 77 -5.78 -7.76 -7.07
N ILE A 78 -6.20 -7.20 -5.95
CA ILE A 78 -5.85 -7.75 -4.65
C ILE A 78 -6.48 -9.14 -4.51
N SER A 79 -7.41 -9.42 -5.40
CA SER A 79 -8.10 -10.70 -5.38
C SER A 79 -7.10 -11.83 -5.66
N SER A 80 -6.00 -11.46 -6.31
CA SER A 80 -4.97 -12.42 -6.64
C SER A 80 -4.39 -13.04 -5.37
N LEU A 81 -4.34 -12.21 -4.33
CA LEU A 81 -3.81 -12.67 -3.05
C LEU A 81 -4.97 -12.89 -2.08
N ASN A 82 -6.14 -12.41 -2.48
CA ASN A 82 -7.32 -12.55 -1.65
C ASN A 82 -7.11 -11.81 -0.33
N LEU A 83 -7.09 -10.48 -0.44
CA LEU A 83 -6.89 -9.66 0.74
C LEU A 83 -8.24 -9.08 1.19
N ALA A 84 -8.59 -9.37 2.43
CA ALA A 84 -9.85 -8.90 2.98
C ALA A 84 -9.58 -8.22 4.33
N HIS A 85 -10.63 -7.62 4.88
CA HIS A 85 -10.52 -6.94 6.15
C HIS A 85 -9.85 -7.86 7.18
N GLY A 86 -8.64 -7.49 7.55
CA GLY A 86 -7.89 -8.28 8.52
C GLY A 86 -6.64 -8.87 7.89
N SER A 87 -6.71 -9.07 6.58
CA SER A 87 -5.59 -9.63 5.84
C SER A 87 -4.30 -8.90 6.21
N MET A 88 -3.19 -9.47 5.76
CA MET A 88 -1.89 -8.89 6.04
C MET A 88 -1.14 -8.55 4.73
N VAL A 89 -0.41 -7.45 4.79
CA VAL A 89 0.35 -7.01 3.62
C VAL A 89 1.55 -6.18 4.10
N TYR A 90 2.57 -6.13 3.23
CA TYR A 90 3.77 -5.38 3.54
C TYR A 90 3.99 -4.25 2.53
N LEU A 91 4.78 -3.28 2.93
CA LEU A 91 5.08 -2.15 2.07
C LEU A 91 6.52 -1.69 2.32
N ALA A 92 7.31 -1.71 1.25
CA ALA A 92 8.70 -1.32 1.33
C ALA A 92 8.95 -0.18 0.34
N TYR A 93 9.38 0.95 0.88
CA TYR A 93 9.67 2.11 0.06
C TYR A 93 10.99 2.76 0.47
N GLU A 94 11.36 3.80 -0.28
CA GLU A 94 12.60 4.51 0.00
C GLU A 94 12.31 6.00 0.23
N GLY A 95 13.24 6.64 0.91
CA GLY A 95 13.11 8.06 1.22
C GLY A 95 11.91 8.30 2.13
N GLU A 96 11.63 7.31 2.97
CA GLU A 96 10.51 7.42 3.89
C GLU A 96 9.32 8.09 3.21
N ARG A 97 8.42 8.60 4.05
CA ARG A 97 7.23 9.27 3.55
C ARG A 97 7.56 10.72 3.20
N THR A 98 6.63 11.34 2.47
CA THR A 98 6.80 12.72 2.05
C THR A 98 6.36 13.66 3.17
N ILE A 99 6.23 14.93 2.80
CA ILE A 99 5.80 15.95 3.75
C ILE A 99 4.28 16.06 3.73
N ARG A 100 3.72 16.47 4.86
CA ARG A 100 2.29 16.62 4.99
C ARG A 100 1.81 17.80 4.14
N GLY A 101 0.55 17.75 3.77
CA GLY A 101 -0.04 18.82 2.97
C GLY A 101 -1.46 18.44 2.51
N SER A 102 -2.34 19.42 2.52
CA SER A 102 -3.71 19.21 2.12
C SER A 102 -4.49 20.54 2.19
N GLY A 103 -5.11 20.89 1.08
CA GLY A 103 -5.88 22.12 1.01
C GLY A 103 -7.37 21.81 0.88
N PRO A 104 -8.20 22.78 1.34
CA PRO A 104 -9.65 22.64 1.29
C PRO A 104 -10.17 22.82 -0.14
N SER A 105 -11.38 22.34 -0.36
CA SER A 105 -12.00 22.45 -1.68
C SER A 105 -13.52 22.38 -1.55
N SER A 106 -14.16 23.49 -1.89
CA SER A 106 -15.61 23.58 -1.81
C SER A 106 -16.24 22.52 -2.73
N GLY A 107 -17.28 21.89 -2.21
CA GLY A 107 -17.98 20.86 -2.97
C GLY A 107 -17.34 19.49 -2.76
N GLY A 1 -20.21 15.15 5.10
CA GLY A 1 -19.17 14.15 4.94
C GLY A 1 -19.63 12.81 5.50
N SER A 2 -18.70 11.85 5.50
CA SER A 2 -18.99 10.53 6.00
C SER A 2 -19.05 10.53 7.53
N SER A 3 -19.91 9.68 8.06
CA SER A 3 -20.07 9.58 9.50
C SER A 3 -19.41 8.31 10.02
N GLY A 4 -18.16 8.44 10.43
CA GLY A 4 -17.41 7.31 10.95
C GLY A 4 -17.45 6.14 9.97
N SER A 5 -16.76 6.32 8.85
CA SER A 5 -16.71 5.28 7.82
C SER A 5 -15.72 4.20 8.23
N SER A 6 -15.95 3.00 7.71
CA SER A 6 -15.09 1.87 8.01
C SER A 6 -14.54 1.27 6.72
N GLY A 7 -15.46 0.86 5.85
CA GLY A 7 -15.09 0.27 4.58
C GLY A 7 -14.29 -1.01 4.80
N THR A 8 -13.13 -1.06 4.15
CA THR A 8 -12.27 -2.22 4.25
C THR A 8 -10.84 -1.78 4.61
N MET A 9 -10.42 -2.15 5.81
CA MET A 9 -9.09 -1.81 6.28
C MET A 9 -8.12 -2.96 6.04
N LEU A 10 -6.92 -2.59 5.61
CA LEU A 10 -5.88 -3.59 5.35
C LEU A 10 -4.65 -3.28 6.20
N ARG A 11 -3.84 -4.30 6.41
CA ARG A 11 -2.62 -4.15 7.19
C ARG A 11 -1.42 -3.99 6.28
N VAL A 12 -0.86 -2.78 6.27
CA VAL A 12 0.30 -2.50 5.43
C VAL A 12 1.54 -2.41 6.32
N ARG A 13 2.28 -3.51 6.37
CA ARG A 13 3.49 -3.56 7.18
C ARG A 13 4.64 -2.89 6.43
N SER A 14 5.24 -1.92 7.11
CA SER A 14 6.35 -1.18 6.54
C SER A 14 7.57 -1.28 7.46
N ARG A 15 8.75 -1.14 6.85
CA ARG A 15 9.99 -1.20 7.60
C ARG A 15 9.93 -0.27 8.82
N ASP A 16 9.28 0.86 8.61
CA ASP A 16 9.15 1.85 9.67
C ASP A 16 8.23 1.28 10.77
N GLY A 17 7.26 0.49 10.33
CA GLY A 17 6.32 -0.11 11.26
C GLY A 17 5.05 -0.56 10.54
N LEU A 18 4.07 -0.98 11.33
CA LEU A 18 2.81 -1.45 10.78
C LEU A 18 1.84 -0.26 10.69
N GLU A 19 1.13 -0.21 9.57
CA GLU A 19 0.17 0.86 9.35
C GLU A 19 -1.12 0.29 8.72
N ARG A 20 -2.20 1.03 8.89
CA ARG A 20 -3.48 0.62 8.36
C ARG A 20 -3.96 1.63 7.31
N VAL A 21 -4.57 1.10 6.27
CA VAL A 21 -5.09 1.94 5.20
C VAL A 21 -6.50 1.48 4.83
N SER A 22 -7.32 2.45 4.42
CA SER A 22 -8.69 2.16 4.03
C SER A 22 -8.79 2.05 2.51
N VAL A 23 -9.44 1.00 2.07
CA VAL A 23 -9.62 0.77 0.65
C VAL A 23 -11.12 0.59 0.35
N ASP A 24 -11.39 0.13 -0.85
CA ASP A 24 -12.77 -0.09 -1.29
C ASP A 24 -13.08 -1.59 -1.27
N GLY A 25 -12.38 -2.32 -2.12
CA GLY A 25 -12.57 -3.76 -2.20
C GLY A 25 -11.71 -4.36 -3.32
N PRO A 26 -12.17 -5.53 -3.83
CA PRO A 26 -11.44 -6.21 -4.89
C PRO A 26 -11.64 -5.51 -6.23
N HIS A 27 -12.76 -4.79 -6.33
CA HIS A 27 -13.07 -4.07 -7.55
C HIS A 27 -11.92 -3.11 -7.90
N ILE A 28 -11.10 -2.85 -6.90
CA ILE A 28 -9.96 -1.96 -7.08
C ILE A 28 -8.73 -2.79 -7.47
N THR A 29 -7.75 -2.10 -8.03
CA THR A 29 -6.52 -2.75 -8.46
C THR A 29 -5.33 -2.22 -7.67
N VAL A 30 -4.20 -2.86 -7.85
CA VAL A 30 -2.97 -2.46 -7.16
C VAL A 30 -2.77 -0.96 -7.35
N SER A 31 -3.10 -0.49 -8.55
CA SER A 31 -2.95 0.91 -8.87
C SER A 31 -3.69 1.77 -7.84
N GLN A 32 -4.97 1.47 -7.66
CA GLN A 32 -5.79 2.19 -6.72
C GLN A 32 -5.30 1.93 -5.29
N LEU A 33 -4.76 0.75 -5.08
CA LEU A 33 -4.26 0.37 -3.78
C LEU A 33 -3.06 1.26 -3.42
N LYS A 34 -2.08 1.27 -4.31
CA LYS A 34 -0.89 2.06 -4.10
C LYS A 34 -1.29 3.53 -3.87
N THR A 35 -1.86 4.12 -4.91
CA THR A 35 -2.29 5.50 -4.84
C THR A 35 -2.83 5.82 -3.45
N LEU A 36 -3.65 4.90 -2.95
CA LEU A 36 -4.24 5.07 -1.63
C LEU A 36 -3.13 5.25 -0.60
N ILE A 37 -2.40 4.17 -0.35
CA ILE A 37 -1.32 4.21 0.61
C ILE A 37 -0.35 5.34 0.25
N GLN A 38 -0.16 5.52 -1.05
CA GLN A 38 0.73 6.56 -1.54
C GLN A 38 0.27 7.92 -1.02
N ASP A 39 -1.03 8.06 -0.87
CA ASP A 39 -1.61 9.30 -0.39
C ASP A 39 -1.73 9.25 1.14
N GLN A 40 -2.41 8.21 1.61
CA GLN A 40 -2.61 8.02 3.03
C GLN A 40 -1.26 8.02 3.76
N LEU A 41 -0.38 7.14 3.31
CA LEU A 41 0.93 7.03 3.91
C LEU A 41 1.83 8.14 3.37
N GLN A 42 1.37 8.75 2.30
CA GLN A 42 2.11 9.84 1.67
C GLN A 42 3.45 9.32 1.15
N ILE A 43 3.37 8.30 0.30
CA ILE A 43 4.56 7.71 -0.28
C ILE A 43 4.36 7.56 -1.79
N PRO A 44 5.47 7.79 -2.54
CA PRO A 44 5.43 7.68 -3.99
C PRO A 44 5.40 6.22 -4.43
N ILE A 45 4.41 5.91 -5.25
CA ILE A 45 4.25 4.54 -5.75
C ILE A 45 5.60 4.05 -6.29
N HIS A 46 6.13 4.80 -7.24
CA HIS A 46 7.41 4.45 -7.84
C HIS A 46 8.36 3.92 -6.77
N ASN A 47 8.16 4.41 -5.56
CA ASN A 47 8.99 4.00 -4.44
C ASN A 47 8.30 2.84 -3.70
N GLN A 48 6.99 3.00 -3.52
CA GLN A 48 6.21 1.99 -2.82
C GLN A 48 6.46 0.61 -3.45
N THR A 49 6.50 -0.39 -2.58
CA THR A 49 6.73 -1.75 -3.02
C THR A 49 5.76 -2.71 -2.34
N LEU A 50 4.77 -3.15 -3.10
CA LEU A 50 3.77 -4.07 -2.59
C LEU A 50 4.25 -5.51 -2.80
N SER A 51 4.16 -6.28 -1.72
CA SER A 51 4.58 -7.67 -1.76
C SER A 51 3.98 -8.44 -0.59
N THR A 52 3.55 -9.66 -0.88
CA THR A 52 2.95 -10.50 0.14
C THR A 52 4.02 -11.32 0.85
N ASN A 53 5.18 -10.70 1.02
CA ASN A 53 6.30 -11.36 1.68
C ASN A 53 6.89 -10.43 2.73
N ARG A 54 7.14 -10.99 3.91
CA ARG A 54 7.70 -10.22 5.00
C ARG A 54 9.18 -9.96 4.76
N ASN A 55 9.73 -10.69 3.80
CA ASN A 55 11.14 -10.55 3.46
C ASN A 55 11.35 -9.21 2.75
N LEU A 56 10.24 -8.56 2.43
CA LEU A 56 10.30 -7.28 1.74
C LEU A 56 10.99 -6.26 2.65
N LEU A 57 10.57 -6.25 3.91
CA LEU A 57 11.14 -5.33 4.88
C LEU A 57 12.65 -5.52 4.92
N LEU A 58 13.09 -6.68 4.47
CA LEU A 58 14.50 -6.99 4.45
C LEU A 58 15.17 -6.28 3.28
N ALA A 59 14.43 -6.22 2.18
CA ALA A 59 14.93 -5.56 0.97
C ALA A 59 15.38 -4.15 1.32
N LYS A 60 16.66 -3.89 1.07
CA LYS A 60 17.24 -2.58 1.34
C LYS A 60 17.60 -1.90 0.03
N SER A 61 17.97 -2.71 -0.95
CA SER A 61 18.35 -2.20 -2.26
C SER A 61 17.16 -2.31 -3.22
N PRO A 62 17.36 -1.77 -4.44
CA PRO A 62 16.33 -1.79 -5.46
C PRO A 62 16.20 -3.19 -6.07
N SER A 63 17.31 -3.90 -6.09
CA SER A 63 17.33 -5.25 -6.63
C SER A 63 16.65 -6.22 -5.66
N ASP A 64 16.78 -5.91 -4.39
CA ASP A 64 16.18 -6.74 -3.35
C ASP A 64 14.67 -6.51 -3.33
N PHE A 65 14.27 -5.37 -3.87
CA PHE A 65 12.86 -5.02 -3.91
C PHE A 65 12.21 -5.52 -5.20
N LEU A 66 12.99 -5.52 -6.27
CA LEU A 66 12.50 -5.97 -7.56
C LEU A 66 12.27 -7.48 -7.51
N ALA A 67 13.05 -8.14 -6.66
CA ALA A 67 12.93 -9.58 -6.50
C ALA A 67 11.50 -9.94 -6.10
N PHE A 68 10.80 -8.95 -5.57
CA PHE A 68 9.42 -9.14 -5.16
C PHE A 68 8.45 -8.45 -6.11
N THR A 69 7.93 -9.25 -7.04
CA THR A 69 6.99 -8.74 -8.02
C THR A 69 5.66 -9.50 -7.94
N ASP A 70 4.96 -9.28 -6.82
CA ASP A 70 3.68 -9.93 -6.62
C ASP A 70 2.56 -8.96 -6.96
N MET A 71 2.75 -7.71 -6.58
CA MET A 71 1.76 -6.68 -6.85
C MET A 71 2.38 -5.52 -7.64
N ALA A 72 3.18 -5.89 -8.63
CA ALA A 72 3.84 -4.90 -9.47
C ALA A 72 2.85 -4.42 -10.54
N ASP A 73 2.10 -5.37 -11.08
CA ASP A 73 1.12 -5.06 -12.11
C ASP A 73 0.05 -4.13 -11.52
N PRO A 74 -0.04 -2.91 -12.12
CA PRO A 74 -1.01 -1.93 -11.67
C PRO A 74 -2.42 -2.31 -12.12
N ASN A 75 -2.47 -3.20 -13.10
CA ASN A 75 -3.75 -3.65 -13.64
C ASN A 75 -4.17 -4.94 -12.92
N LEU A 76 -3.41 -5.28 -11.90
CA LEU A 76 -3.69 -6.48 -11.12
C LEU A 76 -4.63 -6.13 -9.97
N ARG A 77 -5.56 -7.05 -9.72
CA ARG A 77 -6.54 -6.85 -8.66
C ARG A 77 -6.03 -7.48 -7.36
N ILE A 78 -6.47 -6.90 -6.25
CA ILE A 78 -6.07 -7.38 -4.93
C ILE A 78 -6.61 -8.80 -4.74
N SER A 79 -7.59 -9.15 -5.56
CA SER A 79 -8.18 -10.47 -5.49
C SER A 79 -7.14 -11.54 -5.82
N SER A 80 -6.13 -11.13 -6.57
CA SER A 80 -5.07 -12.04 -6.97
C SER A 80 -4.48 -12.71 -5.73
N LEU A 81 -4.41 -11.94 -4.66
CA LEU A 81 -3.86 -12.46 -3.40
C LEU A 81 -5.01 -12.67 -2.41
N ASN A 82 -6.17 -12.15 -2.77
CA ASN A 82 -7.34 -12.28 -1.92
C ASN A 82 -7.06 -11.62 -0.57
N LEU A 83 -6.98 -10.29 -0.61
CA LEU A 83 -6.73 -9.53 0.60
C LEU A 83 -8.05 -9.14 1.25
N ALA A 84 -8.37 -9.84 2.32
CA ALA A 84 -9.62 -9.58 3.03
C ALA A 84 -9.32 -8.70 4.25
N HIS A 85 -10.39 -8.27 4.91
CA HIS A 85 -10.26 -7.42 6.08
C HIS A 85 -9.47 -8.16 7.17
N GLY A 86 -8.29 -7.63 7.46
CA GLY A 86 -7.43 -8.23 8.46
C GLY A 86 -6.18 -8.84 7.83
N SER A 87 -6.31 -9.15 6.54
CA SER A 87 -5.20 -9.74 5.82
C SER A 87 -3.90 -9.01 6.14
N MET A 88 -2.80 -9.60 5.71
CA MET A 88 -1.49 -9.01 5.95
C MET A 88 -0.85 -8.55 4.64
N VAL A 89 -0.12 -7.46 4.73
CA VAL A 89 0.54 -6.90 3.56
C VAL A 89 1.80 -6.15 4.01
N TYR A 90 2.79 -6.13 3.12
CA TYR A 90 4.04 -5.45 3.41
C TYR A 90 4.34 -4.39 2.35
N LEU A 91 4.84 -3.25 2.82
CA LEU A 91 5.17 -2.15 1.93
C LEU A 91 6.64 -1.78 2.11
N ALA A 92 7.23 -1.27 1.05
CA ALA A 92 8.62 -0.87 1.07
C ALA A 92 8.84 0.28 0.09
N TYR A 93 9.52 1.31 0.58
CA TYR A 93 9.80 2.47 -0.24
C TYR A 93 11.18 3.05 0.08
N GLU A 94 11.70 3.82 -0.86
CA GLU A 94 13.01 4.43 -0.69
C GLU A 94 12.86 5.89 -0.23
N GLY A 95 13.68 6.25 0.73
CA GLY A 95 13.66 7.60 1.27
C GLY A 95 12.68 7.71 2.45
N GLU A 96 11.79 8.67 2.34
CA GLU A 96 10.80 8.89 3.39
C GLU A 96 9.45 9.26 2.78
N ARG A 97 8.51 9.57 3.66
CA ARG A 97 7.17 9.96 3.22
C ARG A 97 7.15 11.42 2.78
N THR A 98 6.06 11.78 2.12
CA THR A 98 5.91 13.16 1.63
C THR A 98 5.13 13.98 2.65
N ILE A 99 4.74 15.18 2.21
CA ILE A 99 3.99 16.08 3.06
C ILE A 99 2.50 15.92 2.79
N ARG A 100 1.72 15.93 3.86
CA ARG A 100 0.28 15.79 3.74
C ARG A 100 -0.30 16.94 2.93
N GLY A 101 -1.32 16.62 2.15
CA GLY A 101 -1.98 17.63 1.32
C GLY A 101 -3.03 16.99 0.41
N SER A 102 -3.55 17.80 -0.49
CA SER A 102 -4.56 17.33 -1.42
C SER A 102 -4.41 18.04 -2.77
N GLY A 103 -4.57 19.36 -2.72
CA GLY A 103 -4.45 20.16 -3.93
C GLY A 103 -5.39 21.38 -3.86
N PRO A 104 -5.23 22.28 -4.88
CA PRO A 104 -6.05 23.47 -4.95
C PRO A 104 -7.47 23.14 -5.40
N SER A 105 -8.42 23.95 -4.93
CA SER A 105 -9.81 23.76 -5.27
C SER A 105 -10.15 24.52 -6.55
N SER A 106 -11.23 24.10 -7.19
CA SER A 106 -11.67 24.73 -8.42
C SER A 106 -12.92 25.58 -8.15
N GLY A 107 -12.95 26.75 -8.77
CA GLY A 107 -14.07 27.65 -8.61
C GLY A 107 -15.05 27.53 -9.78
#